data_8B9S
#
_entry.id   8B9S
#
_cell.length_a   125.237
_cell.length_b   125.237
_cell.length_c   101.419
_cell.angle_alpha   90.000
_cell.angle_beta   90.000
_cell.angle_gamma   120.000
#
_symmetry.space_group_name_H-M   'P 32'
#
loop_
_entity.id
_entity.type
_entity.pdbx_description
1 polymer 'Prolyl oligopeptidase family protein'
2 non-polymer GLYCEROL
3 non-polymer DECANE
4 non-polymer 'PHOSPHATE ION'
5 non-polymer 'POTASSIUM ION'
6 water water
#
_entity_poly.entity_id   1
_entity_poly.type   'polypeptide(L)'
_entity_poly.pdbx_seq_one_letter_code
;MQKAVEITYNGKTLRGMMHLPDDVKGKVPMVIMFHGFTGNKVESHFIFVKMSRALEKVGIGSVRFDFYGSGESDGDFSEM
TFSSELEDARQILKFVKEQPTTDPERIGLLGLSMGGAIAGIVAREYKDEIKALVLWAPAFNMPELIMNESVKQYGAIMEQ
LGFVDIGGHKLSKDFVEDISKLNIFELSKGYDKKVLIVHGTNDEAVEYKVSDRILKEVYGDNATRVTIENADHTFKSLEW
EKKAIEESVEFFKKELLKG
;
_entity_poly.pdbx_strand_id   A,B,C,D,E,F
#
loop_
_chem_comp.id
_chem_comp.type
_chem_comp.name
_chem_comp.formula
D10 non-polymer DECANE 'C10 H22'
GOL non-polymer GLYCEROL 'C3 H8 O3'
K non-polymer 'POTASSIUM ION' 'K 1'
PO4 non-polymer 'PHOSPHATE ION' 'O4 P -3'
#
# COMPACT_ATOMS: atom_id res chain seq x y z
N MET A 1 -4.53 23.27 -27.72
CA MET A 1 -5.23 22.73 -28.88
C MET A 1 -6.37 21.82 -28.43
N GLN A 2 -7.49 21.88 -29.14
CA GLN A 2 -8.68 21.09 -28.83
C GLN A 2 -9.20 20.44 -30.10
N LYS A 3 -9.33 19.11 -30.09
CA LYS A 3 -9.87 18.42 -31.25
C LYS A 3 -10.85 17.35 -30.81
N ALA A 4 -11.91 17.18 -31.60
CA ALA A 4 -12.87 16.12 -31.37
C ALA A 4 -12.29 14.76 -31.76
N VAL A 5 -12.64 13.72 -30.99
CA VAL A 5 -12.17 12.37 -31.26
C VAL A 5 -13.31 11.35 -31.15
N GLU A 6 -13.08 10.16 -31.71
CA GLU A 6 -14.00 9.02 -31.66
C GLU A 6 -13.26 7.74 -31.33
N ILE A 7 -14.00 6.78 -30.76
CA ILE A 7 -13.56 5.39 -30.58
C ILE A 7 -14.69 4.49 -31.04
N THR A 8 -14.37 3.45 -31.79
CA THR A 8 -15.39 2.47 -32.15
C THR A 8 -14.91 1.08 -31.77
N TYR A 9 -15.69 0.39 -30.96
CA TYR A 9 -15.38 -0.99 -30.58
C TYR A 9 -16.70 -1.70 -30.32
N ASN A 10 -16.77 -2.98 -30.70
CA ASN A 10 -17.99 -3.80 -30.51
C ASN A 10 -19.22 -3.11 -31.09
N GLY A 11 -19.05 -2.44 -32.23
CA GLY A 11 -20.20 -1.77 -32.81
C GLY A 11 -20.71 -0.59 -32.01
N LYS A 12 -19.89 -0.02 -31.12
CA LYS A 12 -20.24 1.11 -30.27
C LYS A 12 -19.31 2.26 -30.60
N THR A 13 -19.86 3.46 -30.70
CA THR A 13 -19.06 4.66 -30.96
C THR A 13 -19.12 5.58 -29.75
N LEU A 14 -17.94 5.91 -29.22
CA LEU A 14 -17.76 6.88 -28.16
C LEU A 14 -17.24 8.17 -28.79
N ARG A 15 -17.76 9.31 -28.36
CA ARG A 15 -17.35 10.61 -28.88
C ARG A 15 -16.76 11.44 -27.76
N GLY A 16 -15.63 12.08 -28.03
CA GLY A 16 -14.98 12.86 -26.99
C GLY A 16 -14.16 14.03 -27.48
N MET A 17 -13.38 14.58 -26.57
CA MET A 17 -12.54 15.74 -26.82
C MET A 17 -11.13 15.46 -26.30
N MET A 18 -10.15 15.88 -27.09
CA MET A 18 -8.74 15.72 -26.77
C MET A 18 -8.07 17.08 -26.78
N HIS A 19 -7.38 17.38 -25.69
CA HIS A 19 -6.66 18.62 -25.49
C HIS A 19 -5.17 18.30 -25.46
N LEU A 20 -4.41 19.01 -26.28
CA LEU A 20 -2.96 18.93 -26.25
C LEU A 20 -2.45 20.34 -26.08
N PRO A 21 -1.40 20.52 -25.28
CA PRO A 21 -0.83 21.85 -25.08
C PRO A 21 -0.19 22.38 -26.35
N ASP A 22 -0.45 23.65 -26.63
CA ASP A 22 0.10 24.26 -27.82
C ASP A 22 1.63 24.36 -27.74
N ASP A 23 2.14 24.66 -26.54
CA ASP A 23 3.54 25.02 -26.40
C ASP A 23 4.49 23.84 -26.55
N VAL A 24 4.25 22.74 -25.84
CA VAL A 24 5.23 21.67 -25.79
C VAL A 24 4.96 20.64 -26.88
N LYS A 25 6.02 20.27 -27.58
CA LYS A 25 5.97 19.23 -28.60
C LYS A 25 6.62 17.97 -28.06
N GLY A 26 6.39 16.88 -28.77
CA GLY A 26 6.81 15.60 -28.27
C GLY A 26 5.69 14.96 -27.45
N LYS A 27 6.10 14.00 -26.63
CA LYS A 27 5.16 13.28 -25.79
C LYS A 27 4.91 14.03 -24.50
N VAL A 28 3.65 14.07 -24.08
CA VAL A 28 3.24 14.86 -22.92
C VAL A 28 2.40 14.00 -21.98
N PRO A 29 2.30 14.39 -20.70
CA PRO A 29 1.38 13.72 -19.80
C PRO A 29 -0.05 13.89 -20.26
N MET A 30 -0.87 12.91 -19.93
CA MET A 30 -2.27 12.88 -20.36
C MET A 30 -3.15 12.54 -19.17
N VAL A 31 -4.23 13.28 -19.01
CA VAL A 31 -5.22 13.01 -17.98
C VAL A 31 -6.51 12.55 -18.66
N ILE A 32 -7.04 11.42 -18.24
CA ILE A 32 -8.31 10.91 -18.73
C ILE A 32 -9.37 11.24 -17.69
N MET A 33 -10.45 11.89 -18.14
CA MET A 33 -11.49 12.39 -17.24
C MET A 33 -12.81 11.64 -17.46
N PHE A 34 -13.39 11.17 -16.36
CA PHE A 34 -14.59 10.32 -16.33
C PHE A 34 -15.75 11.07 -15.68
N HIS A 35 -16.84 11.26 -16.45
CA HIS A 35 -18.02 11.94 -15.95
C HIS A 35 -18.92 10.97 -15.17
N GLY A 36 -19.86 11.54 -14.44
CA GLY A 36 -20.69 10.81 -13.52
C GLY A 36 -22.05 10.43 -14.08
N PHE A 37 -22.88 9.95 -13.16
CA PHE A 37 -24.18 9.34 -13.42
C PHE A 37 -25.18 10.39 -13.93
N THR A 38 -25.60 10.23 -15.20
CA THR A 38 -26.45 11.13 -15.99
C THR A 38 -25.72 12.42 -16.36
N GLY A 39 -24.42 12.51 -16.07
CA GLY A 39 -23.60 13.61 -16.54
C GLY A 39 -23.09 13.36 -17.94
N ASN A 40 -22.15 14.21 -18.36
CA ASN A 40 -21.57 14.08 -19.69
C ASN A 40 -20.18 14.73 -19.68
N LYS A 41 -19.45 14.54 -20.77
CA LYS A 41 -18.01 14.87 -20.81
C LYS A 41 -17.74 16.33 -20.47
N VAL A 42 -18.70 17.23 -20.69
CA VAL A 42 -18.54 18.61 -20.29
C VAL A 42 -18.66 18.77 -18.77
N GLU A 43 -19.57 17.99 -18.17
CA GLU A 43 -19.95 18.03 -16.76
C GLU A 43 -20.54 19.35 -16.27
N SER A 44 -20.93 19.32 -14.99
CA SER A 44 -21.69 20.40 -14.37
C SER A 44 -20.94 21.74 -14.42
N HIS A 45 -21.67 22.78 -14.84
CA HIS A 45 -21.13 24.10 -15.07
C HIS A 45 -19.77 24.01 -15.77
N PHE A 46 -19.67 23.09 -16.74
CA PHE A 46 -18.55 23.00 -17.67
C PHE A 46 -17.25 22.68 -16.96
N ILE A 47 -17.32 22.16 -15.74
CA ILE A 47 -16.11 22.06 -14.91
C ILE A 47 -15.05 21.18 -15.58
N PHE A 48 -15.47 20.18 -16.36
CA PHE A 48 -14.48 19.37 -17.08
C PHE A 48 -13.76 20.17 -18.17
N VAL A 49 -14.51 20.94 -18.97
CA VAL A 49 -13.87 21.75 -20.01
C VAL A 49 -12.84 22.66 -19.36
N LYS A 50 -13.26 23.35 -18.31
CA LYS A 50 -12.37 24.21 -17.55
C LYS A 50 -11.12 23.45 -17.13
N MET A 51 -11.30 22.22 -16.61
CA MET A 51 -10.15 21.46 -16.13
C MET A 51 -9.16 21.22 -17.26
N SER A 52 -9.67 20.80 -18.43
CA SER A 52 -8.78 20.54 -19.55
C SER A 52 -8.00 21.80 -19.89
N ARG A 53 -8.68 22.95 -19.93
CA ARG A 53 -7.97 24.15 -20.31
C ARG A 53 -6.94 24.50 -19.25
N ALA A 54 -7.30 24.35 -17.98
CA ALA A 54 -6.34 24.64 -16.93
C ALA A 54 -5.13 23.70 -17.02
N LEU A 55 -5.35 22.46 -17.48
CA LEU A 55 -4.23 21.54 -17.63
C LEU A 55 -3.33 21.89 -18.81
N GLU A 56 -3.91 22.30 -19.95
CA GLU A 56 -3.00 22.49 -21.10
C GLU A 56 -2.07 23.66 -20.86
N LYS A 57 -2.49 24.60 -20.02
CA LYS A 57 -1.64 25.70 -19.63
C LYS A 57 -0.40 25.27 -18.85
N VAL A 58 -0.41 24.11 -18.21
CA VAL A 58 0.79 23.59 -17.52
C VAL A 58 1.44 22.46 -18.31
N GLY A 59 1.12 22.32 -19.59
CA GLY A 59 1.79 21.31 -20.38
C GLY A 59 1.24 19.91 -20.19
N ILE A 60 -0.02 19.78 -19.77
CA ILE A 60 -0.66 18.49 -19.56
C ILE A 60 -1.82 18.37 -20.54
N GLY A 61 -1.85 17.27 -21.30
CA GLY A 61 -2.97 16.98 -22.17
C GLY A 61 -4.09 16.23 -21.45
N SER A 62 -5.20 16.04 -22.14
CA SER A 62 -6.33 15.33 -21.52
C SER A 62 -7.28 14.81 -22.59
N VAL A 63 -8.07 13.81 -22.21
CA VAL A 63 -9.19 13.36 -23.03
C VAL A 63 -10.40 13.19 -22.13
N ARG A 64 -11.56 13.55 -22.68
CA ARG A 64 -12.85 13.43 -22.02
C ARG A 64 -13.82 12.85 -23.02
N PHE A 65 -14.37 11.66 -22.76
CA PHE A 65 -15.33 11.07 -23.64
C PHE A 65 -16.67 10.89 -22.93
N ASP A 66 -17.79 10.87 -23.69
CA ASP A 66 -19.08 10.54 -23.11
C ASP A 66 -19.20 9.02 -23.15
N PHE A 67 -19.58 8.40 -22.01
CA PHE A 67 -19.81 6.97 -21.97
C PHE A 67 -20.95 6.58 -22.91
N TYR A 68 -20.92 5.33 -23.37
CA TYR A 68 -22.00 4.80 -24.22
C TYR A 68 -23.34 4.88 -23.49
N GLY A 69 -24.35 5.43 -24.17
CA GLY A 69 -25.63 5.71 -23.58
C GLY A 69 -25.80 7.12 -23.06
N SER A 70 -24.75 7.96 -23.11
CA SER A 70 -24.81 9.33 -22.61
C SER A 70 -24.32 10.33 -23.65
N GLY A 71 -24.85 11.56 -23.52
CA GLY A 71 -24.37 12.71 -24.28
C GLY A 71 -24.23 12.53 -25.77
N GLU A 72 -23.03 12.80 -26.30
CA GLU A 72 -22.81 12.69 -27.74
C GLU A 72 -22.55 11.25 -28.21
N SER A 73 -22.17 10.35 -27.31
CA SER A 73 -21.89 8.99 -27.74
C SER A 73 -23.19 8.31 -28.18
N ASP A 74 -23.03 7.21 -28.92
CA ASP A 74 -24.17 6.38 -29.30
C ASP A 74 -24.81 5.77 -28.06
N GLY A 75 -25.96 5.17 -28.26
CA GLY A 75 -26.55 4.31 -27.26
C GLY A 75 -27.65 4.98 -26.45
N ASP A 76 -28.58 4.17 -25.98
CA ASP A 76 -29.61 4.60 -25.05
C ASP A 76 -29.09 4.45 -23.63
N PHE A 77 -29.55 5.35 -22.76
CA PHE A 77 -29.18 5.24 -21.35
C PHE A 77 -29.64 3.91 -20.76
N SER A 78 -30.77 3.38 -21.24
CA SER A 78 -31.26 2.07 -20.79
C SER A 78 -30.29 0.93 -21.09
N GLU A 79 -29.36 1.12 -22.04
CA GLU A 79 -28.38 0.08 -22.37
C GLU A 79 -27.18 0.09 -21.42
N MET A 80 -27.03 1.14 -20.63
CA MET A 80 -25.83 1.32 -19.82
C MET A 80 -25.91 0.54 -18.52
N THR A 81 -24.76 -0.01 -18.11
CA THR A 81 -24.52 -0.54 -16.78
C THR A 81 -23.21 0.05 -16.30
N PHE A 82 -22.92 -0.08 -15.00
CA PHE A 82 -21.61 0.34 -14.52
C PHE A 82 -20.52 -0.43 -15.18
N SER A 83 -20.72 -1.75 -15.35
CA SER A 83 -19.67 -2.53 -15.98
C SER A 83 -19.45 -2.12 -17.43
N SER A 84 -20.53 -1.74 -18.14
CA SER A 84 -20.34 -1.31 -19.51
C SER A 84 -19.56 0.00 -19.57
N GLU A 85 -19.75 0.89 -18.60
CA GLU A 85 -18.93 2.10 -18.55
C GLU A 85 -17.50 1.77 -18.20
N LEU A 86 -17.27 0.75 -17.36
CA LEU A 86 -15.92 0.27 -17.11
C LEU A 86 -15.25 -0.17 -18.42
N GLU A 87 -15.97 -0.93 -19.25
CA GLU A 87 -15.39 -1.34 -20.51
C GLU A 87 -15.12 -0.14 -21.42
N ASP A 88 -16.04 0.84 -21.45
CA ASP A 88 -15.76 2.07 -22.18
C ASP A 88 -14.45 2.68 -21.70
N ALA A 89 -14.24 2.73 -20.38
CA ALA A 89 -13.03 3.33 -19.81
C ALA A 89 -11.77 2.56 -20.20
N ARG A 90 -11.86 1.23 -20.22
CA ARG A 90 -10.71 0.45 -20.67
C ARG A 90 -10.39 0.77 -22.14
N GLN A 91 -11.42 0.95 -22.98
CA GLN A 91 -11.16 1.33 -24.37
C GLN A 91 -10.58 2.75 -24.48
N ILE A 92 -11.02 3.65 -23.59
CA ILE A 92 -10.52 5.04 -23.64
C ILE A 92 -9.04 5.08 -23.27
N LEU A 93 -8.66 4.33 -22.22
CA LEU A 93 -7.24 4.23 -21.88
C LEU A 93 -6.43 3.67 -23.05
N LYS A 94 -6.98 2.64 -23.74
CA LYS A 94 -6.30 2.09 -24.89
C LYS A 94 -6.07 3.15 -25.96
N PHE A 95 -7.12 4.01 -26.21
CA PHE A 95 -7.02 5.07 -27.20
C PHE A 95 -5.95 6.08 -26.85
N VAL A 96 -5.88 6.49 -25.56
CA VAL A 96 -4.86 7.41 -25.11
C VAL A 96 -3.48 6.84 -25.29
N LYS A 97 -3.28 5.55 -24.94
CA LYS A 97 -1.98 4.94 -25.10
C LYS A 97 -1.58 4.81 -26.56
N GLU A 98 -2.55 4.83 -27.48
CA GLU A 98 -2.20 4.74 -28.89
C GLU A 98 -1.79 6.06 -29.52
N GLN A 99 -2.04 7.19 -28.87
CA GLN A 99 -1.74 8.49 -29.48
C GLN A 99 -0.24 8.78 -29.47
N PRO A 100 0.34 9.18 -30.61
CA PRO A 100 1.80 9.40 -30.65
C PRO A 100 2.29 10.53 -29.77
N THR A 101 1.40 11.39 -29.28
CA THR A 101 1.75 12.46 -28.35
C THR A 101 1.58 12.05 -26.88
N THR A 102 1.26 10.79 -26.59
CA THR A 102 1.08 10.33 -25.23
C THR A 102 2.40 9.81 -24.68
N ASP A 103 2.79 10.33 -23.52
CA ASP A 103 3.89 9.78 -22.75
C ASP A 103 3.34 8.60 -21.95
N PRO A 104 3.76 7.38 -22.28
CA PRO A 104 3.16 6.21 -21.62
C PRO A 104 3.36 6.16 -20.11
N GLU A 105 4.44 6.75 -19.58
CA GLU A 105 4.64 6.77 -18.13
C GLU A 105 4.05 7.97 -17.42
N ARG A 106 3.28 8.81 -18.10
CA ARG A 106 2.71 10.01 -17.50
C ARG A 106 1.20 10.10 -17.68
N ILE A 107 0.46 9.01 -17.43
CA ILE A 107 -0.98 9.01 -17.66
C ILE A 107 -1.70 9.03 -16.32
N GLY A 108 -2.56 10.02 -16.13
CA GLY A 108 -3.35 10.13 -14.92
C GLY A 108 -4.84 9.94 -15.17
N LEU A 109 -5.58 9.58 -14.13
CA LEU A 109 -7.02 9.42 -14.21
C LEU A 109 -7.69 10.38 -13.26
N LEU A 110 -8.82 10.92 -13.69
CA LEU A 110 -9.67 11.78 -12.88
C LEU A 110 -11.10 11.31 -13.07
N GLY A 111 -11.84 11.23 -11.98
CA GLY A 111 -13.22 10.80 -12.05
C GLY A 111 -14.07 11.62 -11.10
N LEU A 112 -15.26 12.01 -11.56
CA LEU A 112 -16.19 12.77 -10.73
C LEU A 112 -17.40 11.91 -10.37
N SER A 113 -17.72 11.86 -9.07
CA SER A 113 -18.92 11.18 -8.56
C SER A 113 -18.88 9.71 -8.99
N MET A 114 -19.82 9.23 -9.81
CA MET A 114 -19.73 7.83 -10.22
C MET A 114 -18.50 7.61 -11.12
N GLY A 115 -18.08 8.65 -11.84
CA GLY A 115 -16.83 8.58 -12.57
C GLY A 115 -15.63 8.39 -11.66
N GLY A 116 -15.74 8.85 -10.41
CA GLY A 116 -14.73 8.55 -9.43
C GLY A 116 -14.68 7.07 -9.08
N ALA A 117 -15.85 6.42 -8.99
CA ALA A 117 -15.84 4.99 -8.74
C ALA A 117 -15.14 4.23 -9.86
N ILE A 118 -15.52 4.54 -11.11
CA ILE A 118 -14.89 3.96 -12.29
C ILE A 118 -13.40 4.20 -12.27
N ALA A 119 -13.00 5.46 -12.04
CA ALA A 119 -11.58 5.78 -12.05
C ALA A 119 -10.85 4.98 -10.98
N GLY A 120 -11.49 4.77 -9.83
CA GLY A 120 -10.84 3.97 -8.81
C GLY A 120 -10.59 2.56 -9.30
N ILE A 121 -11.60 1.96 -9.92
CA ILE A 121 -11.48 0.57 -10.33
C ILE A 121 -10.43 0.44 -11.40
N VAL A 122 -10.51 1.28 -12.42
CA VAL A 122 -9.54 1.25 -13.51
C VAL A 122 -8.15 1.49 -12.97
N ALA A 123 -8.00 2.41 -12.00
CA ALA A 123 -6.68 2.66 -11.46
C ALA A 123 -6.07 1.39 -10.91
N ARG A 124 -6.86 0.60 -10.18
CA ARG A 124 -6.37 -0.66 -9.64
C ARG A 124 -6.05 -1.64 -10.75
N GLU A 125 -6.90 -1.75 -11.77
CA GLU A 125 -6.67 -2.76 -12.79
C GLU A 125 -5.36 -2.54 -13.53
N TYR A 126 -4.95 -1.27 -13.64
CA TYR A 126 -3.72 -0.88 -14.33
C TYR A 126 -2.79 -0.17 -13.34
N LYS A 127 -2.64 -0.72 -12.13
CA LYS A 127 -1.99 0.04 -11.07
C LYS A 127 -0.55 0.39 -11.40
N ASP A 128 0.11 -0.43 -12.22
CA ASP A 128 1.51 -0.21 -12.55
C ASP A 128 1.72 0.71 -13.74
N GLU A 129 0.66 1.08 -14.46
CA GLU A 129 0.83 1.94 -15.63
C GLU A 129 -0.06 3.19 -15.59
N ILE A 130 -0.73 3.46 -14.46
CA ILE A 130 -1.48 4.70 -14.24
C ILE A 130 -0.72 5.52 -13.20
N LYS A 131 -0.22 6.68 -13.62
CA LYS A 131 0.76 7.41 -12.82
C LYS A 131 0.15 8.10 -11.60
N ALA A 132 -1.06 8.66 -11.72
CA ALA A 132 -1.64 9.39 -10.60
C ALA A 132 -3.16 9.35 -10.71
N LEU A 133 -3.83 9.56 -9.57
CA LEU A 133 -5.29 9.45 -9.50
C LEU A 133 -5.92 10.60 -8.73
N VAL A 134 -6.90 11.26 -9.33
CA VAL A 134 -7.70 12.28 -8.65
C VAL A 134 -9.14 11.84 -8.61
N LEU A 135 -9.76 11.94 -7.43
CA LEU A 135 -11.16 11.57 -7.23
C LEU A 135 -11.91 12.79 -6.74
N TRP A 136 -12.94 13.18 -7.47
CA TRP A 136 -13.81 14.28 -7.10
C TRP A 136 -15.11 13.71 -6.57
N ALA A 137 -15.37 13.93 -5.28
CA ALA A 137 -16.55 13.42 -4.57
C ALA A 137 -16.87 12.02 -5.05
N PRO A 138 -15.96 11.07 -4.99
CA PRO A 138 -16.13 9.77 -5.65
C PRO A 138 -17.24 8.97 -4.99
N ALA A 139 -18.16 8.45 -5.79
CA ALA A 139 -19.33 7.77 -5.27
C ALA A 139 -19.05 6.27 -5.07
N PHE A 140 -18.08 5.99 -4.19
CA PHE A 140 -17.76 4.60 -3.91
C PHE A 140 -18.92 3.86 -3.26
N ASN A 141 -19.85 4.56 -2.61
CA ASN A 141 -21.00 3.88 -2.03
C ASN A 141 -22.17 3.74 -3.00
N MET A 142 -21.92 3.97 -4.28
CA MET A 142 -22.97 3.84 -5.30
C MET A 142 -23.75 2.53 -5.23
N PRO A 143 -23.12 1.36 -5.04
CA PRO A 143 -23.95 0.15 -4.89
C PRO A 143 -24.94 0.30 -3.75
N GLU A 144 -24.50 0.87 -2.64
CA GLU A 144 -25.37 1.03 -1.47
C GLU A 144 -26.52 1.98 -1.77
N LEU A 145 -26.23 3.07 -2.49
CA LEU A 145 -27.28 4.02 -2.83
C LEU A 145 -28.36 3.38 -3.71
N ILE A 146 -27.96 2.51 -4.65
CA ILE A 146 -28.95 1.84 -5.48
C ILE A 146 -29.74 0.83 -4.66
N MET A 147 -29.05 0.13 -3.76
CA MET A 147 -29.66 -0.91 -2.97
C MET A 147 -30.74 -0.40 -2.05
N ASN A 148 -30.48 0.71 -1.33
CA ASN A 148 -31.46 1.22 -0.38
C ASN A 148 -32.82 1.47 -1.04
N GLU A 149 -32.84 1.85 -2.31
CA GLU A 149 -34.08 2.18 -2.99
C GLU A 149 -35.02 0.97 -3.17
N SER A 150 -34.51 -0.25 -2.99
CA SER A 150 -35.33 -1.44 -3.20
C SER A 150 -36.63 -1.40 -2.37
N VAL A 151 -36.56 -0.88 -1.14
CA VAL A 151 -37.75 -0.78 -0.30
C VAL A 151 -38.55 0.51 -0.51
N LYS A 152 -38.01 1.50 -1.24
CA LYS A 152 -38.64 2.79 -1.45
C LYS A 152 -39.45 2.78 -2.77
N GLN A 153 -39.91 3.95 -3.27
CA GLN A 153 -40.80 3.91 -4.44
C GLN A 153 -40.08 3.44 -5.70
N TYR A 154 -38.86 3.93 -5.96
CA TYR A 154 -38.12 3.45 -7.13
C TYR A 154 -38.01 1.93 -7.14
N GLY A 155 -37.88 1.30 -5.96
CA GLY A 155 -37.88 -0.15 -5.92
C GLY A 155 -39.18 -0.78 -6.40
N ALA A 156 -40.32 -0.23 -5.96
CA ALA A 156 -41.59 -0.79 -6.41
C ALA A 156 -41.81 -0.51 -7.90
N ILE A 157 -41.41 0.67 -8.37
CA ILE A 157 -41.55 0.98 -9.78
C ILE A 157 -40.68 0.04 -10.63
N MET A 158 -39.45 -0.21 -10.17
CA MET A 158 -38.57 -1.13 -10.87
C MET A 158 -39.16 -2.53 -10.91
N GLU A 159 -39.70 -2.98 -9.77
CA GLU A 159 -40.33 -4.30 -9.70
C GLU A 159 -41.48 -4.41 -10.68
N GLN A 160 -42.19 -3.31 -10.93
CA GLN A 160 -43.35 -3.35 -11.83
C GLN A 160 -42.99 -3.18 -13.31
N LEU A 161 -42.11 -2.24 -13.65
CA LEU A 161 -41.87 -1.90 -15.04
C LEU A 161 -40.56 -2.41 -15.59
N GLY A 162 -39.62 -2.78 -14.72
CA GLY A 162 -38.30 -3.23 -15.12
C GLY A 162 -37.37 -2.10 -15.44
N PHE A 163 -37.78 -0.85 -15.23
CA PHE A 163 -36.98 0.35 -15.50
C PHE A 163 -37.57 1.45 -14.68
N VAL A 164 -36.78 2.51 -14.42
CA VAL A 164 -37.34 3.67 -13.74
C VAL A 164 -36.91 4.94 -14.46
N ASP A 165 -37.73 5.97 -14.31
CA ASP A 165 -37.43 7.29 -14.84
C ASP A 165 -36.71 8.11 -13.79
N ILE A 166 -35.47 8.48 -14.07
CA ILE A 166 -34.69 9.29 -13.14
C ILE A 166 -34.58 10.73 -13.63
N GLY A 167 -35.55 11.21 -14.41
CA GLY A 167 -35.50 12.58 -14.88
C GLY A 167 -35.22 12.72 -16.37
N GLY A 168 -35.99 12.00 -17.18
CA GLY A 168 -35.72 11.95 -18.61
C GLY A 168 -34.65 10.94 -18.98
N HIS A 169 -34.32 10.02 -18.08
CA HIS A 169 -33.41 8.93 -18.36
C HIS A 169 -34.06 7.65 -17.90
N LYS A 170 -33.93 6.60 -18.70
CA LYS A 170 -34.51 5.29 -18.39
C LYS A 170 -33.43 4.41 -17.78
N LEU A 171 -33.51 4.22 -16.46
CA LEU A 171 -32.57 3.37 -15.73
C LEU A 171 -33.09 1.94 -15.72
N SER A 172 -32.36 1.05 -16.40
CA SER A 172 -32.78 -0.33 -16.57
C SER A 172 -32.61 -1.12 -15.28
N LYS A 173 -33.37 -2.21 -15.18
CA LYS A 173 -33.18 -3.16 -14.09
C LYS A 173 -31.80 -3.82 -14.20
N ASP A 174 -31.25 -3.92 -15.42
CA ASP A 174 -29.98 -4.56 -15.62
C ASP A 174 -28.88 -3.84 -14.86
N PHE A 175 -28.98 -2.51 -14.73
CA PHE A 175 -28.01 -1.72 -13.97
C PHE A 175 -28.03 -2.04 -12.52
N VAL A 176 -29.25 -2.23 -11.95
CA VAL A 176 -29.38 -2.60 -10.56
C VAL A 176 -28.81 -3.97 -10.33
N GLU A 177 -29.10 -4.92 -11.23
CA GLU A 177 -28.53 -6.26 -11.12
C GLU A 177 -27.01 -6.20 -11.16
N ASP A 178 -26.47 -5.45 -12.13
CA ASP A 178 -25.02 -5.33 -12.32
C ASP A 178 -24.35 -4.69 -11.12
N ILE A 179 -24.85 -3.54 -10.68
CA ILE A 179 -24.15 -2.80 -9.64
C ILE A 179 -24.27 -3.48 -8.28
N SER A 180 -25.34 -4.27 -8.04
CA SER A 180 -25.50 -4.90 -6.73
C SER A 180 -24.35 -5.86 -6.40
N LYS A 181 -23.63 -6.34 -7.40
CA LYS A 181 -22.59 -7.35 -7.21
C LYS A 181 -21.20 -6.76 -6.98
N LEU A 182 -21.07 -5.44 -6.95
CA LEU A 182 -19.78 -4.79 -6.95
C LEU A 182 -19.54 -4.05 -5.64
N ASN A 183 -18.30 -4.10 -5.16
CA ASN A 183 -17.85 -3.32 -4.02
C ASN A 183 -16.69 -2.44 -4.51
N ILE A 184 -16.98 -1.16 -4.70
CA ILE A 184 -15.99 -0.24 -5.26
C ILE A 184 -14.81 -0.12 -4.30
N PHE A 185 -15.09 -0.12 -3.00
CA PHE A 185 -14.04 0.04 -2.00
C PHE A 185 -12.98 -1.06 -2.14
N GLU A 186 -13.44 -2.32 -2.24
CA GLU A 186 -12.52 -3.46 -2.35
C GLU A 186 -11.87 -3.52 -3.73
N LEU A 187 -12.65 -3.26 -4.79
CA LEU A 187 -12.11 -3.31 -6.14
C LEU A 187 -11.13 -2.17 -6.42
N SER A 188 -11.15 -1.11 -5.61
CA SER A 188 -10.20 0.00 -5.77
C SER A 188 -8.99 -0.14 -4.86
N LYS A 189 -9.09 -0.99 -3.83
CA LYS A 189 -8.01 -1.18 -2.88
C LYS A 189 -6.82 -1.85 -3.57
N GLY A 190 -5.63 -1.33 -3.29
CA GLY A 190 -4.41 -1.86 -3.84
C GLY A 190 -3.69 -0.97 -4.82
N TYR A 191 -4.15 0.27 -5.02
CA TYR A 191 -3.46 1.21 -5.88
C TYR A 191 -2.47 1.99 -5.04
N ASP A 192 -1.20 1.93 -5.43
CA ASP A 192 -0.09 2.37 -4.59
C ASP A 192 0.43 3.75 -4.92
N LYS A 193 0.15 4.26 -6.11
CA LYS A 193 0.70 5.55 -6.50
C LYS A 193 -0.14 6.66 -5.86
N LYS A 194 0.29 7.91 -6.05
CA LYS A 194 -0.33 9.01 -5.31
C LYS A 194 -1.79 9.19 -5.71
N VAL A 195 -2.61 9.55 -4.72
CA VAL A 195 -4.05 9.72 -4.89
C VAL A 195 -4.46 11.03 -4.23
N LEU A 196 -5.31 11.79 -4.92
CA LEU A 196 -5.92 13.01 -4.41
C LEU A 196 -7.43 12.90 -4.44
N ILE A 197 -8.06 13.16 -3.29
CA ILE A 197 -9.50 13.22 -3.18
C ILE A 197 -9.89 14.64 -2.82
N VAL A 198 -10.82 15.22 -3.57
CA VAL A 198 -11.33 16.56 -3.32
C VAL A 198 -12.81 16.42 -2.98
N HIS A 199 -13.23 16.95 -1.83
CA HIS A 199 -14.61 16.72 -1.41
C HIS A 199 -15.17 17.96 -0.72
N GLY A 200 -16.46 18.23 -0.95
CA GLY A 200 -17.13 19.32 -0.26
C GLY A 200 -17.83 18.88 1.02
N THR A 201 -17.86 19.78 2.00
CA THR A 201 -18.50 19.45 3.28
C THR A 201 -20.02 19.36 3.15
N ASN A 202 -20.64 20.17 2.28
CA ASN A 202 -22.09 20.13 2.12
C ASN A 202 -22.53 19.23 0.99
N ASP A 203 -21.77 18.20 0.66
CA ASP A 203 -22.16 17.31 -0.43
C ASP A 203 -23.35 16.47 0.00
N GLU A 204 -24.50 16.70 -0.62
CA GLU A 204 -25.73 16.01 -0.28
C GLU A 204 -26.01 14.81 -1.17
N ALA A 205 -25.18 14.57 -2.18
CA ALA A 205 -25.27 13.39 -3.03
C ALA A 205 -24.31 12.29 -2.60
N VAL A 206 -23.04 12.61 -2.37
CA VAL A 206 -22.09 11.68 -1.76
C VAL A 206 -21.59 12.37 -0.50
N GLU A 207 -22.08 11.95 0.67
CA GLU A 207 -21.71 12.64 1.89
C GLU A 207 -20.20 12.59 2.09
N TYR A 208 -19.68 13.64 2.75
CA TYR A 208 -18.25 13.78 3.03
C TYR A 208 -17.69 12.56 3.75
N LYS A 209 -18.53 11.91 4.59
CA LYS A 209 -18.13 10.72 5.31
C LYS A 209 -17.58 9.64 4.38
N VAL A 210 -18.12 9.54 3.16
CA VAL A 210 -17.66 8.53 2.23
C VAL A 210 -16.16 8.67 2.00
N SER A 211 -15.68 9.91 1.86
CA SER A 211 -14.25 10.12 1.64
C SER A 211 -13.43 9.62 2.81
N ASP A 212 -13.94 9.80 4.04
CA ASP A 212 -13.27 9.21 5.20
C ASP A 212 -13.09 7.71 5.01
N ARG A 213 -14.16 7.00 4.63
CA ARG A 213 -14.03 5.57 4.41
C ARG A 213 -12.92 5.30 3.40
N ILE A 214 -12.88 6.08 2.32
CA ILE A 214 -11.89 5.80 1.29
C ILE A 214 -10.49 6.00 1.84
N LEU A 215 -10.30 7.02 2.68
CA LEU A 215 -8.99 7.25 3.27
C LEU A 215 -8.63 6.12 4.21
N LYS A 216 -9.62 5.58 4.91
CA LYS A 216 -9.35 4.55 5.89
C LYS A 216 -9.25 3.18 5.24
N GLU A 217 -10.15 2.88 4.30
CA GLU A 217 -10.34 1.51 3.88
C GLU A 217 -9.71 1.16 2.55
N VAL A 218 -9.41 2.13 1.69
CA VAL A 218 -8.97 1.85 0.33
C VAL A 218 -7.48 2.12 0.15
N TYR A 219 -6.99 3.26 0.63
CA TYR A 219 -5.61 3.65 0.39
C TYR A 219 -4.83 3.83 1.70
N GLY A 220 -3.52 3.95 1.56
CA GLY A 220 -2.62 4.27 2.65
C GLY A 220 -2.17 5.72 2.63
N ASP A 221 -0.90 5.95 2.99
CA ASP A 221 -0.34 7.30 3.06
C ASP A 221 -0.20 7.96 1.70
N ASN A 222 -0.25 7.20 0.61
CA ASN A 222 -0.21 7.80 -0.72
C ASN A 222 -1.45 8.64 -1.05
N ALA A 223 -2.53 8.54 -0.27
CA ALA A 223 -3.74 9.28 -0.56
C ALA A 223 -3.84 10.51 0.34
N THR A 224 -4.28 11.63 -0.24
CA THR A 224 -4.47 12.87 0.48
C THR A 224 -5.79 13.50 0.05
N ARG A 225 -6.35 14.35 0.91
CA ARG A 225 -7.66 14.96 0.70
C ARG A 225 -7.60 16.48 0.81
N VAL A 226 -8.18 17.15 -0.16
CA VAL A 226 -8.50 18.59 -0.10
C VAL A 226 -9.99 18.73 0.24
N THR A 227 -10.27 19.37 1.38
CA THR A 227 -11.63 19.65 1.80
C THR A 227 -12.01 21.03 1.30
N ILE A 228 -13.12 21.13 0.57
CA ILE A 228 -13.57 22.44 0.10
C ILE A 228 -14.75 22.83 0.98
N GLU A 229 -14.49 23.80 1.86
CA GLU A 229 -15.46 24.18 2.87
C GLU A 229 -16.70 24.75 2.20
N ASN A 230 -17.87 24.28 2.64
CA ASN A 230 -19.21 24.72 2.26
C ASN A 230 -19.63 24.18 0.89
N ALA A 231 -18.77 23.49 0.15
CA ALA A 231 -19.09 23.11 -1.21
C ALA A 231 -20.19 22.05 -1.28
N ASP A 232 -20.96 22.11 -2.35
CA ASP A 232 -21.94 21.10 -2.67
C ASP A 232 -21.25 20.01 -3.52
N HIS A 233 -22.04 19.11 -4.09
CA HIS A 233 -21.49 17.90 -4.71
C HIS A 233 -20.57 18.21 -5.89
N THR A 234 -21.00 19.04 -6.84
CA THR A 234 -20.20 19.29 -8.05
C THR A 234 -19.44 20.60 -7.99
N PHE A 235 -19.24 21.13 -6.78
CA PHE A 235 -18.47 22.36 -6.55
C PHE A 235 -19.08 23.52 -7.34
N LYS A 236 -20.38 23.71 -7.17
CA LYS A 236 -21.16 24.60 -8.03
C LYS A 236 -21.10 26.05 -7.54
N SER A 237 -19.88 26.62 -7.56
CA SER A 237 -19.67 28.05 -7.47
C SER A 237 -18.30 28.35 -8.07
N LEU A 238 -18.06 29.62 -8.38
CA LEU A 238 -16.79 30.02 -8.94
C LEU A 238 -15.64 29.69 -8.01
N GLU A 239 -15.79 30.02 -6.72
CA GLU A 239 -14.69 29.80 -5.78
C GLU A 239 -14.47 28.31 -5.54
N TRP A 240 -15.55 27.56 -5.39
CA TRP A 240 -15.41 26.13 -5.14
C TRP A 240 -14.77 25.44 -6.35
N GLU A 241 -15.21 25.77 -7.56
CA GLU A 241 -14.63 25.11 -8.72
C GLU A 241 -13.19 25.57 -8.97
N LYS A 242 -12.89 26.83 -8.67
CA LYS A 242 -11.51 27.30 -8.75
C LYS A 242 -10.60 26.50 -7.82
N LYS A 243 -11.05 26.27 -6.58
CA LYS A 243 -10.23 25.51 -5.65
C LYS A 243 -10.05 24.07 -6.14
N ALA A 244 -11.14 23.43 -6.58
CA ALA A 244 -11.03 22.05 -7.04
C ALA A 244 -10.05 21.94 -8.20
N ILE A 245 -10.21 22.80 -9.20
CA ILE A 245 -9.37 22.74 -10.39
C ILE A 245 -7.91 23.05 -10.06
N GLU A 246 -7.66 24.10 -9.26
CA GLU A 246 -6.29 24.46 -8.97
C GLU A 246 -5.56 23.39 -8.15
N GLU A 247 -6.22 22.83 -7.13
CA GLU A 247 -5.57 21.77 -6.36
C GLU A 247 -5.30 20.57 -7.25
N SER A 248 -6.24 20.23 -8.13
CA SER A 248 -6.06 19.03 -8.93
C SER A 248 -4.99 19.23 -10.01
N VAL A 249 -4.93 20.43 -10.59
CA VAL A 249 -3.88 20.75 -11.55
C VAL A 249 -2.52 20.68 -10.87
N GLU A 250 -2.39 21.24 -9.67
CA GLU A 250 -1.10 21.21 -9.00
C GLU A 250 -0.71 19.79 -8.63
N PHE A 251 -1.69 18.96 -8.25
CA PHE A 251 -1.42 17.55 -7.99
C PHE A 251 -0.90 16.85 -9.25
N PHE A 252 -1.58 17.02 -10.38
CA PHE A 252 -1.11 16.37 -11.61
C PHE A 252 0.20 16.96 -12.11
N LYS A 253 0.41 18.27 -11.95
CA LYS A 253 1.67 18.87 -12.37
C LYS A 253 2.84 18.34 -11.55
N LYS A 254 2.63 18.18 -10.24
CA LYS A 254 3.68 17.61 -9.40
C LYS A 254 3.88 16.14 -9.70
N GLU A 255 2.80 15.38 -9.85
CA GLU A 255 2.92 13.93 -9.89
C GLU A 255 3.18 13.37 -11.28
N LEU A 256 2.71 14.03 -12.34
CA LEU A 256 2.96 13.58 -13.70
C LEU A 256 4.22 14.18 -14.31
N LEU A 257 4.57 15.42 -13.97
CA LEU A 257 5.74 16.04 -14.59
C LEU A 257 6.96 15.86 -13.70
N LYS A 258 6.97 14.78 -12.93
CA LYS A 258 8.08 14.35 -12.10
C LYS A 258 8.11 12.83 -12.16
N GLY A 259 9.22 12.27 -12.64
CA GLY A 259 9.34 10.82 -12.71
C GLY A 259 10.58 10.37 -13.46
N MET B 1 -25.72 9.54 -39.71
CA MET B 1 -24.31 9.83 -39.47
C MET B 1 -24.20 11.02 -38.52
N GLN B 2 -23.20 10.97 -37.65
CA GLN B 2 -22.95 12.04 -36.70
C GLN B 2 -21.47 12.41 -36.77
N LYS B 3 -21.19 13.68 -37.02
CA LYS B 3 -19.81 14.12 -37.09
C LYS B 3 -19.64 15.46 -36.35
N ALA B 4 -18.51 15.60 -35.68
CA ALA B 4 -18.15 16.86 -35.04
C ALA B 4 -17.79 17.92 -36.07
N VAL B 5 -18.21 19.16 -35.83
CA VAL B 5 -17.97 20.26 -36.77
C VAL B 5 -17.51 21.49 -36.00
N GLU B 6 -16.85 22.40 -36.73
CA GLU B 6 -16.35 23.65 -36.15
C GLU B 6 -16.65 24.85 -37.04
N ILE B 7 -16.72 26.01 -36.40
CA ILE B 7 -16.83 27.30 -37.08
C ILE B 7 -15.83 28.24 -36.42
N THR B 8 -15.10 29.01 -37.22
CA THR B 8 -14.23 30.04 -36.68
C THR B 8 -14.51 31.37 -37.36
N TYR B 9 -14.84 32.38 -36.58
CA TYR B 9 -15.07 33.73 -37.10
C TYR B 9 -14.68 34.75 -36.03
N ASN B 10 -14.04 35.85 -36.48
CA ASN B 10 -13.64 36.96 -35.60
C ASN B 10 -12.86 36.47 -34.37
N GLY B 11 -11.98 35.50 -34.60
CA GLY B 11 -11.17 34.94 -33.53
C GLY B 11 -11.87 34.05 -32.53
N LYS B 12 -13.06 33.54 -32.87
CA LYS B 12 -13.85 32.66 -32.01
C LYS B 12 -14.08 31.34 -32.72
N THR B 13 -13.95 30.23 -31.99
CA THR B 13 -14.26 28.91 -32.53
C THR B 13 -15.45 28.31 -31.79
N LEU B 14 -16.48 27.95 -32.55
CA LEU B 14 -17.66 27.25 -32.05
C LEU B 14 -17.52 25.78 -32.41
N ARG B 15 -17.89 24.91 -31.47
CA ARG B 15 -17.83 23.48 -31.68
C ARG B 15 -19.22 22.87 -31.60
N GLY B 16 -19.53 22.00 -32.55
CA GLY B 16 -20.83 21.38 -32.59
C GLY B 16 -20.86 20.00 -33.21
N MET B 17 -22.07 19.54 -33.50
CA MET B 17 -22.36 18.23 -34.06
C MET B 17 -23.33 18.37 -35.22
N MET B 18 -23.10 17.57 -36.25
CA MET B 18 -23.92 17.54 -37.45
C MET B 18 -24.42 16.12 -37.68
N HIS B 19 -25.73 15.99 -37.88
CA HIS B 19 -26.42 14.74 -38.11
C HIS B 19 -26.98 14.74 -39.52
N LEU B 20 -26.69 13.69 -40.28
CA LEU B 20 -27.29 13.50 -41.60
C LEU B 20 -27.92 12.12 -41.69
N PRO B 21 -29.07 11.99 -42.34
CA PRO B 21 -29.67 10.66 -42.51
C PRO B 21 -28.80 9.80 -43.41
N ASP B 22 -28.61 8.54 -42.99
CA ASP B 22 -27.74 7.63 -43.73
C ASP B 22 -28.31 7.26 -45.10
N ASP B 23 -29.61 7.00 -45.17
CA ASP B 23 -30.16 6.39 -46.37
C ASP B 23 -30.32 7.36 -47.54
N VAL B 24 -30.80 8.58 -47.29
CA VAL B 24 -31.12 9.51 -48.37
C VAL B 24 -29.91 10.38 -48.68
N LYS B 25 -29.56 10.46 -49.96
CA LYS B 25 -28.48 11.30 -50.48
C LYS B 25 -29.03 12.48 -51.25
N GLY B 26 -28.13 13.41 -51.56
CA GLY B 26 -28.51 14.67 -52.15
C GLY B 26 -28.76 15.69 -51.05
N LYS B 27 -29.47 16.75 -51.40
CA LYS B 27 -29.76 17.79 -50.42
C LYS B 27 -30.98 17.40 -49.60
N VAL B 28 -30.89 17.62 -48.30
CA VAL B 28 -31.92 17.19 -47.37
C VAL B 28 -32.33 18.38 -46.52
N PRO B 29 -33.52 18.33 -45.91
CA PRO B 29 -33.87 19.37 -44.94
C PRO B 29 -32.92 19.32 -43.76
N MET B 30 -32.69 20.50 -43.16
CA MET B 30 -31.75 20.68 -42.06
C MET B 30 -32.40 21.52 -40.97
N VAL B 31 -32.22 21.10 -39.72
CA VAL B 31 -32.72 21.81 -38.54
C VAL B 31 -31.55 22.31 -37.72
N ILE B 32 -31.57 23.59 -37.36
CA ILE B 32 -30.58 24.21 -36.50
C ILE B 32 -31.18 24.33 -35.10
N MET B 33 -30.45 23.86 -34.08
CA MET B 33 -30.96 23.83 -32.71
C MET B 33 -30.15 24.75 -31.81
N PHE B 34 -30.85 25.59 -31.04
CA PHE B 34 -30.25 26.59 -30.15
C PHE B 34 -30.53 26.26 -28.68
N HIS B 35 -29.48 26.07 -27.91
CA HIS B 35 -29.61 25.74 -26.50
C HIS B 35 -29.86 26.99 -25.66
N GLY B 36 -30.21 26.76 -24.39
CA GLY B 36 -30.59 27.83 -23.49
C GLY B 36 -29.50 28.28 -22.53
N PHE B 37 -29.92 29.14 -21.61
CA PHE B 37 -29.04 29.88 -20.71
C PHE B 37 -28.39 28.94 -19.70
N THR B 38 -27.06 28.84 -19.77
CA THR B 38 -26.18 27.90 -19.05
C THR B 38 -26.29 26.48 -19.57
N GLY B 39 -27.05 26.26 -20.64
CA GLY B 39 -27.11 24.95 -21.27
C GLY B 39 -25.97 24.74 -22.25
N ASN B 40 -26.11 23.69 -23.04
CA ASN B 40 -25.12 23.37 -24.06
C ASN B 40 -25.80 22.50 -25.12
N LYS B 41 -25.07 22.25 -26.22
CA LYS B 41 -25.63 21.62 -27.42
C LYS B 41 -26.28 20.26 -27.16
N VAL B 42 -25.88 19.57 -26.10
CA VAL B 42 -26.54 18.32 -25.71
C VAL B 42 -27.89 18.58 -25.05
N GLU B 43 -27.98 19.66 -24.25
CA GLU B 43 -29.14 20.07 -23.45
C GLU B 43 -29.59 19.05 -22.42
N SER B 44 -30.62 19.45 -21.67
CA SER B 44 -31.09 18.72 -20.50
C SER B 44 -31.50 17.29 -20.85
N HIS B 45 -31.04 16.33 -20.05
CA HIS B 45 -31.24 14.90 -20.28
C HIS B 45 -31.13 14.51 -21.75
N PHE B 46 -30.15 15.11 -22.43
CA PHE B 46 -29.70 14.74 -23.77
C PHE B 46 -30.78 14.99 -24.82
N ILE B 47 -31.77 15.83 -24.49
CA ILE B 47 -32.95 15.96 -25.34
C ILE B 47 -32.58 16.47 -26.74
N PHE B 48 -31.56 17.33 -26.86
CA PHE B 48 -31.16 17.76 -28.21
C PHE B 48 -30.59 16.60 -29.00
N VAL B 49 -29.69 15.81 -28.38
CA VAL B 49 -29.11 14.66 -29.08
C VAL B 49 -30.22 13.74 -29.57
N LYS B 50 -31.13 13.39 -28.66
CA LYS B 50 -32.28 12.56 -29.00
C LYS B 50 -33.05 13.17 -30.16
N MET B 51 -33.28 14.49 -30.08
CA MET B 51 -34.03 15.17 -31.13
C MET B 51 -33.31 15.03 -32.48
N SER B 52 -31.98 15.14 -32.48
CA SER B 52 -31.26 14.94 -33.74
C SER B 52 -31.45 13.52 -34.26
N ARG B 53 -31.35 12.52 -33.38
CA ARG B 53 -31.46 11.16 -33.86
C ARG B 53 -32.86 10.90 -34.39
N ALA B 54 -33.87 11.44 -33.69
CA ALA B 54 -35.24 11.25 -34.18
C ALA B 54 -35.43 11.90 -35.54
N LEU B 55 -34.70 13.00 -35.80
CA LEU B 55 -34.80 13.63 -37.11
C LEU B 55 -34.11 12.81 -38.20
N GLU B 56 -32.97 12.16 -37.89
CA GLU B 56 -32.28 11.41 -38.94
C GLU B 56 -33.22 10.38 -39.55
N LYS B 57 -33.97 9.68 -38.68
CA LYS B 57 -34.81 8.57 -39.08
C LYS B 57 -35.90 9.00 -40.05
N VAL B 58 -36.28 10.27 -40.09
CA VAL B 58 -37.28 10.72 -41.05
C VAL B 58 -36.64 11.50 -42.19
N GLY B 59 -35.32 11.41 -42.34
CA GLY B 59 -34.63 12.07 -43.44
C GLY B 59 -34.34 13.54 -43.25
N ILE B 60 -34.31 14.02 -42.03
CA ILE B 60 -34.01 15.42 -41.75
C ILE B 60 -32.72 15.46 -40.95
N GLY B 61 -31.75 16.23 -41.45
CA GLY B 61 -30.50 16.45 -40.75
C GLY B 61 -30.60 17.58 -39.75
N SER B 62 -29.52 17.77 -38.99
CA SER B 62 -29.52 18.80 -37.97
C SER B 62 -28.10 19.23 -37.62
N VAL B 63 -27.99 20.44 -37.05
CA VAL B 63 -26.74 20.89 -36.45
C VAL B 63 -27.06 21.50 -35.09
N ARG B 64 -26.16 21.24 -34.13
CA ARG B 64 -26.26 21.70 -32.76
C ARG B 64 -24.88 22.14 -32.36
N PHE B 65 -24.67 23.44 -32.07
CA PHE B 65 -23.40 23.96 -31.64
C PHE B 65 -23.51 24.59 -30.25
N ASP B 66 -22.39 24.70 -29.52
CA ASP B 66 -22.38 25.42 -28.25
C ASP B 66 -22.07 26.88 -28.55
N PHE B 67 -22.83 27.80 -27.96
CA PHE B 67 -22.55 29.22 -28.15
C PHE B 67 -21.18 29.56 -27.55
N TYR B 68 -20.58 30.63 -28.07
CA TYR B 68 -19.30 31.07 -27.52
C TYR B 68 -19.44 31.32 -26.03
N GLY B 69 -18.51 30.78 -25.24
CA GLY B 69 -18.59 30.89 -23.79
C GLY B 69 -19.27 29.74 -23.08
N SER B 70 -19.77 28.74 -23.80
CA SER B 70 -20.44 27.59 -23.20
C SER B 70 -19.89 26.27 -23.75
N GLY B 71 -20.00 25.23 -22.94
CA GLY B 71 -19.67 23.86 -23.34
C GLY B 71 -18.32 23.62 -23.99
N GLU B 72 -18.34 23.03 -25.19
CA GLU B 72 -17.10 22.71 -25.88
C GLU B 72 -16.51 23.89 -26.66
N SER B 73 -17.30 24.94 -26.94
CA SER B 73 -16.81 26.08 -27.70
C SER B 73 -15.82 26.91 -26.89
N ASP B 74 -15.09 27.78 -27.59
CA ASP B 74 -14.13 28.64 -26.93
C ASP B 74 -14.81 29.64 -26.00
N GLY B 75 -13.99 30.25 -25.14
CA GLY B 75 -14.40 31.45 -24.45
C GLY B 75 -14.92 31.20 -23.05
N ASP B 76 -14.85 32.26 -22.24
CA ASP B 76 -15.41 32.21 -20.90
C ASP B 76 -16.84 32.73 -20.93
N PHE B 77 -17.65 32.23 -19.99
CA PHE B 77 -19.05 32.65 -19.92
C PHE B 77 -19.16 34.15 -19.68
N SER B 78 -18.20 34.74 -18.97
CA SER B 78 -18.21 36.18 -18.74
C SER B 78 -18.12 36.99 -20.04
N GLU B 79 -17.62 36.40 -21.12
CA GLU B 79 -17.54 37.16 -22.37
C GLU B 79 -18.87 37.16 -23.12
N MET B 80 -19.83 36.32 -22.73
CA MET B 80 -21.06 36.12 -23.48
C MET B 80 -22.11 37.18 -23.20
N THR B 81 -22.83 37.58 -24.25
CA THR B 81 -24.04 38.38 -24.12
C THR B 81 -25.12 37.70 -24.94
N PHE B 82 -26.36 38.15 -24.76
CA PHE B 82 -27.40 37.66 -25.65
C PHE B 82 -27.07 38.01 -27.10
N SER B 83 -26.53 39.21 -27.33
CA SER B 83 -26.21 39.63 -28.70
C SER B 83 -25.07 38.80 -29.29
N SER B 84 -24.08 38.43 -28.49
CA SER B 84 -23.02 37.57 -29.04
C SER B 84 -23.58 36.20 -29.42
N GLU B 85 -24.58 35.71 -28.67
CA GLU B 85 -25.22 34.46 -29.08
C GLU B 85 -26.05 34.63 -30.37
N LEU B 86 -26.69 35.80 -30.55
CA LEU B 86 -27.33 36.06 -31.83
C LEU B 86 -26.33 36.03 -32.98
N GLU B 87 -25.17 36.65 -32.79
CA GLU B 87 -24.19 36.63 -33.86
C GLU B 87 -23.70 35.20 -34.12
N ASP B 88 -23.50 34.40 -33.05
CA ASP B 88 -23.16 32.99 -33.23
C ASP B 88 -24.22 32.28 -34.07
N ALA B 89 -25.50 32.54 -33.79
CA ALA B 89 -26.57 31.89 -34.54
C ALA B 89 -26.51 32.26 -36.01
N ARG B 90 -26.23 33.53 -36.32
CA ARG B 90 -26.11 33.94 -37.71
C ARG B 90 -24.96 33.19 -38.39
N GLN B 91 -23.84 33.01 -37.68
CA GLN B 91 -22.72 32.26 -38.26
C GLN B 91 -23.05 30.79 -38.45
N ILE B 92 -23.83 30.23 -37.53
CA ILE B 92 -24.20 28.82 -37.66
C ILE B 92 -25.12 28.60 -38.85
N LEU B 93 -26.09 29.50 -39.05
CA LEU B 93 -26.93 29.43 -40.23
C LEU B 93 -26.08 29.49 -41.50
N LYS B 94 -25.10 30.40 -41.50
CA LYS B 94 -24.16 30.52 -42.61
C LYS B 94 -23.47 29.18 -42.88
N PHE B 95 -22.98 28.55 -41.81
CA PHE B 95 -22.32 27.26 -41.93
C PHE B 95 -23.25 26.23 -42.56
N VAL B 96 -24.50 26.17 -42.11
CA VAL B 96 -25.42 25.18 -42.69
C VAL B 96 -25.61 25.44 -44.18
N LYS B 97 -25.75 26.71 -44.57
CA LYS B 97 -25.95 27.02 -45.98
C LYS B 97 -24.72 26.70 -46.83
N GLU B 98 -23.53 26.58 -46.21
CA GLU B 98 -22.35 26.19 -47.00
C GLU B 98 -22.22 24.68 -47.21
N GLN B 99 -22.96 23.85 -46.46
CA GLN B 99 -22.81 22.40 -46.57
C GLN B 99 -23.45 21.87 -47.85
N PRO B 100 -22.76 21.02 -48.62
CA PRO B 100 -23.31 20.56 -49.91
C PRO B 100 -24.54 19.69 -49.80
N THR B 101 -24.82 19.13 -48.62
CA THR B 101 -26.00 18.31 -48.39
C THR B 101 -27.19 19.10 -47.85
N THR B 102 -27.09 20.42 -47.77
CA THR B 102 -28.17 21.26 -47.25
C THR B 102 -29.06 21.71 -48.39
N ASP B 103 -30.37 21.43 -48.27
CA ASP B 103 -31.37 21.99 -49.17
C ASP B 103 -31.67 23.40 -48.67
N PRO B 104 -31.24 24.43 -49.41
CA PRO B 104 -31.35 25.81 -48.89
C PRO B 104 -32.78 26.26 -48.61
N GLU B 105 -33.77 25.73 -49.33
CA GLU B 105 -35.16 26.06 -49.04
C GLU B 105 -35.80 25.14 -48.00
N ARG B 106 -35.02 24.31 -47.32
CA ARG B 106 -35.59 23.39 -46.34
C ARG B 106 -34.90 23.51 -44.99
N ILE B 107 -34.68 24.73 -44.51
CA ILE B 107 -33.94 24.96 -43.28
C ILE B 107 -34.90 25.44 -42.19
N GLY B 108 -34.93 24.71 -41.08
CA GLY B 108 -35.75 25.04 -39.93
C GLY B 108 -34.95 25.40 -38.68
N LEU B 109 -35.59 26.15 -37.77
CA LEU B 109 -34.96 26.53 -36.52
C LEU B 109 -35.72 25.95 -35.34
N LEU B 110 -34.97 25.51 -34.34
CA LEU B 110 -35.49 25.02 -33.07
C LEU B 110 -34.69 25.69 -31.96
N GLY B 111 -35.37 26.14 -30.91
CA GLY B 111 -34.71 26.73 -29.77
C GLY B 111 -35.39 26.39 -28.46
N LEU B 112 -34.60 26.09 -27.44
CA LEU B 112 -35.12 25.81 -26.11
C LEU B 112 -34.79 26.95 -25.16
N SER B 113 -35.79 27.43 -24.41
CA SER B 113 -35.61 28.38 -23.33
C SER B 113 -35.00 29.65 -23.92
N MET B 114 -33.86 30.15 -23.44
CA MET B 114 -33.34 31.38 -24.02
C MET B 114 -32.94 31.19 -25.48
N GLY B 115 -32.54 29.97 -25.86
CA GLY B 115 -32.29 29.69 -27.27
C GLY B 115 -33.53 29.85 -28.15
N GLY B 116 -34.72 29.58 -27.59
CA GLY B 116 -35.93 29.85 -28.35
C GLY B 116 -36.08 31.31 -28.67
N ALA B 117 -35.71 32.18 -27.72
CA ALA B 117 -35.69 33.60 -28.01
C ALA B 117 -34.75 33.87 -29.18
N ILE B 118 -33.56 33.25 -29.14
CA ILE B 118 -32.64 33.35 -30.27
C ILE B 118 -33.35 32.92 -31.55
N ALA B 119 -33.98 31.75 -31.54
CA ALA B 119 -34.60 31.26 -32.76
C ALA B 119 -35.65 32.24 -33.26
N GLY B 120 -36.45 32.78 -32.33
CA GLY B 120 -37.50 33.69 -32.73
C GLY B 120 -36.95 34.89 -33.46
N ILE B 121 -35.81 35.40 -32.99
CA ILE B 121 -35.25 36.58 -33.63
C ILE B 121 -34.67 36.20 -34.98
N VAL B 122 -33.89 35.12 -35.02
CA VAL B 122 -33.23 34.74 -36.27
C VAL B 122 -34.26 34.45 -37.34
N ALA B 123 -35.34 33.76 -36.97
CA ALA B 123 -36.40 33.46 -37.94
C ALA B 123 -36.91 34.75 -38.58
N ARG B 124 -37.15 35.79 -37.78
CA ARG B 124 -37.59 37.04 -38.36
C ARG B 124 -36.51 37.64 -39.24
N GLU B 125 -35.25 37.62 -38.78
CA GLU B 125 -34.22 38.29 -39.57
C GLU B 125 -34.07 37.65 -40.94
N TYR B 126 -34.35 36.35 -41.02
CA TYR B 126 -34.23 35.58 -42.24
C TYR B 126 -35.58 34.98 -42.61
N LYS B 127 -36.65 35.76 -42.49
CA LYS B 127 -38.00 35.20 -42.57
C LYS B 127 -38.26 34.58 -43.93
N ASP B 128 -37.58 35.05 -44.96
CA ASP B 128 -37.77 34.55 -46.31
C ASP B 128 -36.92 33.31 -46.61
N GLU B 129 -36.00 32.94 -45.71
CA GLU B 129 -35.15 31.78 -45.96
C GLU B 129 -35.14 30.77 -44.83
N ILE B 130 -35.99 30.94 -43.81
CA ILE B 130 -36.19 29.96 -42.74
C ILE B 130 -37.54 29.32 -42.96
N LYS B 131 -37.54 28.02 -43.29
CA LYS B 131 -38.76 27.39 -43.77
C LYS B 131 -39.76 27.11 -42.65
N ALA B 132 -39.31 26.78 -41.44
CA ALA B 132 -40.20 26.49 -40.34
C ALA B 132 -39.50 26.78 -39.00
N LEU B 133 -40.30 26.98 -37.95
CA LEU B 133 -39.81 27.36 -36.63
C LEU B 133 -40.47 26.53 -35.53
N VAL B 134 -39.65 25.95 -34.65
CA VAL B 134 -40.10 25.26 -33.44
C VAL B 134 -39.54 25.97 -32.22
N LEU B 135 -40.40 26.26 -31.25
CA LEU B 135 -40.02 26.93 -30.01
C LEU B 135 -40.39 26.02 -28.84
N TRP B 136 -39.39 25.65 -28.03
CA TRP B 136 -39.57 24.82 -26.83
C TRP B 136 -39.48 25.69 -25.58
N ALA B 137 -40.60 25.87 -24.91
CA ALA B 137 -40.71 26.77 -23.76
C ALA B 137 -39.95 28.09 -24.00
N PRO B 138 -40.23 28.79 -25.09
CA PRO B 138 -39.35 29.90 -25.49
C PRO B 138 -39.41 31.05 -24.48
N ALA B 139 -38.23 31.52 -24.08
CA ALA B 139 -38.14 32.52 -23.01
C ALA B 139 -38.11 33.94 -23.56
N PHE B 140 -39.21 34.34 -24.20
CA PHE B 140 -39.30 35.71 -24.73
C PHE B 140 -39.28 36.78 -23.64
N ASN B 141 -39.61 36.44 -22.39
CA ASN B 141 -39.56 37.36 -21.26
C ASN B 141 -38.18 37.40 -20.58
N MET B 142 -37.15 36.90 -21.25
CA MET B 142 -35.80 36.87 -20.70
C MET B 142 -35.33 38.23 -20.18
N PRO B 143 -35.56 39.35 -20.85
CA PRO B 143 -35.15 40.64 -20.25
C PRO B 143 -35.78 40.85 -18.88
N GLU B 144 -37.07 40.54 -18.74
CA GLU B 144 -37.72 40.70 -17.45
C GLU B 144 -37.21 39.69 -16.44
N LEU B 145 -36.96 38.46 -16.87
CA LEU B 145 -36.46 37.45 -15.93
C LEU B 145 -35.12 37.86 -15.35
N ILE B 146 -34.21 38.34 -16.21
CA ILE B 146 -32.91 38.77 -15.75
C ILE B 146 -33.03 40.02 -14.89
N MET B 147 -33.92 40.95 -15.27
CA MET B 147 -34.04 42.18 -14.48
C MET B 147 -34.53 41.85 -13.07
N ASN B 148 -35.53 40.96 -12.96
CA ASN B 148 -36.01 40.54 -11.65
C ASN B 148 -34.89 39.89 -10.86
N GLU B 149 -34.06 39.10 -11.56
CA GLU B 149 -32.98 38.38 -10.88
C GLU B 149 -31.92 39.33 -10.29
N SER B 150 -31.62 40.44 -10.97
CA SER B 150 -30.66 41.40 -10.46
C SER B 150 -31.26 42.07 -9.20
N VAL B 151 -32.55 42.42 -9.30
CA VAL B 151 -33.12 43.25 -8.26
C VAL B 151 -33.26 42.44 -6.99
N LYS B 152 -33.58 41.15 -7.10
CA LYS B 152 -33.83 40.37 -5.93
C LYS B 152 -32.64 39.55 -5.44
N GLN B 153 -31.73 39.12 -6.35
CA GLN B 153 -30.67 38.22 -5.97
C GLN B 153 -29.25 38.74 -6.14
N TYR B 154 -28.89 39.30 -7.29
CA TYR B 154 -27.52 39.68 -7.60
C TYR B 154 -26.97 40.76 -6.67
N GLY B 155 -27.60 41.95 -6.68
CA GLY B 155 -27.21 43.02 -5.76
C GLY B 155 -26.01 43.87 -6.17
N ALA B 156 -25.37 44.47 -5.13
CA ALA B 156 -24.27 45.42 -5.26
C ALA B 156 -23.02 44.83 -5.89
N ILE B 157 -22.82 43.52 -5.75
CA ILE B 157 -21.62 42.92 -6.30
C ILE B 157 -21.52 43.25 -7.80
N MET B 158 -22.67 43.29 -8.48
CA MET B 158 -22.65 43.56 -9.92
C MET B 158 -22.04 44.93 -10.19
N GLU B 159 -22.41 45.93 -9.37
CA GLU B 159 -21.81 47.24 -9.50
C GLU B 159 -20.38 47.27 -8.96
N GLN B 160 -20.10 46.53 -7.89
CA GLN B 160 -18.78 46.71 -7.27
C GLN B 160 -17.71 45.91 -8.01
N LEU B 161 -18.03 44.65 -8.35
CA LEU B 161 -17.07 43.76 -8.97
C LEU B 161 -17.34 43.54 -10.45
N GLY B 162 -18.52 43.93 -10.96
CA GLY B 162 -18.87 43.77 -12.35
C GLY B 162 -19.44 42.44 -12.78
N PHE B 163 -19.77 41.54 -11.85
CA PHE B 163 -20.27 40.21 -12.22
C PHE B 163 -21.00 39.58 -11.05
N VAL B 164 -21.74 38.51 -11.35
CA VAL B 164 -22.34 37.67 -10.32
C VAL B 164 -22.09 36.20 -10.65
N ASP B 165 -22.06 35.39 -9.60
CA ASP B 165 -21.90 33.95 -9.72
C ASP B 165 -23.29 33.32 -9.77
N ILE B 166 -23.64 32.71 -10.91
CA ILE B 166 -24.97 32.10 -11.04
C ILE B 166 -24.90 30.58 -10.95
N GLY B 167 -23.90 30.04 -10.26
CA GLY B 167 -23.82 28.59 -10.16
C GLY B 167 -22.67 27.95 -10.90
N GLY B 168 -21.45 28.45 -10.67
CA GLY B 168 -20.30 28.00 -11.43
C GLY B 168 -20.14 28.72 -12.75
N HIS B 169 -20.84 29.82 -12.94
CA HIS B 169 -20.73 30.63 -14.14
C HIS B 169 -20.58 32.09 -13.72
N LYS B 170 -19.72 32.84 -14.41
CA LYS B 170 -19.55 34.26 -14.14
C LYS B 170 -20.42 35.03 -15.13
N LEU B 171 -21.54 35.58 -14.64
CA LEU B 171 -22.44 36.40 -15.45
C LEU B 171 -21.99 37.86 -15.35
N SER B 172 -21.54 38.41 -16.47
CA SER B 172 -21.00 39.76 -16.56
C SER B 172 -22.11 40.82 -16.53
N LYS B 173 -21.74 42.03 -16.11
CA LYS B 173 -22.68 43.14 -16.15
C LYS B 173 -23.11 43.47 -17.57
N ASP B 174 -22.26 43.16 -18.56
CA ASP B 174 -22.57 43.47 -19.94
C ASP B 174 -23.85 42.79 -20.41
N PHE B 175 -24.08 41.52 -19.97
CA PHE B 175 -25.27 40.76 -20.34
C PHE B 175 -26.51 41.42 -19.84
N VAL B 176 -26.48 41.88 -18.58
CA VAL B 176 -27.61 42.54 -18.00
C VAL B 176 -27.93 43.82 -18.73
N GLU B 177 -26.88 44.63 -19.04
CA GLU B 177 -27.11 45.85 -19.80
C GLU B 177 -27.63 45.52 -21.20
N ASP B 178 -26.99 44.57 -21.88
CA ASP B 178 -27.36 44.22 -23.25
C ASP B 178 -28.79 43.73 -23.34
N ILE B 179 -29.15 42.78 -22.49
CA ILE B 179 -30.46 42.17 -22.61
C ILE B 179 -31.55 43.18 -22.21
N SER B 180 -31.26 44.14 -21.31
CA SER B 180 -32.30 45.10 -20.95
C SER B 180 -32.75 45.97 -22.13
N LYS B 181 -31.98 46.03 -23.21
CA LYS B 181 -32.29 46.89 -24.33
C LYS B 181 -33.09 46.21 -25.44
N LEU B 182 -33.42 44.92 -25.27
CA LEU B 182 -34.01 44.10 -26.32
C LEU B 182 -35.43 43.68 -25.93
N ASN B 183 -36.33 43.63 -26.91
CA ASN B 183 -37.69 43.12 -26.72
C ASN B 183 -37.86 41.95 -27.69
N ILE B 184 -37.81 40.73 -27.13
CA ILE B 184 -37.82 39.53 -27.94
C ILE B 184 -39.14 39.41 -28.70
N PHE B 185 -40.25 39.81 -28.04
CA PHE B 185 -41.57 39.78 -28.66
C PHE B 185 -41.60 40.67 -29.91
N GLU B 186 -41.10 41.90 -29.80
CA GLU B 186 -41.10 42.81 -30.95
C GLU B 186 -40.12 42.37 -32.02
N LEU B 187 -38.94 41.90 -31.62
CA LEU B 187 -37.93 41.50 -32.59
C LEU B 187 -38.28 40.21 -33.31
N SER B 188 -39.20 39.40 -32.76
CA SER B 188 -39.61 38.17 -33.45
C SER B 188 -40.85 38.37 -34.31
N LYS B 189 -41.59 39.46 -34.09
CA LYS B 189 -42.83 39.71 -34.82
C LYS B 189 -42.54 39.93 -36.31
N GLY B 190 -43.36 39.30 -37.15
CA GLY B 190 -43.24 39.43 -38.58
C GLY B 190 -42.82 38.17 -39.32
N TYR B 191 -42.72 37.03 -38.65
CA TYR B 191 -42.39 35.77 -39.30
C TYR B 191 -43.69 35.10 -39.72
N ASP B 192 -43.80 34.81 -41.02
CA ASP B 192 -45.07 34.42 -41.63
C ASP B 192 -45.19 32.91 -41.84
N LYS B 193 -44.09 32.17 -41.83
CA LYS B 193 -44.14 30.74 -42.09
C LYS B 193 -44.61 29.99 -40.84
N LYS B 194 -44.77 28.68 -40.97
CA LYS B 194 -45.38 27.89 -39.90
C LYS B 194 -44.51 27.88 -38.65
N VAL B 195 -45.15 27.91 -37.48
CA VAL B 195 -44.48 27.97 -36.20
C VAL B 195 -45.14 26.97 -35.25
N LEU B 196 -44.31 26.24 -34.50
CA LEU B 196 -44.77 25.34 -33.45
C LEU B 196 -44.17 25.77 -32.12
N ILE B 197 -45.03 25.92 -31.11
CA ILE B 197 -44.61 26.19 -29.75
C ILE B 197 -44.98 24.99 -28.90
N VAL B 198 -44.02 24.44 -28.18
CA VAL B 198 -44.28 23.34 -27.25
C VAL B 198 -44.03 23.87 -25.85
N HIS B 199 -45.02 23.72 -24.97
CA HIS B 199 -44.86 24.30 -23.64
C HIS B 199 -45.50 23.40 -22.59
N GLY B 200 -44.86 23.31 -21.41
CA GLY B 200 -45.42 22.59 -20.29
C GLY B 200 -46.24 23.48 -19.36
N THR B 201 -47.28 22.91 -18.76
CA THR B 201 -48.15 23.72 -17.89
C THR B 201 -47.50 24.08 -16.55
N ASN B 202 -46.66 23.20 -16.00
CA ASN B 202 -46.00 23.45 -14.72
C ASN B 202 -44.60 24.00 -14.89
N ASP B 203 -44.35 24.72 -15.98
CA ASP B 203 -43.03 25.29 -16.23
C ASP B 203 -42.80 26.44 -15.26
N GLU B 204 -41.83 26.29 -14.37
CA GLU B 204 -41.53 27.29 -13.35
C GLU B 204 -40.37 28.20 -13.73
N ALA B 205 -39.74 27.98 -14.89
CA ALA B 205 -38.72 28.87 -15.41
C ALA B 205 -39.27 29.87 -16.42
N VAL B 206 -40.01 29.40 -17.42
CA VAL B 206 -40.72 30.26 -18.36
C VAL B 206 -42.19 29.91 -18.22
N GLU B 207 -42.94 30.74 -17.51
CA GLU B 207 -44.33 30.42 -17.23
C GLU B 207 -45.13 30.19 -18.50
N TYR B 208 -46.09 29.27 -18.41
CA TYR B 208 -46.93 28.90 -19.54
C TYR B 208 -47.64 30.12 -20.13
N LYS B 209 -47.96 31.11 -19.29
CA LYS B 209 -48.59 32.35 -19.78
C LYS B 209 -47.79 33.00 -20.89
N VAL B 210 -46.45 32.86 -20.85
CA VAL B 210 -45.62 33.47 -21.89
C VAL B 210 -46.04 32.97 -23.26
N SER B 211 -46.30 31.66 -23.39
CA SER B 211 -46.72 31.14 -24.69
C SER B 211 -48.02 31.79 -25.13
N ASP B 212 -48.93 32.04 -24.19
CA ASP B 212 -50.15 32.78 -24.52
C ASP B 212 -49.80 34.09 -25.20
N ARG B 213 -48.90 34.86 -24.60
CA ARG B 213 -48.48 36.12 -25.21
C ARG B 213 -47.95 35.91 -26.62
N ILE B 214 -47.13 34.88 -26.81
CA ILE B 214 -46.52 34.70 -28.11
C ILE B 214 -47.59 34.40 -29.15
N LEU B 215 -48.62 33.65 -28.75
CA LEU B 215 -49.70 33.39 -29.70
C LEU B 215 -50.47 34.66 -30.01
N LYS B 216 -50.63 35.55 -29.02
CA LYS B 216 -51.42 36.74 -29.29
C LYS B 216 -50.61 37.87 -29.91
N GLU B 217 -49.38 38.09 -29.46
CA GLU B 217 -48.68 39.33 -29.78
C GLU B 217 -47.65 39.19 -30.89
N VAL B 218 -47.15 37.98 -31.14
CA VAL B 218 -46.02 37.77 -32.02
C VAL B 218 -46.41 37.12 -33.34
N TYR B 219 -47.24 36.09 -33.30
CA TYR B 219 -47.58 35.36 -34.52
C TYR B 219 -49.08 35.42 -34.77
N GLY B 220 -49.46 35.03 -35.97
CA GLY B 220 -50.85 34.91 -36.36
C GLY B 220 -51.30 33.47 -36.37
N ASP B 221 -52.15 33.15 -37.34
CA ASP B 221 -52.67 31.80 -37.49
C ASP B 221 -51.60 30.81 -37.94
N ASN B 222 -50.46 31.29 -38.44
CA ASN B 222 -49.36 30.43 -38.84
C ASN B 222 -48.71 29.68 -37.68
N ALA B 223 -49.00 30.06 -36.44
CA ALA B 223 -48.43 29.46 -35.23
C ALA B 223 -49.43 28.51 -34.57
N THR B 224 -48.90 27.43 -34.00
CA THR B 224 -49.68 26.43 -33.28
C THR B 224 -48.94 26.06 -32.00
N ARG B 225 -49.70 25.60 -30.99
CA ARG B 225 -49.13 25.27 -29.70
C ARG B 225 -49.52 23.85 -29.31
N VAL B 226 -48.51 23.06 -28.95
CA VAL B 226 -48.68 21.78 -28.29
C VAL B 226 -48.42 21.99 -26.81
N THR B 227 -49.45 21.75 -26.01
CA THR B 227 -49.38 21.83 -24.56
C THR B 227 -49.12 20.44 -24.00
N ILE B 228 -48.10 20.31 -23.16
CA ILE B 228 -47.80 19.06 -22.49
C ILE B 228 -48.24 19.24 -21.04
N GLU B 229 -49.32 18.56 -20.65
CA GLU B 229 -49.87 18.72 -19.31
C GLU B 229 -48.88 18.25 -18.25
N ASN B 230 -48.75 19.05 -17.20
CA ASN B 230 -48.01 18.80 -15.98
C ASN B 230 -46.51 18.94 -16.18
N ALA B 231 -46.04 19.15 -17.41
CA ALA B 231 -44.61 19.14 -17.71
C ALA B 231 -43.90 20.33 -17.11
N ASP B 232 -42.62 20.13 -16.78
CA ASP B 232 -41.76 21.21 -16.30
C ASP B 232 -41.03 21.86 -17.48
N HIS B 233 -40.02 22.69 -17.16
CA HIS B 233 -39.41 23.56 -18.17
C HIS B 233 -38.78 22.79 -19.32
N THR B 234 -37.96 21.77 -19.04
CA THR B 234 -37.30 21.04 -20.11
C THR B 234 -37.95 19.69 -20.39
N PHE B 235 -39.22 19.52 -19.99
CA PHE B 235 -39.97 18.30 -20.27
C PHE B 235 -39.22 17.08 -19.72
N LYS B 236 -38.82 17.20 -18.45
CA LYS B 236 -37.88 16.28 -17.82
C LYS B 236 -38.62 15.04 -17.27
N SER B 237 -39.14 14.24 -18.20
CA SER B 237 -39.57 12.88 -17.93
C SER B 237 -39.58 12.14 -19.26
N LEU B 238 -39.64 10.81 -19.17
CA LEU B 238 -39.67 10.01 -20.38
C LEU B 238 -40.90 10.34 -21.24
N GLU B 239 -42.07 10.44 -20.59
CA GLU B 239 -43.29 10.72 -21.34
C GLU B 239 -43.26 12.12 -21.94
N TRP B 240 -42.86 13.12 -21.16
CA TRP B 240 -42.88 14.50 -21.62
C TRP B 240 -41.89 14.71 -22.76
N GLU B 241 -40.68 14.17 -22.65
CA GLU B 241 -39.72 14.39 -23.72
C GLU B 241 -40.12 13.60 -24.96
N LYS B 242 -40.70 12.41 -24.80
CA LYS B 242 -41.22 11.71 -25.97
C LYS B 242 -42.27 12.55 -26.67
N LYS B 243 -43.19 13.16 -25.93
CA LYS B 243 -44.21 13.96 -26.59
C LYS B 243 -43.61 15.16 -27.30
N ALA B 244 -42.69 15.86 -26.64
CA ALA B 244 -42.07 17.02 -27.26
C ALA B 244 -41.34 16.63 -28.55
N ILE B 245 -40.53 15.57 -28.48
CA ILE B 245 -39.74 15.17 -29.65
C ILE B 245 -40.64 14.72 -30.78
N GLU B 246 -41.63 13.88 -30.49
CA GLU B 246 -42.49 13.38 -31.57
C GLU B 246 -43.31 14.49 -32.21
N GLU B 247 -43.88 15.40 -31.41
CA GLU B 247 -44.63 16.51 -32.00
C GLU B 247 -43.72 17.37 -32.87
N SER B 248 -42.49 17.62 -32.42
CA SER B 248 -41.61 18.50 -33.18
C SER B 248 -41.13 17.80 -34.44
N VAL B 249 -40.85 16.50 -34.35
CA VAL B 249 -40.42 15.76 -35.53
C VAL B 249 -41.52 15.75 -36.58
N GLU B 250 -42.77 15.49 -36.16
CA GLU B 250 -43.84 15.45 -37.15
C GLU B 250 -44.12 16.84 -37.72
N PHE B 251 -44.01 17.90 -36.91
CA PHE B 251 -44.13 19.25 -37.43
C PHE B 251 -43.05 19.55 -38.48
N PHE B 252 -41.79 19.25 -38.18
CA PHE B 252 -40.73 19.52 -39.16
C PHE B 252 -40.89 18.63 -40.38
N LYS B 253 -41.34 17.40 -40.19
CA LYS B 253 -41.54 16.50 -41.31
C LYS B 253 -42.60 17.03 -42.26
N LYS B 254 -43.71 17.56 -41.71
CA LYS B 254 -44.74 18.12 -42.57
C LYS B 254 -44.29 19.43 -43.22
N GLU B 255 -43.66 20.33 -42.46
CA GLU B 255 -43.46 21.67 -42.98
C GLU B 255 -42.19 21.85 -43.78
N LEU B 256 -41.13 21.07 -43.49
CA LEU B 256 -39.91 21.17 -44.29
C LEU B 256 -39.95 20.25 -45.49
N LEU B 257 -40.63 19.09 -45.39
CA LEU B 257 -40.69 18.17 -46.51
C LEU B 257 -41.93 18.39 -47.37
N LYS B 258 -42.42 19.63 -47.41
CA LYS B 258 -43.50 20.08 -48.26
C LYS B 258 -43.16 21.48 -48.73
N GLY B 259 -43.72 21.86 -49.88
CA GLY B 259 -43.46 23.18 -50.42
C GLY B 259 -42.55 23.13 -51.63
N MET C 1 47.70 16.00 13.07
CA MET C 1 46.72 15.59 12.07
C MET C 1 45.62 14.70 12.65
N GLN C 2 44.40 14.90 12.17
CA GLN C 2 43.24 14.13 12.60
C GLN C 2 42.50 13.65 11.37
N LYS C 3 42.24 12.34 11.30
CA LYS C 3 41.57 11.72 10.17
C LYS C 3 40.51 10.75 10.65
N ALA C 4 39.37 10.75 9.99
CA ALA C 4 38.35 9.76 10.28
C ALA C 4 38.79 8.41 9.75
N VAL C 5 38.52 7.34 10.51
CA VAL C 5 38.90 6.01 10.10
C VAL C 5 37.76 5.03 10.32
N GLU C 6 37.83 3.90 9.61
CA GLU C 6 36.85 2.83 9.67
C GLU C 6 37.53 1.47 9.76
N ILE C 7 36.78 0.53 10.31
CA ILE C 7 37.11 -0.88 10.31
C ILE C 7 35.85 -1.65 9.91
N THR C 8 36.00 -2.67 9.07
CA THR C 8 34.89 -3.55 8.75
C THR C 8 35.32 -4.99 8.96
N TYR C 9 34.62 -5.70 9.84
CA TYR C 9 34.87 -7.12 10.05
C TYR C 9 33.57 -7.79 10.46
N ASN C 10 33.35 -9.02 9.97
CA ASN C 10 32.16 -9.81 10.31
C ASN C 10 30.88 -9.01 10.12
N GLY C 11 30.78 -8.28 9.01
CA GLY C 11 29.59 -7.50 8.73
C GLY C 11 29.34 -6.35 9.66
N LYS C 12 30.36 -5.92 10.42
CA LYS C 12 30.26 -4.83 11.39
C LYS C 12 31.25 -3.75 11.00
N THR C 13 30.81 -2.49 11.07
CA THR C 13 31.68 -1.35 10.80
C THR C 13 31.86 -0.53 12.07
N LEU C 14 33.13 -0.32 12.46
CA LEU C 14 33.52 0.57 13.54
C LEU C 14 34.05 1.86 12.92
N ARG C 15 33.67 2.99 13.51
CA ARG C 15 34.08 4.31 13.04
C ARG C 15 34.83 5.04 14.15
N GLY C 16 35.95 5.67 13.80
CA GLY C 16 36.73 6.39 14.78
C GLY C 16 37.56 7.54 14.23
N MET C 17 38.51 7.99 15.04
CA MET C 17 39.44 9.06 14.70
C MET C 17 40.86 8.60 14.97
N MET C 18 41.76 8.97 14.05
CA MET C 18 43.18 8.66 14.11
C MET C 18 43.96 9.98 14.11
N HIS C 19 44.85 10.11 15.09
CA HIS C 19 45.68 11.29 15.28
C HIS C 19 47.13 10.94 15.02
N LEU C 20 47.78 11.70 14.15
CA LEU C 20 49.21 11.52 13.90
C LEU C 20 49.93 12.84 14.09
N PRO C 21 51.12 12.82 14.70
CA PRO C 21 51.87 14.07 14.91
C PRO C 21 52.36 14.63 13.58
N ASP C 22 52.14 15.94 13.40
CA ASP C 22 52.56 16.57 12.16
C ASP C 22 54.08 16.62 12.06
N ASP C 23 54.75 16.84 13.19
CA ASP C 23 56.17 17.19 13.15
C ASP C 23 57.05 15.99 12.76
N VAL C 24 56.82 14.83 13.36
CA VAL C 24 57.70 13.67 13.18
C VAL C 24 57.16 12.77 12.08
N LYS C 25 58.05 12.34 11.17
CA LYS C 25 57.76 11.37 10.13
C LYS C 25 58.48 10.05 10.45
N GLY C 26 58.09 9.01 9.72
CA GLY C 26 58.53 7.66 10.03
C GLY C 26 57.50 6.96 10.91
N LYS C 27 57.93 5.88 11.56
CA LYS C 27 57.04 5.13 12.45
C LYS C 27 57.03 5.76 13.84
N VAL C 28 55.84 5.90 14.41
CA VAL C 28 55.65 6.65 15.65
C VAL C 28 54.88 5.80 16.66
N PRO C 29 54.99 6.14 17.94
CA PRO C 29 54.13 5.49 18.95
C PRO C 29 52.66 5.76 18.71
N MET C 30 51.84 4.81 19.11
CA MET C 30 50.39 4.90 18.96
C MET C 30 49.74 4.46 20.26
N VAL C 31 48.76 5.22 20.73
CA VAL C 31 47.96 4.88 21.90
C VAL C 31 46.54 4.59 21.43
N ILE C 32 46.00 3.46 21.86
CA ILE C 32 44.63 3.08 21.55
C ILE C 32 43.77 3.39 22.76
N MET C 33 42.67 4.14 22.58
CA MET C 33 41.85 4.58 23.70
C MET C 33 40.47 3.94 23.64
N PHE C 34 40.04 3.38 24.78
CA PHE C 34 38.80 2.62 24.93
C PHE C 34 37.83 3.40 25.80
N HIS C 35 36.66 3.71 25.25
CA HIS C 35 35.65 4.43 26.02
C HIS C 35 34.84 3.47 26.88
N GLY C 36 34.09 4.04 27.84
CA GLY C 36 33.34 3.27 28.80
C GLY C 36 31.87 3.09 28.46
N PHE C 37 31.16 2.52 29.43
CA PHE C 37 29.80 2.02 29.28
C PHE C 37 28.81 3.18 29.04
N THR C 38 28.19 3.18 27.86
CA THR C 38 27.31 4.20 27.26
C THR C 38 28.07 5.44 26.79
N GLY C 39 29.39 5.45 26.89
CA GLY C 39 30.19 6.51 26.32
C GLY C 39 30.48 6.28 24.84
N ASN C 40 31.40 7.10 24.32
CA ASN C 40 31.84 7.01 22.94
C ASN C 40 33.23 7.65 22.88
N LYS C 41 33.86 7.55 21.71
CA LYS C 41 35.26 7.94 21.54
C LYS C 41 35.57 9.37 21.95
N VAL C 42 34.60 10.29 21.94
CA VAL C 42 34.85 11.65 22.41
C VAL C 42 35.01 11.67 23.93
N GLU C 43 34.20 10.87 24.62
CA GLU C 43 34.10 10.80 26.08
C GLU C 43 33.65 12.07 26.80
N SER C 44 33.50 11.94 28.11
CA SER C 44 32.92 12.98 28.94
C SER C 44 33.70 14.28 28.82
N HIS C 45 32.98 15.38 28.60
CA HIS C 45 33.56 16.72 28.39
C HIS C 45 34.81 16.65 27.52
N PHE C 46 34.75 15.84 26.46
CA PHE C 46 35.73 15.79 25.39
C PHE C 46 37.10 15.27 25.86
N ILE C 47 37.16 14.59 27.01
CA ILE C 47 38.45 14.26 27.61
C ILE C 47 39.31 13.38 26.69
N PHE C 48 38.71 12.47 25.92
CA PHE C 48 39.54 11.72 24.98
C PHE C 48 40.11 12.60 23.86
N VAL C 49 39.29 13.48 23.28
CA VAL C 49 39.79 14.32 22.19
C VAL C 49 40.99 15.11 22.67
N LYS C 50 40.85 15.78 23.82
CA LYS C 50 41.95 16.53 24.42
C LYS C 50 43.17 15.64 24.58
N MET C 51 42.97 14.41 25.07
CA MET C 51 44.10 13.51 25.28
C MET C 51 44.84 13.23 23.98
N SER C 52 44.08 12.95 22.91
CA SER C 52 44.70 12.69 21.62
C SER C 52 45.53 13.88 21.20
N ARG C 53 45.01 15.09 21.42
CA ARG C 53 45.76 16.27 21.04
C ARG C 53 47.00 16.44 21.92
N ALA C 54 46.89 16.18 23.22
CA ALA C 54 48.04 16.34 24.10
C ALA C 54 49.16 15.36 23.78
N LEU C 55 48.81 14.13 23.39
CA LEU C 55 49.84 13.18 22.97
C LEU C 55 50.44 13.56 21.64
N GLU C 56 49.68 14.28 20.81
CA GLU C 56 50.20 14.61 19.49
C GLU C 56 51.25 15.72 19.56
N LYS C 57 51.16 16.59 20.57
CA LYS C 57 52.19 17.61 20.75
C LYS C 57 53.53 16.99 21.13
N VAL C 58 53.51 15.80 21.72
CA VAL C 58 54.74 15.13 22.11
C VAL C 58 55.12 14.02 21.12
N GLY C 59 54.51 14.04 19.94
CA GLY C 59 54.86 13.09 18.91
C GLY C 59 54.26 11.72 19.06
N ILE C 60 53.15 11.59 19.78
CA ILE C 60 52.50 10.31 20.00
C ILE C 60 51.16 10.33 19.28
N GLY C 61 50.94 9.34 18.42
CA GLY C 61 49.67 9.20 17.73
C GLY C 61 48.66 8.44 18.57
N SER C 62 47.43 8.40 18.05
CA SER C 62 46.36 7.77 18.80
C SER C 62 45.24 7.31 17.88
N VAL C 63 44.46 6.36 18.36
CA VAL C 63 43.22 5.96 17.72
C VAL C 63 42.13 5.89 18.77
N ARG C 64 40.93 6.31 18.38
CA ARG C 64 39.76 6.31 19.24
C ARG C 64 38.60 5.81 18.41
N PHE C 65 38.03 4.67 18.76
CA PHE C 65 36.84 4.21 18.06
C PHE C 65 35.65 4.14 18.99
N ASP C 66 34.47 4.18 18.37
CA ASP C 66 33.25 3.79 19.04
C ASP C 66 33.11 2.29 18.91
N PHE C 67 32.88 1.60 20.03
CA PHE C 67 32.62 0.17 19.92
C PHE C 67 31.32 -0.06 19.16
N TYR C 68 31.21 -1.25 18.57
CA TYR C 68 30.00 -1.63 17.88
C TYR C 68 28.82 -1.53 18.83
N GLY C 69 27.76 -0.86 18.38
CA GLY C 69 26.61 -0.60 19.21
C GLY C 69 26.62 0.75 19.92
N SER C 70 27.70 1.55 19.77
CA SER C 70 27.79 2.84 20.41
C SER C 70 28.18 3.92 19.40
N GLY C 71 27.79 5.15 19.71
CA GLY C 71 28.18 6.33 18.97
C GLY C 71 27.98 6.31 17.46
N GLU C 72 29.06 6.54 16.71
CA GLU C 72 28.99 6.57 15.26
C GLU C 72 29.03 5.19 14.61
N SER C 73 29.54 4.19 15.32
CA SER C 73 29.68 2.85 14.76
C SER C 73 28.31 2.22 14.50
N ASP C 74 28.32 1.16 13.68
CA ASP C 74 27.10 0.44 13.40
C ASP C 74 26.61 -0.28 14.66
N GLY C 75 25.36 -0.70 14.62
CA GLY C 75 24.79 -1.62 15.59
C GLY C 75 23.99 -0.92 16.65
N ASP C 76 22.98 -1.61 17.17
CA ASP C 76 22.26 -1.14 18.33
C ASP C 76 22.99 -1.55 19.60
N PHE C 77 22.82 -0.72 20.64
CA PHE C 77 23.41 -1.00 21.95
C PHE C 77 22.95 -2.36 22.45
N SER C 78 21.72 -2.75 22.10
CA SER C 78 21.17 -4.05 22.48
C SER C 78 21.99 -5.22 21.93
N GLU C 79 22.78 -5.00 20.88
CA GLU C 79 23.61 -6.04 20.31
C GLU C 79 24.94 -6.21 21.05
N MET C 80 25.31 -5.26 21.90
CA MET C 80 26.63 -5.22 22.50
C MET C 80 26.75 -6.10 23.75
N THR C 81 27.89 -6.75 23.88
CA THR C 81 28.31 -7.42 25.11
C THR C 81 29.71 -6.94 25.45
N PHE C 82 30.14 -7.22 26.69
CA PHE C 82 31.52 -6.96 27.05
C PHE C 82 32.46 -7.73 26.12
N SER C 83 32.10 -8.96 25.77
CA SER C 83 32.91 -9.78 24.87
C SER C 83 32.93 -9.24 23.44
N SER C 84 31.80 -8.69 22.96
CA SER C 84 31.84 -8.07 21.64
C SER C 84 32.72 -6.83 21.64
N GLU C 85 32.77 -6.10 22.76
CA GLU C 85 33.71 -4.99 22.82
C GLU C 85 35.15 -5.48 22.91
N LEU C 86 35.40 -6.61 23.58
CA LEU C 86 36.73 -7.21 23.56
C LEU C 86 37.15 -7.54 22.13
N GLU C 87 36.24 -8.15 21.37
CA GLU C 87 36.54 -8.50 19.99
C GLU C 87 36.76 -7.25 19.14
N ASP C 88 35.92 -6.23 19.34
CA ASP C 88 36.15 -4.95 18.69
C ASP C 88 37.55 -4.43 18.98
N ALA C 89 37.98 -4.52 20.24
CA ALA C 89 39.29 -4.02 20.65
C ALA C 89 40.42 -4.79 19.97
N ARG C 90 40.28 -6.10 19.89
CA ARG C 90 41.29 -6.90 19.20
C ARG C 90 41.39 -6.50 17.72
N GLN C 91 40.24 -6.22 17.09
CA GLN C 91 40.26 -5.74 15.71
C GLN C 91 40.87 -4.34 15.61
N ILE C 92 40.65 -3.49 16.61
CA ILE C 92 41.24 -2.15 16.60
C ILE C 92 42.76 -2.24 16.72
N LEU C 93 43.24 -3.16 17.56
CA LEU C 93 44.68 -3.42 17.65
C LEU C 93 45.25 -3.89 16.32
N LYS C 94 44.53 -4.78 15.63
CA LYS C 94 44.94 -5.21 14.30
C LYS C 94 45.04 -4.01 13.36
N PHE C 95 44.04 -3.12 13.41
CA PHE C 95 44.05 -1.91 12.59
C PHE C 95 45.27 -1.04 12.87
N VAL C 96 45.59 -0.87 14.15
CA VAL C 96 46.76 -0.07 14.52
C VAL C 96 48.03 -0.71 13.97
N LYS C 97 48.16 -2.03 14.12
CA LYS C 97 49.33 -2.74 13.62
C LYS C 97 49.42 -2.73 12.10
N GLU C 98 48.31 -2.47 11.41
CA GLU C 98 48.34 -2.38 9.95
C GLU C 98 48.73 -1.00 9.42
N GLN C 99 48.71 0.05 10.23
CA GLN C 99 49.03 1.36 9.68
C GLN C 99 50.54 1.47 9.45
N PRO C 100 50.99 1.89 8.28
CA PRO C 100 52.44 1.93 7.99
C PRO C 100 53.23 2.91 8.84
N THR C 101 52.56 3.86 9.52
CA THR C 101 53.20 4.81 10.43
C THR C 101 53.21 4.34 11.88
N THR C 102 52.84 3.09 12.13
CA THR C 102 52.81 2.53 13.48
C THR C 102 54.13 1.85 13.80
N ASP C 103 54.75 2.25 14.92
CA ASP C 103 55.90 1.55 15.45
C ASP C 103 55.43 0.32 16.20
N PRO C 104 55.77 -0.89 15.72
CA PRO C 104 55.20 -2.10 16.33
C PRO C 104 55.54 -2.29 17.80
N GLU C 105 56.72 -1.87 18.24
CA GLU C 105 57.10 -1.96 19.65
C GLU C 105 56.75 -0.75 20.48
N ARG C 106 55.95 0.18 19.95
CA ARG C 106 55.59 1.40 20.66
C ARG C 106 54.09 1.59 20.80
N ILE C 107 53.36 0.55 21.20
CA ILE C 107 51.91 0.58 21.26
C ILE C 107 51.48 0.63 22.72
N GLY C 108 50.71 1.67 23.06
CA GLY C 108 50.15 1.80 24.39
C GLY C 108 48.64 1.69 24.36
N LEU C 109 48.06 1.28 25.48
CA LEU C 109 46.61 1.19 25.63
C LEU C 109 46.17 2.09 26.77
N LEU C 110 45.01 2.74 26.58
CA LEU C 110 44.36 3.53 27.62
C LEU C 110 42.88 3.21 27.59
N GLY C 111 42.28 3.08 28.76
CA GLY C 111 40.86 2.83 28.85
C GLY C 111 40.24 3.59 29.99
N LEU C 112 39.04 4.14 29.76
CA LEU C 112 38.29 4.85 30.80
C LEU C 112 37.12 4.02 31.24
N SER C 113 36.95 3.90 32.56
CA SER C 113 35.83 3.22 33.20
C SER C 113 35.69 1.79 32.68
N MET C 114 34.56 1.43 32.04
CA MET C 114 34.46 0.05 31.57
C MET C 114 35.48 -0.20 30.46
N GLY C 115 35.84 0.85 29.71
CA GLY C 115 36.91 0.71 28.74
C GLY C 115 38.21 0.34 29.42
N GLY C 116 38.41 0.79 30.65
CA GLY C 116 39.57 0.37 31.42
C GLY C 116 39.55 -1.12 31.70
N ALA C 117 38.37 -1.67 31.99
CA ALA C 117 38.23 -3.13 32.09
C ALA C 117 38.65 -3.79 30.80
N ILE C 118 38.26 -3.21 29.66
CA ILE C 118 38.74 -3.70 28.37
C ILE C 118 40.27 -3.68 28.34
N ALA C 119 40.87 -2.52 28.66
CA ALA C 119 42.31 -2.37 28.45
C ALA C 119 43.08 -3.39 29.25
N GLY C 120 42.68 -3.58 30.51
CA GLY C 120 43.40 -4.51 31.36
C GLY C 120 43.44 -5.90 30.77
N ILE C 121 42.33 -6.33 30.16
CA ILE C 121 42.31 -7.66 29.57
C ILE C 121 43.14 -7.68 28.29
N VAL C 122 42.94 -6.69 27.41
CA VAL C 122 43.64 -6.70 26.13
C VAL C 122 45.14 -6.70 26.36
N ALA C 123 45.60 -5.88 27.31
CA ALA C 123 47.01 -5.83 27.64
C ALA C 123 47.54 -7.19 28.06
N ARG C 124 46.79 -7.92 28.89
CA ARG C 124 47.27 -9.25 29.25
C ARG C 124 47.28 -10.18 28.04
N GLU C 125 46.25 -10.15 27.21
CA GLU C 125 46.21 -11.09 26.08
C GLU C 125 47.36 -10.83 25.13
N TYR C 126 47.79 -9.57 25.03
CA TYR C 126 48.85 -9.14 24.16
C TYR C 126 50.00 -8.57 25.00
N LYS C 127 50.33 -9.29 26.08
CA LYS C 127 51.24 -8.75 27.09
C LYS C 127 52.63 -8.51 26.52
N ASP C 128 53.01 -9.26 25.49
CA ASP C 128 54.33 -9.12 24.90
C ASP C 128 54.39 -8.05 23.83
N GLU C 129 53.25 -7.51 23.39
CA GLU C 129 53.26 -6.51 22.34
C GLU C 129 52.52 -5.23 22.72
N ILE C 130 52.09 -5.09 23.98
CA ILE C 130 51.52 -3.85 24.48
C ILE C 130 52.56 -3.22 25.41
N LYS C 131 53.11 -2.08 25.00
CA LYS C 131 54.28 -1.52 25.67
C LYS C 131 53.94 -0.86 27.00
N ALA C 132 52.77 -0.23 27.11
CA ALA C 132 52.40 0.47 28.33
C ALA C 132 50.88 0.49 28.45
N LEU C 133 50.40 0.68 29.68
CA LEU C 133 48.97 0.65 29.98
C LEU C 133 48.59 1.77 30.94
N VAL C 134 47.59 2.58 30.57
CA VAL C 134 47.02 3.61 31.45
C VAL C 134 45.56 3.27 31.69
N LEU C 135 45.14 3.34 32.96
CA LEU C 135 43.78 3.03 33.36
C LEU C 135 43.17 4.24 34.06
N TRP C 136 42.06 4.74 33.53
CA TRP C 136 41.34 5.85 34.16
C TRP C 136 40.10 5.31 34.87
N ALA C 137 40.11 5.36 36.20
CA ALA C 137 39.04 4.82 37.06
C ALA C 137 38.61 3.50 36.53
N PRO C 138 39.44 2.48 36.38
CA PRO C 138 39.10 1.25 35.69
C PRO C 138 38.04 0.47 36.45
N ALA C 139 37.01 0.02 35.72
CA ALA C 139 35.86 -0.64 36.31
C ALA C 139 36.06 -2.16 36.36
N PHE C 140 37.09 -2.59 37.10
CA PHE C 140 37.32 -4.03 37.23
C PHE C 140 36.19 -4.73 37.98
N ASN C 141 35.42 -4.01 38.79
CA ASN C 141 34.27 -4.58 39.48
C ASN C 141 32.99 -4.49 38.66
N MET C 142 33.08 -4.16 37.38
CA MET C 142 31.90 -4.10 36.52
C MET C 142 31.05 -5.37 36.59
N PRO C 143 31.61 -6.59 36.60
CA PRO C 143 30.73 -7.76 36.75
C PRO C 143 29.89 -7.71 38.01
N GLU C 144 30.51 -7.34 39.13
CA GLU C 144 29.78 -7.26 40.39
C GLU C 144 28.72 -6.17 40.34
N LEU C 145 29.05 -5.02 39.74
CA LEU C 145 28.07 -3.95 39.66
C LEU C 145 26.85 -4.40 38.87
N ILE C 146 27.05 -5.17 37.79
CA ILE C 146 25.91 -5.65 37.02
C ILE C 146 25.11 -6.67 37.81
N MET C 147 25.79 -7.62 38.44
CA MET C 147 25.12 -8.70 39.16
C MET C 147 24.32 -8.20 40.36
N ASN C 148 24.79 -7.18 41.07
CA ASN C 148 24.06 -6.70 42.25
C ASN C 148 22.62 -6.31 41.93
N GLU C 149 22.36 -5.78 40.72
CA GLU C 149 21.03 -5.35 40.32
C GLU C 149 20.03 -6.49 40.24
N SER C 150 20.51 -7.72 40.43
CA SER C 150 19.65 -8.89 40.29
C SER C 150 18.47 -8.84 41.26
N VAL C 151 18.70 -8.43 42.51
CA VAL C 151 17.60 -8.38 43.48
C VAL C 151 16.81 -7.09 43.40
N LYS C 152 17.32 -6.09 42.67
CA LYS C 152 16.72 -4.76 42.64
C LYS C 152 15.75 -4.64 41.44
N GLN C 153 15.24 -3.42 41.22
CA GLN C 153 14.21 -3.17 40.20
C GLN C 153 14.64 -3.68 38.84
N TYR C 154 15.85 -3.31 38.41
CA TYR C 154 16.35 -3.70 37.09
C TYR C 154 16.36 -5.21 36.93
N GLY C 155 16.68 -5.94 38.00
CA GLY C 155 16.61 -7.39 37.92
C GLY C 155 15.24 -7.89 37.51
N ALA C 156 14.20 -7.35 38.15
CA ALA C 156 12.85 -7.81 37.83
C ALA C 156 12.43 -7.36 36.43
N ILE C 157 12.80 -6.14 36.03
CA ILE C 157 12.44 -5.70 34.69
C ILE C 157 13.13 -6.60 33.66
N MET C 158 14.40 -6.93 33.90
CA MET C 158 15.15 -7.80 33.01
C MET C 158 14.52 -9.17 32.92
N GLU C 159 14.15 -9.74 34.07
CA GLU C 159 13.48 -11.03 34.07
C GLU C 159 12.17 -10.98 33.30
N GLN C 160 11.48 -9.83 33.31
CA GLN C 160 10.21 -9.77 32.58
C GLN C 160 10.41 -9.58 31.08
N LEU C 161 11.25 -8.63 30.69
CA LEU C 161 11.37 -8.24 29.29
C LEU C 161 12.64 -8.74 28.61
N GLY C 162 13.62 -9.24 29.37
CA GLY C 162 14.85 -9.72 28.77
C GLY C 162 15.75 -8.59 28.35
N PHE C 163 15.43 -7.35 28.77
CA PHE C 163 16.20 -6.14 28.47
C PHE C 163 15.81 -5.11 29.48
N VAL C 164 16.58 -4.01 29.57
CA VAL C 164 16.24 -2.90 30.44
C VAL C 164 16.63 -1.59 29.79
N ASP C 165 15.95 -0.49 30.19
CA ASP C 165 16.27 0.86 29.73
C ASP C 165 17.23 1.51 30.71
N ILE C 166 18.45 1.80 30.25
CA ILE C 166 19.45 2.45 31.10
C ILE C 166 19.63 3.91 30.72
N GLY C 167 18.60 4.53 30.13
CA GLY C 167 18.72 5.94 29.77
C GLY C 167 18.80 6.22 28.28
N GLY C 168 17.86 5.68 27.51
CA GLY C 168 17.91 5.80 26.06
C GLY C 168 18.81 4.78 25.41
N HIS C 169 19.16 3.73 26.14
CA HIS C 169 19.93 2.61 25.63
C HIS C 169 19.23 1.35 26.09
N LYS C 170 19.15 0.34 25.20
CA LYS C 170 18.56 -0.95 25.52
C LYS C 170 19.66 -1.93 25.92
N LEU C 171 19.71 -2.27 27.21
CA LEU C 171 20.68 -3.23 27.74
C LEU C 171 20.07 -4.63 27.72
N SER C 172 20.63 -5.52 26.88
CA SER C 172 20.12 -6.87 26.68
C SER C 172 20.47 -7.80 27.85
N LYS C 173 19.66 -8.85 28.02
CA LYS C 173 19.97 -9.87 29.03
C LYS C 173 21.26 -10.61 28.70
N ASP C 174 21.59 -10.71 27.40
CA ASP C 174 22.78 -11.39 27.01
C ASP C 174 24.00 -10.76 27.68
N PHE C 175 24.06 -9.41 27.74
CA PHE C 175 25.17 -8.72 28.36
C PHE C 175 25.33 -9.14 29.79
N VAL C 176 24.21 -9.28 30.51
CA VAL C 176 24.27 -9.74 31.88
C VAL C 176 24.88 -11.14 31.93
N GLU C 177 24.40 -12.04 31.06
CA GLU C 177 24.89 -13.41 31.04
C GLU C 177 26.39 -13.47 30.75
N ASP C 178 26.82 -12.70 29.75
CA ASP C 178 28.21 -12.67 29.33
C ASP C 178 29.10 -12.15 30.45
N ILE C 179 28.77 -10.97 30.98
CA ILE C 179 29.68 -10.34 31.93
C ILE C 179 29.73 -11.09 33.26
N SER C 180 28.62 -11.73 33.66
CA SER C 180 28.63 -12.41 34.96
C SER C 180 29.65 -13.54 35.04
N LYS C 181 30.13 -14.05 33.90
CA LYS C 181 31.04 -15.18 33.91
C LYS C 181 32.50 -14.77 33.91
N LEU C 182 32.80 -13.47 33.92
CA LEU C 182 34.14 -12.95 33.72
C LEU C 182 34.66 -12.33 35.01
N ASN C 183 35.95 -12.51 35.26
CA ASN C 183 36.65 -11.90 36.39
C ASN C 183 37.74 -11.00 35.80
N ILE C 184 37.48 -9.68 35.82
CA ILE C 184 38.40 -8.73 35.20
C ILE C 184 39.74 -8.74 35.90
N PHE C 185 39.73 -8.87 37.23
CA PHE C 185 40.95 -8.90 38.02
C PHE C 185 41.85 -10.06 37.60
N GLU C 186 41.27 -11.26 37.50
CA GLU C 186 42.05 -12.44 37.11
C GLU C 186 42.47 -12.38 35.65
N LEU C 187 41.58 -11.94 34.77
CA LEU C 187 41.92 -11.90 33.37
C LEU C 187 42.95 -10.81 33.06
N SER C 188 43.12 -9.82 33.96
CA SER C 188 44.11 -8.77 33.81
C SER C 188 45.44 -9.10 34.47
N LYS C 189 45.43 -10.06 35.40
CA LYS C 189 46.63 -10.43 36.14
C LYS C 189 47.66 -11.08 35.22
N GLY C 190 48.92 -10.66 35.35
CA GLY C 190 49.99 -11.22 34.55
C GLY C 190 50.62 -10.29 33.53
N TYR C 191 50.25 -9.01 33.52
CA TYR C 191 50.86 -8.04 32.62
C TYR C 191 52.05 -7.39 33.32
N ASP C 192 53.22 -7.47 32.71
CA ASP C 192 54.46 -7.14 33.42
C ASP C 192 54.99 -5.76 33.13
N LYS C 193 54.57 -5.14 32.02
CA LYS C 193 55.12 -3.85 31.63
C LYS C 193 54.49 -2.74 32.47
N LYS C 194 54.94 -1.51 32.24
CA LYS C 194 54.55 -0.39 33.10
C LYS C 194 53.06 -0.08 33.01
N VAL C 195 52.49 0.30 34.16
CA VAL C 195 51.06 0.56 34.32
C VAL C 195 50.85 1.83 35.11
N LEU C 196 49.92 2.66 34.63
CA LEU C 196 49.49 3.88 35.32
C LEU C 196 47.99 3.79 35.58
N ILE C 197 47.59 4.02 36.83
CA ILE C 197 46.19 4.10 37.22
C ILE C 197 45.91 5.52 37.69
N VAL C 198 44.90 6.16 37.11
CA VAL C 198 44.47 7.49 37.52
C VAL C 198 43.08 7.38 38.11
N HIS C 199 42.90 7.87 39.35
CA HIS C 199 41.62 7.68 40.03
C HIS C 199 41.30 8.89 40.89
N GLY C 200 40.01 9.27 40.94
CA GLY C 200 39.56 10.31 41.84
C GLY C 200 39.01 9.76 43.16
N THR C 201 39.25 10.51 44.24
CA THR C 201 38.83 10.05 45.57
C THR C 201 37.31 10.08 45.76
N ASN C 202 36.62 11.02 45.11
CA ASN C 202 35.16 11.11 45.22
C ASN C 202 34.46 10.42 44.06
N ASP C 203 35.05 9.36 43.53
CA ASP C 203 34.44 8.61 42.44
C ASP C 203 33.28 7.81 43.01
N GLU C 204 32.06 8.15 42.60
CA GLU C 204 30.85 7.51 43.09
C GLU C 204 30.31 6.45 42.13
N ALA C 205 30.94 6.29 40.98
CA ALA C 205 30.57 5.22 40.05
C ALA C 205 31.45 3.99 40.22
N VAL C 206 32.77 4.18 40.20
CA VAL C 206 33.74 3.13 40.49
C VAL C 206 34.50 3.61 41.72
N GLU C 207 34.17 3.05 42.88
CA GLU C 207 34.74 3.50 44.14
C GLU C 207 36.25 3.41 44.15
N TYR C 208 36.88 4.36 44.84
CA TYR C 208 38.34 4.41 44.91
C TYR C 208 38.93 3.10 45.40
N LYS C 209 38.19 2.39 46.26
CA LYS C 209 38.66 1.11 46.82
C LYS C 209 39.10 0.16 45.71
N VAL C 210 38.39 0.18 44.59
CA VAL C 210 38.71 -0.74 43.49
C VAL C 210 40.16 -0.58 43.06
N SER C 211 40.65 0.66 42.95
CA SER C 211 42.03 0.86 42.55
C SER C 211 43.00 0.23 43.55
N ASP C 212 42.69 0.34 44.85
CA ASP C 212 43.49 -0.37 45.84
C ASP C 212 43.57 -1.85 45.51
N ARG C 213 42.41 -2.48 45.25
CA ARG C 213 42.45 -3.90 44.89
C ARG C 213 43.36 -4.13 43.71
N ILE C 214 43.27 -3.28 42.69
CA ILE C 214 44.04 -3.51 41.48
C ILE C 214 45.53 -3.42 41.79
N LEU C 215 45.90 -2.49 42.67
CA LEU C 215 47.30 -2.37 43.06
C LEU C 215 47.75 -3.59 43.85
N LYS C 216 46.86 -4.15 44.66
CA LYS C 216 47.23 -5.24 45.55
C LYS C 216 47.23 -6.58 44.83
N GLU C 217 46.22 -6.83 43.98
CA GLU C 217 45.95 -8.18 43.49
C GLU C 217 46.36 -8.45 42.05
N VAL C 218 46.45 -7.43 41.20
CA VAL C 218 46.57 -7.63 39.76
C VAL C 218 47.98 -7.36 39.28
N TYR C 219 48.58 -6.26 39.72
CA TYR C 219 49.90 -5.91 39.23
C TYR C 219 50.88 -5.89 40.38
N GLY C 220 52.16 -5.88 40.02
CA GLY C 220 53.25 -5.78 40.97
C GLY C 220 53.82 -4.39 40.98
N ASP C 221 55.15 -4.30 41.06
CA ASP C 221 55.80 -3.00 41.12
C ASP C 221 55.64 -2.22 39.82
N ASN C 222 55.28 -2.87 38.72
CA ASN C 222 55.11 -2.16 37.46
C ASN C 222 53.97 -1.14 37.45
N ALA C 223 53.06 -1.21 38.42
CA ALA C 223 51.91 -0.31 38.45
C ALA C 223 52.11 0.81 39.47
N THR C 224 51.68 2.01 39.11
CA THR C 224 51.66 3.15 40.02
C THR C 224 50.35 3.90 39.81
N ARG C 225 49.96 4.65 40.84
CA ARG C 225 48.68 5.32 40.88
C ARG C 225 48.84 6.82 41.09
N VAL C 226 48.16 7.60 40.24
CA VAL C 226 47.97 9.04 40.44
C VAL C 226 46.58 9.22 41.01
N THR C 227 46.53 9.73 42.24
CA THR C 227 45.29 10.02 42.93
C THR C 227 44.98 11.48 42.73
N ILE C 228 43.77 11.77 42.24
CA ILE C 228 43.33 13.15 42.08
C ILE C 228 42.34 13.39 43.20
N GLU C 229 42.76 14.13 44.23
CA GLU C 229 41.88 14.39 45.36
C GLU C 229 40.69 15.23 44.91
N ASN C 230 39.51 14.83 45.39
CA ASN C 230 38.20 15.45 45.23
C ASN C 230 37.55 15.16 43.88
N ALA C 231 38.24 14.48 42.95
CA ALA C 231 37.67 14.30 41.63
C ALA C 231 36.52 13.30 41.65
N ASP C 232 35.58 13.50 40.72
CA ASP C 232 34.50 12.55 40.51
C ASP C 232 34.95 11.54 39.46
N HIS C 233 34.03 10.73 38.96
CA HIS C 233 34.40 9.55 38.19
C HIS C 233 35.20 9.92 36.93
N THR C 234 34.72 10.87 36.11
CA THR C 234 35.44 11.17 34.88
C THR C 234 36.27 12.44 34.97
N PHE C 235 36.67 12.86 36.16
CA PHE C 235 37.54 14.01 36.33
C PHE C 235 36.92 15.26 35.72
N LYS C 236 35.66 15.53 36.08
CA LYS C 236 34.84 16.52 35.39
C LYS C 236 35.09 17.93 35.97
N SER C 237 36.32 18.41 35.78
CA SER C 237 36.62 19.84 35.97
C SER C 237 37.89 20.13 35.19
N LEU C 238 38.17 21.42 34.98
CA LEU C 238 39.35 21.80 34.23
C LEU C 238 40.64 21.33 34.91
N GLU C 239 40.75 21.54 36.22
CA GLU C 239 41.98 21.16 36.92
C GLU C 239 42.14 19.64 36.95
N TRP C 240 41.05 18.94 37.25
CA TRP C 240 41.09 17.49 37.36
C TRP C 240 41.46 16.84 36.03
N GLU C 241 40.82 17.31 34.95
CA GLU C 241 41.13 16.68 33.66
C GLU C 241 42.53 17.05 33.20
N LYS C 242 42.98 18.28 33.49
CA LYS C 242 44.35 18.63 33.15
C LYS C 242 45.33 17.70 33.86
N LYS C 243 45.08 17.40 35.13
CA LYS C 243 45.99 16.49 35.85
C LYS C 243 45.98 15.10 35.23
N ALA C 244 44.79 14.57 34.94
CA ALA C 244 44.72 13.23 34.37
C ALA C 244 45.47 13.17 33.04
N ILE C 245 45.20 14.15 32.16
CA ILE C 245 45.79 14.15 30.83
C ILE C 245 47.31 14.34 30.91
N GLU C 246 47.78 15.29 31.73
CA GLU C 246 49.21 15.55 31.80
C GLU C 246 49.98 14.36 32.38
N GLU C 247 49.47 13.76 33.47
CA GLU C 247 50.13 12.59 34.02
C GLU C 247 50.16 11.46 32.99
N SER C 248 49.06 11.28 32.24
CA SER C 248 49.00 10.16 31.30
C SER C 248 49.89 10.41 30.07
N VAL C 249 49.94 11.66 29.59
CA VAL C 249 50.82 11.99 28.47
C VAL C 249 52.28 11.81 28.87
N GLU C 250 52.67 12.30 30.05
CA GLU C 250 54.07 12.15 30.45
C GLU C 250 54.41 10.68 30.71
N PHE C 251 53.48 9.91 31.27
CA PHE C 251 53.71 8.47 31.42
C PHE C 251 53.93 7.79 30.07
N PHE C 252 53.04 8.03 29.10
CA PHE C 252 53.23 7.42 27.79
C PHE C 252 54.48 7.96 27.10
N LYS C 253 54.83 9.22 27.34
CA LYS C 253 56.02 9.82 26.75
C LYS C 253 57.29 9.16 27.29
N LYS C 254 57.32 8.86 28.59
CA LYS C 254 58.45 8.16 29.15
C LYS C 254 58.50 6.70 28.67
N GLU C 255 57.36 6.01 28.69
CA GLU C 255 57.37 4.56 28.52
C GLU C 255 57.30 4.10 27.08
N LEU C 256 56.67 4.89 26.20
CA LEU C 256 56.58 4.57 24.80
C LEU C 256 57.79 5.09 24.04
N LEU C 257 58.08 6.42 24.13
CA LEU C 257 59.20 7.03 23.46
C LEU C 257 60.50 6.62 24.14
N LYS C 258 60.61 5.32 24.52
CA LYS C 258 61.76 4.76 25.18
C LYS C 258 61.90 3.30 24.82
N GLY C 259 63.10 2.84 24.46
CA GLY C 259 63.29 1.42 24.16
C GLY C 259 62.10 0.68 23.58
N MET D 1 23.86 4.97 3.57
CA MET D 1 25.30 5.18 3.71
C MET D 1 25.63 6.32 4.66
N GLN D 2 26.73 6.15 5.38
CA GLN D 2 27.25 7.12 6.32
C GLN D 2 28.71 7.40 5.97
N LYS D 3 29.07 8.70 5.85
CA LYS D 3 30.43 9.04 5.49
C LYS D 3 30.89 10.19 6.39
N ALA D 4 32.17 10.14 6.79
CA ALA D 4 32.76 11.24 7.52
C ALA D 4 33.02 12.39 6.57
N VAL D 5 32.79 13.61 7.03
CA VAL D 5 32.96 14.80 6.20
C VAL D 5 33.66 15.90 6.99
N GLU D 6 34.22 16.85 6.24
CA GLU D 6 34.91 18.02 6.81
C GLU D 6 34.52 19.30 6.08
N ILE D 7 34.69 20.41 6.80
CA ILE D 7 34.61 21.76 6.26
C ILE D 7 35.80 22.52 6.82
N THR D 8 36.45 23.35 6.00
CA THR D 8 37.49 24.23 6.51
C THR D 8 37.22 25.65 6.04
N TYR D 9 37.08 26.57 7.00
CA TYR D 9 36.87 27.98 6.67
C TYR D 9 37.50 28.84 7.76
N ASN D 10 38.12 29.94 7.34
CA ASN D 10 38.76 30.90 8.25
C ASN D 10 39.73 30.22 9.21
N GLY D 11 40.49 29.26 8.70
CA GLY D 11 41.44 28.55 9.53
C GLY D 11 40.82 27.62 10.55
N LYS D 12 39.56 27.24 10.35
CA LYS D 12 38.80 26.39 11.26
C LYS D 12 38.36 25.13 10.54
N THR D 13 38.47 23.99 11.21
CA THR D 13 38.02 22.72 10.64
C THR D 13 36.84 22.17 11.42
N LEU D 14 35.72 21.95 10.72
CA LEU D 14 34.52 21.32 11.24
C LEU D 14 34.48 19.88 10.76
N ARG D 15 34.18 18.95 11.67
CA ARG D 15 34.12 17.53 11.36
C ARG D 15 32.71 17.01 11.63
N GLY D 16 32.18 16.22 10.69
CA GLY D 16 30.86 15.68 10.88
C GLY D 16 30.59 14.37 10.16
N MET D 17 29.32 14.01 10.09
CA MET D 17 28.83 12.80 9.44
C MET D 17 27.72 13.14 8.46
N MET D 18 27.73 12.46 7.32
CA MET D 18 26.73 12.62 6.27
C MET D 18 26.07 11.27 6.00
N HIS D 19 24.74 11.28 5.99
CA HIS D 19 23.91 10.11 5.79
C HIS D 19 23.14 10.27 4.49
N LEU D 20 23.24 9.26 3.62
CA LEU D 20 22.48 9.21 2.37
C LEU D 20 21.72 7.89 2.25
N PRO D 21 20.50 7.90 1.72
CA PRO D 21 19.72 6.65 1.47
C PRO D 21 20.30 5.88 0.31
N ASP D 22 20.72 4.62 0.52
CA ASP D 22 21.39 3.82 -0.51
C ASP D 22 20.46 3.38 -1.63
N ASP D 23 19.20 2.95 -1.32
CA ASP D 23 18.27 2.35 -2.26
C ASP D 23 17.63 3.32 -3.23
N VAL D 24 18.25 4.48 -3.52
CA VAL D 24 17.74 5.37 -4.53
C VAL D 24 18.87 6.30 -4.91
N LYS D 25 18.77 6.93 -6.12
CA LYS D 25 19.82 7.81 -6.58
C LYS D 25 19.22 9.12 -7.04
N GLY D 26 20.02 10.20 -7.00
CA GLY D 26 19.56 11.52 -7.41
C GLY D 26 19.62 12.52 -6.29
N LYS D 27 18.91 13.66 -6.41
CA LYS D 27 18.87 14.60 -5.31
C LYS D 27 17.81 14.13 -4.31
N VAL D 28 18.17 14.20 -3.02
CA VAL D 28 17.31 13.71 -1.94
C VAL D 28 17.10 14.85 -0.96
N PRO D 29 16.03 14.80 -0.17
CA PRO D 29 15.89 15.75 0.94
C PRO D 29 17.02 15.55 1.94
N MET D 30 17.43 16.65 2.56
CA MET D 30 18.54 16.65 3.50
C MET D 30 18.13 17.44 4.73
N VAL D 31 18.38 16.87 5.91
CA VAL D 31 18.13 17.54 7.18
C VAL D 31 19.47 17.82 7.84
N ILE D 32 19.67 19.06 8.25
CA ILE D 32 20.89 19.47 8.94
C ILE D 32 20.55 19.52 10.42
N MET D 33 21.37 18.87 11.25
CA MET D 33 21.09 18.70 12.67
C MET D 33 22.10 19.47 13.51
N PHE D 34 21.59 20.24 14.47
CA PHE D 34 22.40 21.10 15.33
C PHE D 34 22.36 20.60 16.76
N HIS D 35 23.53 20.30 17.33
CA HIS D 35 23.62 19.85 18.71
C HIS D 35 23.64 21.05 19.67
N GLY D 36 23.47 20.75 20.96
CA GLY D 36 23.30 21.76 21.97
C GLY D 36 24.56 22.09 22.76
N PHE D 37 24.35 22.91 23.79
CA PHE D 37 25.42 23.53 24.58
C PHE D 37 26.16 22.46 25.39
N THR D 38 27.44 22.26 25.07
CA THR D 38 28.34 21.20 25.53
C THR D 38 27.98 19.84 24.94
N GLY D 39 27.05 19.78 24.00
CA GLY D 39 26.77 18.57 23.26
C GLY D 39 27.72 18.39 22.09
N ASN D 40 27.43 17.38 21.27
CA ASN D 40 28.21 17.10 20.09
C ASN D 40 27.33 16.32 19.12
N LYS D 41 27.83 16.14 17.90
CA LYS D 41 27.00 15.68 16.79
C LYS D 41 26.28 14.38 17.07
N VAL D 42 26.82 13.53 17.95
CA VAL D 42 26.13 12.31 18.35
C VAL D 42 24.93 12.61 19.25
N GLU D 43 25.08 13.58 20.15
CA GLU D 43 24.10 13.96 21.17
C GLU D 43 23.76 12.88 22.20
N SER D 44 22.90 13.26 23.15
CA SER D 44 22.59 12.46 24.31
C SER D 44 22.00 11.11 23.91
N HIS D 45 22.51 10.05 24.53
CA HIS D 45 22.18 8.64 24.22
C HIS D 45 22.06 8.41 22.72
N PHE D 46 22.99 9.00 21.96
CA PHE D 46 23.17 8.76 20.53
C PHE D 46 21.97 9.21 19.69
N ILE D 47 21.11 10.06 20.26
CA ILE D 47 19.81 10.33 19.64
C ILE D 47 19.95 10.92 18.23
N PHE D 48 21.01 11.69 17.96
CA PHE D 48 21.18 12.20 16.61
C PHE D 48 21.52 11.09 15.61
N VAL D 49 22.43 10.19 15.99
CA VAL D 49 22.80 9.10 15.08
C VAL D 49 21.55 8.32 14.69
N LYS D 50 20.79 7.93 15.71
CA LYS D 50 19.53 7.24 15.49
C LYS D 50 18.63 8.02 14.53
N MET D 51 18.53 9.34 14.75
CA MET D 51 17.65 10.15 13.91
C MET D 51 18.09 10.07 12.46
N SER D 52 19.40 10.21 12.22
CA SER D 52 19.89 10.13 10.85
C SER D 52 19.53 8.78 10.25
N ARG D 53 19.73 7.72 11.01
CA ARG D 53 19.42 6.39 10.49
C ARG D 53 17.92 6.26 10.24
N ALA D 54 17.10 6.82 11.13
CA ALA D 54 15.65 6.77 10.92
C ALA D 54 15.28 7.54 9.67
N LEU D 55 16.01 8.61 9.36
CA LEU D 55 15.75 9.32 8.12
C LEU D 55 16.21 8.53 6.91
N GLU D 56 17.31 7.78 7.06
CA GLU D 56 17.81 6.98 5.95
C GLU D 56 16.72 6.07 5.41
N LYS D 57 15.97 5.44 6.31
CA LYS D 57 14.95 4.49 5.88
C LYS D 57 13.81 5.15 5.12
N VAL D 58 13.56 6.43 5.34
CA VAL D 58 12.46 7.10 4.66
C VAL D 58 12.95 7.93 3.47
N GLY D 59 14.18 7.70 3.04
CA GLY D 59 14.69 8.37 1.86
C GLY D 59 15.16 9.79 2.09
N ILE D 60 15.47 10.15 3.33
CA ILE D 60 15.94 11.49 3.65
C ILE D 60 17.36 11.38 4.16
N GLY D 61 18.26 12.16 3.56
CA GLY D 61 19.63 12.24 4.04
C GLY D 61 19.77 13.28 5.15
N SER D 62 20.96 13.32 5.74
CA SER D 62 21.17 14.24 6.85
C SER D 62 22.66 14.54 7.01
N VAL D 63 22.94 15.66 7.65
CA VAL D 63 24.31 15.98 8.06
C VAL D 63 24.31 16.48 9.50
N ARG D 64 25.36 16.09 10.24
CA ARG D 64 25.53 16.48 11.64
C ARG D 64 27.00 16.79 11.86
N PHE D 65 27.36 18.02 12.22
CA PHE D 65 28.74 18.32 12.54
C PHE D 65 28.86 18.76 13.99
N ASP D 66 30.08 18.69 14.51
CA ASP D 66 30.43 19.30 15.78
C ASP D 66 30.76 20.77 15.55
N PHE D 67 30.18 21.65 16.36
CA PHE D 67 30.53 23.06 16.28
C PHE D 67 32.00 23.26 16.64
N TYR D 68 32.57 24.33 16.14
CA TYR D 68 33.95 24.67 16.49
C TYR D 68 34.09 24.83 18.00
N GLY D 69 35.06 24.12 18.57
CA GLY D 69 35.23 24.07 20.00
C GLY D 69 34.57 22.89 20.71
N SER D 70 33.85 22.04 19.99
CA SER D 70 33.17 20.91 20.60
C SER D 70 33.48 19.62 19.84
N GLY D 71 33.38 18.49 20.56
CA GLY D 71 33.51 17.15 20.02
C GLY D 71 34.74 16.90 19.19
N GLU D 72 34.54 16.45 17.94
CA GLU D 72 35.69 16.18 17.08
C GLU D 72 36.23 17.42 16.38
N SER D 73 35.45 18.50 16.28
CA SER D 73 35.91 19.67 15.55
C SER D 73 37.06 20.36 16.27
N ASP D 74 37.78 21.21 15.53
CA ASP D 74 38.89 21.96 16.10
C ASP D 74 38.41 22.95 17.17
N GLY D 75 39.37 23.47 17.91
CA GLY D 75 39.17 24.61 18.77
C GLY D 75 38.95 24.24 20.22
N ASP D 76 39.26 25.21 21.09
CA ASP D 76 38.99 25.11 22.51
C ASP D 76 37.60 25.67 22.79
N PHE D 77 36.90 25.05 23.73
CA PHE D 77 35.56 25.50 24.06
C PHE D 77 35.56 26.97 24.45
N SER D 78 36.64 27.42 25.11
CA SER D 78 36.75 28.82 25.51
C SER D 78 36.70 29.78 24.34
N GLU D 79 37.01 29.32 23.14
CA GLU D 79 36.99 30.18 21.98
C GLU D 79 35.58 30.36 21.43
N MET D 80 34.63 29.54 21.87
CA MET D 80 33.31 29.49 21.25
C MET D 80 32.38 30.58 21.77
N THR D 81 31.57 31.11 20.86
CA THR D 81 30.42 31.93 21.20
C THR D 81 29.21 31.41 20.43
N PHE D 82 28.03 31.86 20.85
CA PHE D 82 26.82 31.53 20.12
C PHE D 82 26.91 32.01 18.68
N SER D 83 27.52 33.19 18.46
CA SER D 83 27.63 33.75 17.12
C SER D 83 28.60 32.94 16.26
N SER D 84 29.70 32.46 16.85
CA SER D 84 30.59 31.62 16.06
C SER D 84 29.89 30.32 15.68
N GLU D 85 29.01 29.81 16.54
CA GLU D 85 28.24 28.64 16.15
C GLU D 85 27.22 28.96 15.05
N LEU D 86 26.64 30.16 15.07
CA LEU D 86 25.82 30.57 13.93
C LEU D 86 26.61 30.58 12.64
N GLU D 87 27.82 31.12 12.67
CA GLU D 87 28.63 31.13 11.47
C GLU D 87 28.99 29.71 11.03
N ASP D 88 29.32 28.84 12.00
CA ASP D 88 29.53 27.43 11.71
C ASP D 88 28.30 26.84 11.02
N ALA D 89 27.11 27.16 11.52
CA ALA D 89 25.88 26.64 10.93
C ALA D 89 25.71 27.12 9.50
N ARG D 90 26.01 28.39 9.26
CA ARG D 90 25.92 28.92 7.89
C ARG D 90 26.89 28.20 6.97
N GLN D 91 28.09 27.89 7.47
CA GLN D 91 29.06 27.16 6.66
C GLN D 91 28.60 25.73 6.38
N ILE D 92 27.94 25.10 7.35
CA ILE D 92 27.43 23.75 7.15
C ILE D 92 26.31 23.74 6.12
N LEU D 93 25.42 24.75 6.17
CA LEU D 93 24.40 24.88 5.13
C LEU D 93 25.04 25.04 3.75
N LYS D 94 26.09 25.86 3.66
CA LYS D 94 26.79 26.02 2.38
C LYS D 94 27.30 24.67 1.86
N PHE D 95 27.94 23.88 2.74
CA PHE D 95 28.44 22.56 2.39
C PHE D 95 27.36 21.66 1.90
N VAL D 96 26.20 21.68 2.59
CA VAL D 96 25.08 20.86 2.19
C VAL D 96 24.60 21.26 0.79
N LYS D 97 24.47 22.56 0.54
CA LYS D 97 23.99 23.04 -0.76
C LYS D 97 24.97 22.76 -1.88
N GLU D 98 26.25 22.53 -1.56
CA GLU D 98 27.23 22.19 -2.58
C GLU D 98 27.24 20.71 -2.94
N GLN D 99 26.62 19.85 -2.15
CA GLN D 99 26.68 18.41 -2.42
C GLN D 99 25.79 18.06 -3.60
N PRO D 100 26.29 17.33 -4.59
CA PRO D 100 25.48 17.05 -5.79
C PRO D 100 24.26 16.19 -5.51
N THR D 101 24.20 15.51 -4.36
CA THR D 101 23.05 14.70 -3.99
C THR D 101 22.01 15.47 -3.18
N THR D 102 22.20 16.78 -3.01
CA THR D 102 21.30 17.60 -2.22
C THR D 102 20.21 18.21 -3.10
N ASP D 103 18.97 17.97 -2.72
CA ASP D 103 17.83 18.63 -3.34
C ASP D 103 17.71 20.03 -2.75
N PRO D 104 17.94 21.08 -3.55
CA PRO D 104 18.00 22.45 -2.98
C PRO D 104 16.71 22.92 -2.33
N GLU D 105 15.53 22.50 -2.82
CA GLU D 105 14.27 22.85 -2.19
C GLU D 105 13.81 21.85 -1.14
N ARG D 106 14.65 20.89 -0.77
CA ARG D 106 14.26 19.92 0.23
C ARG D 106 15.24 19.90 1.39
N ILE D 107 15.61 21.07 1.90
CA ILE D 107 16.56 21.18 2.98
C ILE D 107 15.80 21.57 4.24
N GLY D 108 15.88 20.73 5.26
CA GLY D 108 15.25 21.01 6.53
C GLY D 108 16.27 21.21 7.62
N LEU D 109 15.88 21.91 8.68
CA LEU D 109 16.76 22.15 9.82
C LEU D 109 16.16 21.49 11.05
N LEU D 110 17.03 20.90 11.85
CA LEU D 110 16.68 20.29 13.12
C LEU D 110 17.72 20.74 14.13
N GLY D 111 17.27 21.10 15.33
CA GLY D 111 18.18 21.54 16.37
C GLY D 111 17.71 21.08 17.73
N LEU D 112 18.64 20.67 18.59
CA LEU D 112 18.31 20.29 19.95
C LEU D 112 18.86 21.31 20.94
N SER D 113 18.03 21.68 21.92
CA SER D 113 18.39 22.55 23.03
C SER D 113 18.91 23.87 22.47
N MET D 114 20.13 24.30 22.81
CA MET D 114 20.64 25.56 22.28
C MET D 114 20.78 25.49 20.77
N GLY D 115 21.01 24.30 20.22
CA GLY D 115 21.05 24.16 18.78
C GLY D 115 19.74 24.55 18.11
N GLY D 116 18.62 24.36 18.82
CA GLY D 116 17.35 24.81 18.29
C GLY D 116 17.34 26.32 18.12
N ALA D 117 17.94 27.04 19.07
CA ALA D 117 18.10 28.48 18.92
C ALA D 117 18.88 28.80 17.66
N ILE D 118 19.95 28.03 17.39
CA ILE D 118 20.62 28.16 16.11
C ILE D 118 19.65 27.89 14.96
N ALA D 119 18.96 26.75 15.02
CA ALA D 119 18.12 26.35 13.89
C ALA D 119 17.04 27.38 13.60
N GLY D 120 16.41 27.91 14.65
CA GLY D 120 15.39 28.92 14.45
C GLY D 120 15.93 30.17 13.76
N ILE D 121 17.12 30.61 14.16
CA ILE D 121 17.66 31.85 13.58
C ILE D 121 18.08 31.62 12.14
N VAL D 122 18.83 30.54 11.88
CA VAL D 122 19.26 30.25 10.52
C VAL D 122 18.05 30.10 9.61
N ALA D 123 17.02 29.40 10.07
CA ALA D 123 15.81 29.25 9.28
C ALA D 123 15.24 30.60 8.91
N ARG D 124 15.24 31.55 9.85
CA ARG D 124 14.77 32.88 9.51
C ARG D 124 15.70 33.56 8.51
N GLU D 125 17.02 33.45 8.70
CA GLU D 125 17.94 34.15 7.81
C GLU D 125 17.82 33.65 6.37
N TYR D 126 17.47 32.38 6.21
CA TYR D 126 17.32 31.74 4.91
C TYR D 126 15.88 31.25 4.72
N LYS D 127 14.90 32.08 5.09
CA LYS D 127 13.52 31.59 5.18
C LYS D 127 13.00 31.11 3.84
N ASP D 128 13.54 31.63 2.74
CA ASP D 128 13.05 31.28 1.41
C ASP D 128 13.70 30.02 0.85
N GLU D 129 14.74 29.49 1.49
CA GLU D 129 15.42 28.31 0.98
C GLU D 129 15.54 27.20 2.04
N ILE D 130 14.89 27.36 3.18
CA ILE D 130 14.79 26.31 4.19
C ILE D 130 13.36 25.81 4.17
N LYS D 131 13.18 24.55 3.76
CA LYS D 131 11.85 24.04 3.47
C LYS D 131 11.05 23.73 4.73
N ALA D 132 11.70 23.23 5.78
CA ALA D 132 10.99 22.87 7.00
C ALA D 132 11.92 22.94 8.20
N LEU D 133 11.31 23.10 9.38
CA LEU D 133 12.04 23.31 10.63
C LEU D 133 11.47 22.43 11.73
N VAL D 134 12.35 21.69 12.41
CA VAL D 134 12.01 20.90 13.59
C VAL D 134 12.82 21.44 14.76
N LEU D 135 12.15 21.65 15.89
CA LEU D 135 12.77 22.18 17.10
C LEU D 135 12.57 21.17 18.22
N TRP D 136 13.69 20.67 18.77
CA TRP D 136 13.69 19.75 19.92
C TRP D 136 14.13 20.53 21.16
N ALA D 137 13.20 20.70 22.10
CA ALA D 137 13.39 21.46 23.34
C ALA D 137 14.16 22.74 23.06
N PRO D 138 13.71 23.61 22.17
CA PRO D 138 14.52 24.75 21.75
C PRO D 138 14.72 25.72 22.90
N ALA D 139 15.97 26.12 23.12
CA ALA D 139 16.32 26.99 24.26
C ALA D 139 16.32 28.46 23.85
N PHE D 140 15.13 28.95 23.44
CA PHE D 140 15.04 30.35 23.04
C PHE D 140 15.30 31.30 24.21
N ASN D 141 15.14 30.83 25.44
CA ASN D 141 15.45 31.61 26.64
C ASN D 141 16.92 31.49 27.05
N MET D 142 17.76 30.98 26.15
CA MET D 142 19.18 30.83 26.45
C MET D 142 19.84 32.08 27.00
N PRO D 143 19.60 33.30 26.48
CA PRO D 143 20.20 34.47 27.13
C PRO D 143 19.80 34.61 28.59
N GLU D 144 18.53 34.35 28.90
CA GLU D 144 18.07 34.42 30.29
C GLU D 144 18.71 33.33 31.14
N LEU D 145 18.81 32.11 30.60
CA LEU D 145 19.43 31.04 31.36
C LEU D 145 20.88 31.37 31.67
N ILE D 146 21.60 31.95 30.70
CA ILE D 146 23.00 32.28 30.92
C ILE D 146 23.14 33.38 31.95
N MET D 147 22.27 34.41 31.89
CA MET D 147 22.32 35.48 32.84
C MET D 147 22.07 34.99 34.24
N ASN D 148 21.02 34.17 34.44
CA ASN D 148 20.77 33.60 35.77
C ASN D 148 21.95 32.77 36.24
N GLU D 149 22.57 32.00 35.32
CA GLU D 149 23.72 31.21 35.75
C GLU D 149 24.90 32.10 36.13
N SER D 150 25.13 33.17 35.37
CA SER D 150 26.25 34.04 35.69
C SER D 150 26.04 34.77 37.00
N VAL D 151 24.83 35.29 37.25
CA VAL D 151 24.64 36.10 38.45
C VAL D 151 24.33 35.28 39.68
N LYS D 152 23.93 34.00 39.54
CA LYS D 152 23.60 33.21 40.69
C LYS D 152 24.63 32.16 41.00
N GLN D 153 25.42 31.71 40.01
CA GLN D 153 26.36 30.64 40.18
C GLN D 153 27.79 30.99 39.88
N TYR D 154 28.07 31.58 38.70
CA TYR D 154 29.40 31.85 38.22
C TYR D 154 30.17 32.78 39.14
N GLY D 155 29.60 33.99 39.39
CA GLY D 155 30.17 34.94 40.35
C GLY D 155 31.29 35.83 39.85
N ALA D 156 32.10 36.33 40.82
CA ALA D 156 33.19 37.28 40.57
C ALA D 156 34.28 36.72 39.66
N ILE D 157 34.42 35.39 39.61
CA ILE D 157 35.45 34.76 38.79
C ILE D 157 35.30 35.17 37.33
N MET D 158 34.08 35.36 36.85
CA MET D 158 33.93 35.74 35.45
C MET D 158 34.60 37.08 35.16
N GLU D 159 34.41 38.07 36.04
CA GLU D 159 35.12 39.33 35.89
C GLU D 159 36.58 39.25 36.32
N GLN D 160 36.91 38.38 37.27
CA GLN D 160 38.27 38.34 37.78
C GLN D 160 39.19 37.52 36.88
N LEU D 161 38.75 36.34 36.43
CA LEU D 161 39.60 35.45 35.66
C LEU D 161 39.23 35.38 34.18
N GLY D 162 38.05 35.89 33.80
CA GLY D 162 37.61 35.87 32.43
C GLY D 162 36.93 34.60 31.97
N PHE D 163 36.63 33.67 32.88
CA PHE D 163 36.02 32.41 32.48
C PHE D 163 35.40 31.75 33.70
N VAL D 164 34.60 30.74 33.45
CA VAL D 164 34.10 29.85 34.50
C VAL D 164 34.23 28.41 34.03
N ASP D 165 34.38 27.51 35.00
CA ASP D 165 34.43 26.08 34.76
C ASP D 165 33.01 25.53 34.89
N ILE D 166 32.46 25.03 33.78
CA ILE D 166 31.11 24.50 33.77
C ILE D 166 31.11 22.98 33.73
N GLY D 167 32.16 22.35 34.27
CA GLY D 167 32.20 20.89 34.29
C GLY D 167 33.13 20.26 33.29
N GLY D 168 34.40 20.70 33.29
CA GLY D 168 35.33 20.25 32.28
C GLY D 168 35.29 21.02 30.98
N HIS D 169 34.67 22.20 30.97
CA HIS D 169 34.63 23.11 29.83
C HIS D 169 34.93 24.52 30.32
N LYS D 170 35.74 25.28 29.58
CA LYS D 170 36.05 26.65 29.96
C LYS D 170 35.10 27.59 29.21
N LEU D 171 34.12 28.13 29.91
CA LEU D 171 33.18 29.07 29.32
C LEU D 171 33.76 30.48 29.47
N SER D 172 34.06 31.10 28.34
CA SER D 172 34.66 32.42 28.30
C SER D 172 33.64 33.50 28.65
N LYS D 173 34.14 34.63 29.14
CA LYS D 173 33.26 35.79 29.37
C LYS D 173 32.69 36.31 28.06
N ASP D 174 33.41 36.09 26.94
CA ASP D 174 32.97 36.57 25.66
C ASP D 174 31.60 36.01 25.30
N PHE D 175 31.39 34.68 25.57
CA PHE D 175 30.11 34.05 25.27
C PHE D 175 28.99 34.73 26.00
N VAL D 176 29.19 35.04 27.30
CA VAL D 176 28.14 35.66 28.07
C VAL D 176 27.83 37.03 27.55
N GLU D 177 28.89 37.84 27.26
CA GLU D 177 28.65 39.16 26.70
C GLU D 177 27.87 39.03 25.40
N ASP D 178 28.27 38.11 24.54
CA ASP D 178 27.64 37.92 23.24
C ASP D 178 26.18 37.51 23.37
N ILE D 179 25.89 36.49 24.18
CA ILE D 179 24.53 35.97 24.27
C ILE D 179 23.62 36.99 24.94
N SER D 180 24.17 37.84 25.82
CA SER D 180 23.32 38.85 26.45
C SER D 180 22.73 39.82 25.45
N LYS D 181 23.32 39.91 24.25
CA LYS D 181 22.93 40.89 23.25
C LYS D 181 21.93 40.35 22.24
N LEU D 182 21.51 39.09 22.36
CA LEU D 182 20.68 38.42 21.36
C LEU D 182 19.32 38.08 21.94
N ASN D 183 18.28 38.22 21.12
CA ASN D 183 16.93 37.80 21.47
C ASN D 183 16.52 36.75 20.44
N ILE D 184 16.55 35.50 20.85
CA ILE D 184 16.29 34.38 19.94
C ILE D 184 14.87 34.45 19.42
N PHE D 185 13.93 34.87 20.28
CA PHE D 185 12.53 34.98 19.89
C PHE D 185 12.37 35.93 18.72
N GLU D 186 13.01 37.09 18.80
CA GLU D 186 12.91 38.07 17.73
C GLU D 186 13.68 37.63 16.50
N LEU D 187 14.86 37.04 16.70
CA LEU D 187 15.69 36.63 15.58
C LEU D 187 15.12 35.44 14.81
N SER D 188 14.21 34.68 15.41
CA SER D 188 13.55 33.59 14.71
C SER D 188 12.23 33.98 14.08
N LYS D 189 11.64 35.09 14.52
CA LYS D 189 10.34 35.52 14.04
C LYS D 189 10.43 35.90 12.55
N GLY D 190 9.48 35.41 11.77
CA GLY D 190 9.45 35.68 10.35
C GLY D 190 9.65 34.49 9.44
N TYR D 191 9.72 33.27 9.99
CA TYR D 191 9.82 32.06 9.17
C TYR D 191 8.42 31.51 8.93
N ASP D 192 8.04 31.37 7.66
CA ASP D 192 6.65 31.14 7.29
C ASP D 192 6.32 29.69 6.96
N LYS D 193 7.30 28.86 6.66
CA LYS D 193 7.05 27.49 6.26
C LYS D 193 6.74 26.64 7.50
N LYS D 194 6.43 25.36 7.28
CA LYS D 194 5.94 24.51 8.37
C LYS D 194 7.01 24.29 9.44
N VAL D 195 6.55 24.27 10.69
CA VAL D 195 7.41 24.14 11.86
C VAL D 195 6.83 23.12 12.83
N LEU D 196 7.70 22.26 13.36
CA LEU D 196 7.36 21.30 14.39
C LEU D 196 8.21 21.55 15.62
N ILE D 197 7.57 21.65 16.77
CA ILE D 197 8.24 21.74 18.06
C ILE D 197 7.92 20.46 18.83
N VAL D 198 8.95 19.77 19.29
CA VAL D 198 8.78 18.58 20.10
C VAL D 198 9.30 18.95 21.48
N HIS D 199 8.44 18.79 22.50
CA HIS D 199 8.85 19.27 23.81
C HIS D 199 8.34 18.30 24.87
N GLY D 200 9.15 18.07 25.89
CA GLY D 200 8.76 17.24 27.02
C GLY D 200 8.18 18.09 28.14
N THR D 201 7.18 17.53 28.82
CA THR D 201 6.50 18.26 29.89
C THR D 201 7.38 18.41 31.12
N ASN D 202 8.21 17.41 31.43
CA ASN D 202 9.10 17.47 32.58
C ASN D 202 10.50 17.94 32.20
N ASP D 203 10.61 18.77 31.17
CA ASP D 203 11.90 19.28 30.72
C ASP D 203 12.41 20.29 31.74
N GLU D 204 13.49 19.94 32.44
CA GLU D 204 14.02 20.78 33.50
C GLU D 204 15.19 21.64 33.05
N ALA D 205 15.62 21.52 31.80
CA ALA D 205 16.65 22.39 31.23
C ALA D 205 16.05 23.54 30.45
N VAL D 206 15.10 23.25 29.56
CA VAL D 206 14.33 24.24 28.85
C VAL D 206 12.86 23.99 29.23
N GLU D 207 12.32 24.83 30.10
CA GLU D 207 10.98 24.62 30.63
C GLU D 207 9.95 24.57 29.50
N TYR D 208 8.92 23.74 29.70
CA TYR D 208 7.88 23.56 28.70
C TYR D 208 7.21 24.88 28.35
N LYS D 209 7.10 25.80 29.32
CA LYS D 209 6.49 27.10 29.07
C LYS D 209 7.12 27.82 27.89
N VAL D 210 8.44 27.64 27.70
CA VAL D 210 9.13 28.30 26.60
C VAL D 210 8.48 27.93 25.28
N SER D 211 8.12 26.66 25.11
CA SER D 211 7.49 26.23 23.87
C SER D 211 6.18 26.98 23.65
N ASP D 212 5.43 27.23 24.74
CA ASP D 212 4.24 28.05 24.63
C ASP D 212 4.58 29.40 24.01
N ARG D 213 5.60 30.08 24.54
CA ARG D 213 6.01 31.37 23.99
C ARG D 213 6.31 31.24 22.50
N ILE D 214 6.99 30.16 22.11
CA ILE D 214 7.39 30.03 20.72
C ILE D 214 6.17 29.96 19.81
N LEU D 215 5.13 29.27 20.27
CA LEU D 215 3.89 29.23 19.49
C LEU D 215 3.20 30.59 19.51
N LYS D 216 3.30 31.30 20.62
CA LYS D 216 2.57 32.56 20.79
C LYS D 216 3.29 33.73 20.14
N GLU D 217 4.62 33.80 20.29
CA GLU D 217 5.37 35.00 19.95
C GLU D 217 6.18 34.89 18.67
N VAL D 218 6.50 33.68 18.23
CA VAL D 218 7.45 33.48 17.14
C VAL D 218 6.75 33.02 15.87
N TYR D 219 5.86 32.04 15.97
CA TYR D 219 5.26 31.44 14.79
C TYR D 219 3.74 31.59 14.81
N GLY D 220 3.14 31.36 13.66
CA GLY D 220 1.68 31.37 13.48
C GLY D 220 1.10 29.98 13.39
N ASP D 221 0.13 29.83 12.49
CA ASP D 221 -0.49 28.53 12.27
C ASP D 221 0.46 27.55 11.59
N ASN D 222 1.56 28.04 11.02
CA ASN D 222 2.57 27.17 10.43
C ASN D 222 3.27 26.30 11.46
N ALA D 223 3.16 26.63 12.74
CA ALA D 223 3.82 25.88 13.80
C ALA D 223 2.84 24.96 14.50
N THR D 224 3.33 23.77 14.83
CA THR D 224 2.60 22.75 15.58
C THR D 224 3.55 22.15 16.60
N ARG D 225 2.99 21.66 17.71
CA ARG D 225 3.78 21.13 18.81
C ARG D 225 3.32 19.72 19.14
N VAL D 226 4.28 18.81 19.20
CA VAL D 226 4.11 17.48 19.75
C VAL D 226 4.63 17.52 21.17
N THR D 227 3.70 17.28 22.10
CA THR D 227 4.00 17.21 23.51
C THR D 227 4.23 15.75 23.87
N ILE D 228 5.36 15.48 24.52
CA ILE D 228 5.66 14.13 24.97
C ILE D 228 5.45 14.07 26.48
N GLU D 229 4.46 13.28 26.88
CA GLU D 229 4.14 13.14 28.28
C GLU D 229 5.32 12.62 29.07
N ASN D 230 5.61 13.31 30.18
CA ASN D 230 6.57 12.90 31.17
C ASN D 230 8.04 13.07 30.73
N ALA D 231 8.31 13.46 29.48
CA ALA D 231 9.67 13.45 28.96
C ALA D 231 10.57 14.49 29.61
N ASP D 232 11.85 14.16 29.69
CA ASP D 232 12.86 15.11 30.14
C ASP D 232 13.43 15.88 28.95
N HIS D 233 14.51 16.61 29.19
CA HIS D 233 15.01 17.55 28.19
C HIS D 233 15.40 16.86 26.88
N THR D 234 16.22 15.80 26.95
CA THR D 234 16.71 15.14 25.75
C THR D 234 15.98 13.85 25.45
N PHE D 235 14.77 13.67 25.99
CA PHE D 235 13.93 12.49 25.71
C PHE D 235 14.65 11.21 26.11
N LYS D 236 15.16 11.18 27.34
CA LYS D 236 16.09 10.13 27.76
C LYS D 236 15.31 8.90 28.24
N SER D 237 14.62 8.27 27.29
CA SER D 237 14.11 6.92 27.47
C SER D 237 13.85 6.31 26.10
N LEU D 238 13.74 4.99 26.07
CA LEU D 238 13.50 4.30 24.81
C LEU D 238 12.18 4.76 24.20
N GLU D 239 11.13 4.85 25.01
CA GLU D 239 9.82 5.26 24.49
C GLU D 239 9.83 6.73 24.09
N TRP D 240 10.39 7.59 24.94
CA TRP D 240 10.41 9.02 24.64
C TRP D 240 11.22 9.30 23.40
N GLU D 241 12.39 8.67 23.26
CA GLU D 241 13.19 8.95 22.08
C GLU D 241 12.56 8.33 20.85
N LYS D 242 11.92 7.17 20.98
CA LYS D 242 11.23 6.61 19.83
C LYS D 242 10.13 7.56 19.34
N LYS D 243 9.35 8.13 20.28
CA LYS D 243 8.31 9.06 19.88
C LYS D 243 8.89 10.29 19.21
N ALA D 244 9.92 10.88 19.81
CA ALA D 244 10.51 12.08 19.24
C ALA D 244 11.01 11.82 17.83
N ILE D 245 11.76 10.73 17.65
CA ILE D 245 12.36 10.43 16.35
C ILE D 245 11.28 10.14 15.32
N GLU D 246 10.29 9.32 15.67
CA GLU D 246 9.27 8.97 14.68
C GLU D 246 8.42 10.17 14.28
N GLU D 247 8.02 11.00 15.26
CA GLU D 247 7.26 12.19 14.93
C GLU D 247 8.06 13.12 14.01
N SER D 248 9.36 13.28 14.29
CA SER D 248 10.15 14.19 13.48
C SER D 248 10.42 13.61 12.09
N VAL D 249 10.61 12.31 12.00
CA VAL D 249 10.80 11.66 10.70
C VAL D 249 9.56 11.82 9.86
N GLU D 250 8.38 11.59 10.44
CA GLU D 250 7.14 11.70 9.68
C GLU D 250 6.86 13.16 9.29
N PHE D 251 7.18 14.11 10.17
CA PHE D 251 7.03 15.52 9.80
C PHE D 251 7.93 15.89 8.62
N PHE D 252 9.22 15.53 8.67
CA PHE D 252 10.09 15.83 7.55
C PHE D 252 9.69 15.06 6.30
N LYS D 253 9.16 13.85 6.46
CA LYS D 253 8.71 13.09 5.30
C LYS D 253 7.52 13.75 4.62
N LYS D 254 6.56 14.22 5.41
CA LYS D 254 5.40 14.88 4.81
C LYS D 254 5.79 16.21 4.21
N GLU D 255 6.63 16.99 4.90
CA GLU D 255 6.86 18.36 4.48
C GLU D 255 8.00 18.50 3.46
N LEU D 256 8.98 17.59 3.49
CA LEU D 256 10.03 17.63 2.48
C LEU D 256 9.72 16.78 1.26
N LEU D 257 9.00 15.67 1.41
CA LEU D 257 8.69 14.84 0.25
C LEU D 257 7.36 15.23 -0.36
N LYS D 258 6.97 16.50 -0.18
CA LYS D 258 5.80 17.13 -0.77
C LYS D 258 6.15 18.57 -1.17
N GLY D 259 7.26 18.77 -1.87
CA GLY D 259 7.61 20.12 -2.27
C GLY D 259 8.36 20.36 -3.56
N MET E 1 -12.38 -36.72 18.21
CA MET E 1 -13.49 -36.05 17.53
C MET E 1 -12.96 -35.05 16.52
N GLN E 2 -13.59 -34.92 15.35
CA GLN E 2 -13.17 -34.00 14.32
C GLN E 2 -14.32 -33.08 13.96
N LYS E 3 -14.08 -31.76 14.04
CA LYS E 3 -15.10 -30.78 13.72
C LYS E 3 -14.50 -29.67 12.86
N ALA E 4 -15.28 -29.19 11.90
CA ALA E 4 -14.89 -28.04 11.11
C ALA E 4 -14.97 -26.75 11.95
N VAL E 5 -14.01 -25.85 11.72
CA VAL E 5 -13.93 -24.57 12.42
C VAL E 5 -13.68 -23.43 11.43
N GLU E 6 -14.02 -22.22 11.87
CA GLU E 6 -13.81 -21.01 11.07
C GLU E 6 -13.23 -19.90 11.94
N ILE E 7 -12.52 -18.98 11.28
CA ILE E 7 -12.06 -17.74 11.88
C ILE E 7 -12.38 -16.61 10.91
N THR E 8 -12.91 -15.50 11.42
CA THR E 8 -13.12 -14.32 10.59
C THR E 8 -12.50 -13.12 11.28
N TYR E 9 -11.57 -12.45 10.59
CA TYR E 9 -10.96 -11.23 11.09
C TYR E 9 -10.60 -10.35 9.89
N ASN E 10 -10.78 -9.04 10.05
CA ASN E 10 -10.47 -8.08 8.98
C ASN E 10 -11.15 -8.47 7.67
N GLY E 11 -12.38 -8.96 7.76
CA GLY E 11 -13.11 -9.38 6.58
C GLY E 11 -12.61 -10.63 5.89
N LYS E 12 -11.83 -11.46 6.59
CA LYS E 12 -11.25 -12.68 6.02
C LYS E 12 -11.75 -13.88 6.80
N THR E 13 -12.15 -14.94 6.09
CA THR E 13 -12.58 -16.18 6.72
C THR E 13 -11.60 -17.30 6.39
N LEU E 14 -11.03 -17.89 7.44
CA LEU E 14 -10.16 -19.05 7.36
C LEU E 14 -10.97 -20.27 7.77
N ARG E 15 -10.80 -21.35 7.02
CA ARG E 15 -11.54 -22.58 7.28
C ARG E 15 -10.55 -23.66 7.67
N GLY E 16 -10.89 -24.41 8.72
CA GLY E 16 -10.01 -25.48 9.14
C GLY E 16 -10.72 -26.62 9.84
N MET E 17 -9.92 -27.50 10.44
CA MET E 17 -10.40 -28.66 11.18
C MET E 17 -9.75 -28.69 12.54
N MET E 18 -10.54 -29.07 13.54
CA MET E 18 -10.12 -29.18 14.93
C MET E 18 -10.35 -30.62 15.38
N HIS E 19 -9.31 -31.23 15.93
CA HIS E 19 -9.31 -32.61 16.39
C HIS E 19 -9.16 -32.62 17.89
N LEU E 20 -10.08 -33.28 18.57
CA LEU E 20 -9.94 -33.42 20.01
C LEU E 20 -10.02 -34.89 20.40
N PRO E 21 -9.19 -35.31 21.36
CA PRO E 21 -9.22 -36.71 21.80
C PRO E 21 -10.51 -37.06 22.54
N ASP E 22 -11.12 -38.18 22.18
CA ASP E 22 -12.40 -38.55 22.78
C ASP E 22 -12.22 -39.10 24.18
N ASP E 23 -11.06 -39.72 24.47
CA ASP E 23 -10.83 -40.39 25.72
C ASP E 23 -10.34 -39.46 26.82
N VAL E 24 -9.84 -38.24 26.48
CA VAL E 24 -9.29 -37.36 27.49
C VAL E 24 -10.19 -36.15 27.73
N LYS E 25 -10.92 -36.13 28.88
CA LYS E 25 -11.77 -34.98 29.21
C LYS E 25 -10.93 -33.94 29.92
N GLY E 26 -11.34 -32.67 29.83
CA GLY E 26 -10.56 -31.56 30.41
C GLY E 26 -9.69 -30.92 29.37
N LYS E 27 -8.69 -30.14 29.82
CA LYS E 27 -7.81 -29.44 28.89
C LYS E 27 -6.77 -30.39 28.34
N VAL E 28 -6.49 -30.27 27.04
CA VAL E 28 -5.59 -31.21 26.36
C VAL E 28 -4.50 -30.41 25.66
N PRO E 29 -3.36 -31.04 25.40
CA PRO E 29 -2.37 -30.42 24.54
C PRO E 29 -2.93 -30.22 23.13
N MET E 30 -2.47 -29.17 22.46
CA MET E 30 -2.95 -28.82 21.14
C MET E 30 -1.77 -28.52 20.22
N VAL E 31 -1.84 -29.04 19.00
CA VAL E 31 -0.84 -28.79 17.97
C VAL E 31 -1.48 -28.02 16.83
N ILE E 32 -0.85 -26.91 16.45
CA ILE E 32 -1.31 -26.08 15.32
C ILE E 32 -0.43 -26.42 14.12
N MET E 33 -1.05 -26.75 12.99
CA MET E 33 -0.33 -27.23 11.83
C MET E 33 -0.41 -26.23 10.69
N PHE E 34 0.75 -25.89 10.11
CA PHE E 34 0.87 -24.93 9.03
C PHE E 34 1.38 -25.62 7.77
N HIS E 35 0.57 -25.55 6.70
CA HIS E 35 0.90 -26.13 5.42
C HIS E 35 1.82 -25.20 4.63
N GLY E 36 2.39 -25.77 3.55
CA GLY E 36 3.39 -25.10 2.74
C GLY E 36 2.86 -24.46 1.47
N PHE E 37 3.82 -24.02 0.65
CA PHE E 37 3.61 -23.16 -0.53
C PHE E 37 2.84 -23.93 -1.61
N THR E 38 1.61 -23.47 -1.89
CA THR E 38 0.58 -24.05 -2.78
C THR E 38 -0.08 -25.32 -2.23
N GLY E 39 0.25 -25.75 -1.01
CA GLY E 39 -0.45 -26.83 -0.35
C GLY E 39 -1.71 -26.36 0.36
N ASN E 40 -2.27 -27.25 1.19
CA ASN E 40 -3.47 -26.94 1.94
C ASN E 40 -3.49 -27.78 3.22
N LYS E 41 -4.47 -27.51 4.08
CA LYS E 41 -4.47 -28.11 5.42
C LYS E 41 -4.41 -29.65 5.38
N VAL E 42 -4.87 -30.32 4.32
CA VAL E 42 -4.72 -31.77 4.28
C VAL E 42 -3.30 -32.17 4.02
N GLU E 43 -2.61 -31.43 3.11
CA GLU E 43 -1.21 -31.56 2.73
C GLU E 43 -0.91 -32.77 1.86
N SER E 44 0.37 -32.95 1.46
CA SER E 44 0.74 -33.98 0.50
C SER E 44 0.36 -35.35 1.01
N HIS E 45 -0.28 -36.15 0.13
CA HIS E 45 -0.79 -37.47 0.46
C HIS E 45 -1.41 -37.50 1.86
N PHE E 46 -2.16 -36.45 2.19
CA PHE E 46 -3.00 -36.38 3.38
C PHE E 46 -2.19 -36.39 4.68
N ILE E 47 -0.90 -36.07 4.63
CA ILE E 47 -0.04 -36.36 5.78
C ILE E 47 -0.52 -35.60 7.03
N PHE E 48 -0.99 -34.36 6.86
CA PHE E 48 -1.47 -33.60 8.01
C PHE E 48 -2.67 -34.27 8.65
N VAL E 49 -3.63 -34.72 7.83
CA VAL E 49 -4.78 -35.44 8.39
C VAL E 49 -4.30 -36.62 9.20
N LYS E 50 -3.41 -37.44 8.60
CA LYS E 50 -2.85 -38.58 9.32
C LYS E 50 -2.25 -38.12 10.63
N MET E 51 -1.46 -37.03 10.58
CA MET E 51 -0.80 -36.56 11.79
C MET E 51 -1.81 -36.23 12.88
N SER E 52 -2.89 -35.53 12.53
CA SER E 52 -3.90 -35.20 13.55
C SER E 52 -4.48 -36.45 14.16
N ARG E 53 -4.83 -37.43 13.32
CA ARG E 53 -5.43 -38.65 13.86
C ARG E 53 -4.43 -39.37 14.75
N ALA E 54 -3.14 -39.35 14.38
CA ALA E 54 -2.17 -39.99 15.27
C ALA E 54 -2.06 -39.24 16.60
N LEU E 55 -2.12 -37.91 16.56
CA LEU E 55 -1.94 -37.13 17.79
C LEU E 55 -3.11 -37.31 18.74
N GLU E 56 -4.31 -37.41 18.18
CA GLU E 56 -5.48 -37.72 18.98
C GLU E 56 -5.32 -39.02 19.73
N LYS E 57 -4.69 -40.03 19.10
CA LYS E 57 -4.65 -41.34 19.73
C LYS E 57 -3.82 -41.32 21.00
N VAL E 58 -2.86 -40.39 21.11
CA VAL E 58 -2.04 -40.26 22.31
C VAL E 58 -2.51 -39.11 23.18
N GLY E 59 -3.71 -38.59 22.95
CA GLY E 59 -4.27 -37.53 23.76
C GLY E 59 -3.85 -36.10 23.45
N ILE E 60 -3.41 -35.80 22.23
CA ILE E 60 -3.04 -34.44 21.85
C ILE E 60 -4.01 -33.96 20.78
N GLY E 61 -4.65 -32.80 21.02
CA GLY E 61 -5.54 -32.24 20.02
C GLY E 61 -4.78 -31.45 18.98
N SER E 62 -5.50 -30.98 17.96
CA SER E 62 -4.84 -30.28 16.87
C SER E 62 -5.82 -29.39 16.12
N VAL E 63 -5.27 -28.39 15.42
CA VAL E 63 -6.02 -27.58 14.46
C VAL E 63 -5.21 -27.41 13.19
N ARG E 64 -5.90 -27.43 12.04
CA ARG E 64 -5.27 -27.28 10.73
C ARG E 64 -6.17 -26.40 9.90
N PHE E 65 -5.70 -25.21 9.48
CA PHE E 65 -6.49 -24.29 8.69
C PHE E 65 -5.81 -24.01 7.36
N ASP E 66 -6.58 -23.59 6.33
CA ASP E 66 -6.00 -23.15 5.08
C ASP E 66 -5.70 -21.66 5.21
N PHE E 67 -4.47 -21.24 4.84
CA PHE E 67 -4.16 -19.82 4.84
C PHE E 67 -5.08 -19.11 3.85
N TYR E 68 -5.27 -17.81 4.08
CA TYR E 68 -6.06 -16.99 3.18
C TYR E 68 -5.48 -17.07 1.76
N GLY E 69 -6.36 -17.31 0.79
CA GLY E 69 -5.91 -17.52 -0.58
C GLY E 69 -5.66 -18.96 -0.96
N SER E 70 -5.83 -19.91 -0.04
CA SER E 70 -5.55 -21.31 -0.28
C SER E 70 -6.73 -22.20 0.11
N GLY E 71 -6.82 -23.35 -0.56
CA GLY E 71 -7.79 -24.38 -0.22
C GLY E 71 -9.20 -23.88 -0.03
N GLU E 72 -9.76 -24.17 1.15
CA GLU E 72 -11.13 -23.77 1.48
C GLU E 72 -11.23 -22.34 1.98
N SER E 73 -10.14 -21.73 2.43
CA SER E 73 -10.24 -20.38 2.94
C SER E 73 -10.60 -19.41 1.82
N ASP E 74 -11.08 -18.24 2.22
CA ASP E 74 -11.40 -17.20 1.27
C ASP E 74 -10.14 -16.69 0.57
N GLY E 75 -10.35 -15.93 -0.50
CA GLY E 75 -9.30 -15.13 -1.11
C GLY E 75 -8.69 -15.81 -2.33
N ASP E 76 -7.95 -14.99 -3.08
CA ASP E 76 -7.19 -15.43 -4.25
C ASP E 76 -5.75 -15.64 -3.84
N PHE E 77 -5.08 -16.59 -4.49
CA PHE E 77 -3.66 -16.82 -4.20
C PHE E 77 -2.84 -15.56 -4.47
N SER E 78 -3.22 -14.78 -5.49
CA SER E 78 -2.51 -13.55 -5.81
C SER E 78 -2.51 -12.57 -4.65
N GLU E 79 -3.46 -12.69 -3.72
CA GLU E 79 -3.52 -11.80 -2.58
C GLU E 79 -2.56 -12.22 -1.48
N MET E 80 -2.01 -13.42 -1.55
CA MET E 80 -1.22 -13.95 -0.46
C MET E 80 0.20 -13.43 -0.48
N THR E 81 0.75 -13.16 0.70
CA THR E 81 2.13 -12.83 0.91
C THR E 81 2.57 -13.70 2.06
N PHE E 82 3.89 -13.85 2.31
CA PHE E 82 4.33 -14.56 3.50
C PHE E 82 3.83 -13.91 4.75
N SER E 83 3.84 -12.55 4.76
CA SER E 83 3.41 -11.80 5.92
C SER E 83 1.94 -11.93 6.17
N SER E 84 1.12 -12.06 5.11
CA SER E 84 -0.30 -12.32 5.33
C SER E 84 -0.53 -13.71 5.92
N GLU E 85 0.26 -14.70 5.52
CA GLU E 85 0.15 -16.00 6.16
C GLU E 85 0.67 -15.98 7.60
N LEU E 86 1.69 -15.18 7.91
CA LEU E 86 2.09 -15.00 9.29
C LEU E 86 0.93 -14.48 10.13
N GLU E 87 0.24 -13.45 9.61
CA GLU E 87 -0.89 -12.90 10.35
C GLU E 87 -2.01 -13.94 10.50
N ASP E 88 -2.27 -14.73 9.46
CA ASP E 88 -3.19 -15.85 9.59
C ASP E 88 -2.79 -16.73 10.77
N ALA E 89 -1.50 -17.07 10.85
CA ALA E 89 -1.00 -17.97 11.89
C ALA E 89 -1.17 -17.36 13.29
N ARG E 90 -0.93 -16.06 13.42
CA ARG E 90 -1.15 -15.39 14.71
C ARG E 90 -2.62 -15.47 15.12
N GLN E 91 -3.54 -15.27 14.16
CA GLN E 91 -4.97 -15.38 14.48
C GLN E 91 -5.37 -16.83 14.80
N ILE E 92 -4.74 -17.81 14.16
CA ILE E 92 -5.04 -19.21 14.47
C ILE E 92 -4.57 -19.56 15.88
N LEU E 93 -3.38 -19.06 16.27
CA LEU E 93 -2.91 -19.23 17.64
C LEU E 93 -3.91 -18.64 18.62
N LYS E 94 -4.44 -17.44 18.31
CA LYS E 94 -5.48 -16.87 19.16
C LYS E 94 -6.71 -17.77 19.24
N PHE E 95 -7.13 -18.32 18.09
CA PHE E 95 -8.29 -19.22 18.06
C PHE E 95 -8.07 -20.42 18.98
N VAL E 96 -6.88 -20.99 18.96
CA VAL E 96 -6.55 -22.12 19.84
C VAL E 96 -6.61 -21.68 21.30
N LYS E 97 -6.03 -20.52 21.61
CA LYS E 97 -6.00 -20.05 22.99
C LYS E 97 -7.39 -19.71 23.54
N GLU E 98 -8.37 -19.48 22.67
CA GLU E 98 -9.73 -19.20 23.11
C GLU E 98 -10.58 -20.43 23.38
N GLN E 99 -10.19 -21.61 22.90
CA GLN E 99 -11.04 -22.79 23.09
C GLN E 99 -10.92 -23.28 24.53
N PRO E 100 -12.04 -23.51 25.23
CA PRO E 100 -11.97 -23.90 26.64
C PRO E 100 -11.35 -25.28 26.89
N THR E 101 -11.21 -26.13 25.87
CA THR E 101 -10.58 -27.43 26.03
C THR E 101 -9.08 -27.39 25.78
N THR E 102 -8.50 -26.21 25.60
CA THR E 102 -7.08 -26.05 25.32
C THR E 102 -6.31 -25.80 26.61
N ASP E 103 -5.28 -26.60 26.85
CA ASP E 103 -4.33 -26.33 27.92
C ASP E 103 -3.34 -25.28 27.44
N PRO E 104 -3.36 -24.08 28.02
CA PRO E 104 -2.51 -22.99 27.48
C PRO E 104 -1.02 -23.29 27.49
N GLU E 105 -0.51 -24.04 28.49
CA GLU E 105 0.91 -24.38 28.55
C GLU E 105 1.26 -25.63 27.77
N ARG E 106 0.34 -26.16 26.97
CA ARG E 106 0.60 -27.37 26.20
C ARG E 106 0.32 -27.16 24.72
N ILE E 107 0.82 -26.05 24.14
CA ILE E 107 0.56 -25.68 22.75
C ILE E 107 1.84 -25.86 21.94
N GLY E 108 1.76 -26.70 20.91
CA GLY E 108 2.84 -26.92 19.99
C GLY E 108 2.56 -26.44 18.57
N LEU E 109 3.61 -26.17 17.82
CA LEU E 109 3.50 -25.75 16.43
C LEU E 109 4.19 -26.78 15.56
N LEU E 110 3.60 -27.07 14.40
CA LEU E 110 4.19 -27.95 13.40
C LEU E 110 4.02 -27.29 12.04
N GLY E 111 5.08 -27.34 11.23
CA GLY E 111 5.00 -26.76 9.90
C GLY E 111 5.75 -27.53 8.82
N LEU E 112 5.16 -27.63 7.64
CA LEU E 112 5.81 -28.29 6.52
C LEU E 112 6.25 -27.26 5.49
N SER E 113 7.51 -27.34 5.08
CA SER E 113 8.06 -26.51 3.99
C SER E 113 7.91 -25.05 4.38
N MET E 114 7.22 -24.23 3.60
CA MET E 114 7.07 -22.83 3.96
C MET E 114 6.27 -22.69 5.23
N GLY E 115 5.33 -23.62 5.47
CA GLY E 115 4.63 -23.63 6.75
C GLY E 115 5.58 -23.86 7.92
N GLY E 116 6.68 -24.58 7.68
CA GLY E 116 7.72 -24.67 8.68
C GLY E 116 8.41 -23.35 8.91
N ALA E 117 8.67 -22.60 7.83
CA ALA E 117 9.18 -21.24 7.99
C ALA E 117 8.20 -20.40 8.80
N ILE E 118 6.90 -20.52 8.48
CA ILE E 118 5.86 -19.91 9.31
C ILE E 118 6.09 -20.33 10.76
N ALA E 119 6.14 -21.65 10.98
CA ALA E 119 6.27 -22.18 12.32
C ALA E 119 7.54 -21.67 12.98
N GLY E 120 8.64 -21.57 12.22
CA GLY E 120 9.88 -21.10 12.82
C GLY E 120 9.75 -19.69 13.38
N ILE E 121 9.11 -18.79 12.63
CA ILE E 121 9.04 -17.40 13.07
C ILE E 121 8.07 -17.24 14.22
N VAL E 122 6.86 -17.79 14.08
CA VAL E 122 5.84 -17.66 15.12
C VAL E 122 6.34 -18.24 16.44
N ALA E 123 7.03 -19.39 16.37
CA ALA E 123 7.62 -19.97 17.57
C ALA E 123 8.52 -18.97 18.27
N ARG E 124 9.31 -18.23 17.49
CA ARG E 124 10.13 -17.18 18.08
C ARG E 124 9.28 -16.03 18.64
N GLU E 125 8.26 -15.58 17.88
CA GLU E 125 7.49 -14.42 18.34
C GLU E 125 6.78 -14.70 19.65
N TYR E 126 6.42 -15.96 19.88
CA TYR E 126 5.70 -16.39 21.06
C TYR E 126 6.53 -17.40 21.85
N LYS E 127 7.83 -17.13 22.02
CA LYS E 127 8.73 -18.16 22.56
C LYS E 127 8.35 -18.56 23.97
N ASP E 128 7.71 -17.66 24.71
CA ASP E 128 7.37 -17.94 26.10
C ASP E 128 6.05 -18.66 26.26
N GLU E 129 5.24 -18.82 25.20
CA GLU E 129 3.96 -19.50 25.32
C GLU E 129 3.76 -20.63 24.32
N ILE E 130 4.79 -21.00 23.55
CA ILE E 130 4.76 -22.15 22.65
C ILE E 130 5.67 -23.23 23.24
N LYS E 131 5.07 -24.34 23.63
CA LYS E 131 5.76 -25.35 24.43
C LYS E 131 6.76 -26.17 23.61
N ALA E 132 6.46 -26.45 22.33
CA ALA E 132 7.37 -27.27 21.52
C ALA E 132 7.20 -26.94 20.04
N LEU E 133 8.23 -27.27 19.26
CA LEU E 133 8.28 -26.94 17.84
C LEU E 133 8.73 -28.15 17.02
N VAL E 134 7.97 -28.49 15.98
CA VAL E 134 8.32 -29.54 15.02
C VAL E 134 8.44 -28.93 13.63
N LEU E 135 9.54 -29.24 12.95
CA LEU E 135 9.81 -28.74 11.61
C LEU E 135 9.97 -29.93 10.65
N TRP E 136 9.11 -29.98 9.63
CA TRP E 136 9.18 -30.98 8.56
C TRP E 136 9.73 -30.28 7.33
N ALA E 137 10.95 -30.67 6.93
CA ALA E 137 11.67 -30.11 5.80
C ALA E 137 11.53 -28.58 5.75
N PRO E 138 11.94 -27.87 6.80
CA PRO E 138 11.65 -26.43 6.88
C PRO E 138 12.34 -25.65 5.77
N ALA E 139 11.56 -24.80 5.10
CA ALA E 139 12.05 -24.04 3.96
C ALA E 139 12.56 -22.67 4.41
N PHE E 140 13.59 -22.68 5.28
CA PHE E 140 14.17 -21.42 5.75
C PHE E 140 14.95 -20.68 4.66
N ASN E 141 15.37 -21.33 3.59
CA ASN E 141 16.04 -20.62 2.50
C ASN E 141 15.05 -20.08 1.45
N MET E 142 13.75 -20.06 1.74
CA MET E 142 12.75 -19.59 0.79
C MET E 142 13.04 -18.23 0.17
N PRO E 143 13.47 -17.19 0.92
CA PRO E 143 13.80 -15.92 0.24
C PRO E 143 14.87 -16.07 -0.83
N GLU E 144 15.91 -16.86 -0.55
CA GLU E 144 16.96 -17.06 -1.53
C GLU E 144 16.42 -17.79 -2.75
N LEU E 145 15.58 -18.80 -2.55
CA LEU E 145 15.02 -19.54 -3.68
C LEU E 145 14.20 -18.62 -4.57
N ILE E 146 13.44 -17.69 -3.96
CA ILE E 146 12.67 -16.75 -4.78
C ILE E 146 13.61 -15.77 -5.50
N MET E 147 14.62 -15.26 -4.78
CA MET E 147 15.54 -14.25 -5.32
C MET E 147 16.35 -14.78 -6.49
N ASN E 148 16.76 -16.05 -6.42
CA ASN E 148 17.56 -16.64 -7.49
C ASN E 148 16.86 -16.54 -8.84
N GLU E 149 15.53 -16.60 -8.85
CA GLU E 149 14.76 -16.52 -10.08
C GLU E 149 14.84 -15.16 -10.78
N SER E 150 15.29 -14.10 -10.09
CA SER E 150 15.27 -12.76 -10.67
C SER E 150 15.99 -12.72 -12.01
N VAL E 151 17.10 -13.45 -12.14
CA VAL E 151 17.89 -13.46 -13.38
C VAL E 151 17.38 -14.47 -14.42
N LYS E 152 16.48 -15.37 -14.05
CA LYS E 152 15.96 -16.45 -14.90
C LYS E 152 14.64 -16.05 -15.58
N GLN E 153 13.92 -17.05 -16.12
CA GLN E 153 12.72 -16.78 -16.94
C GLN E 153 11.63 -16.07 -16.12
N TYR E 154 11.30 -16.63 -14.96
CA TYR E 154 10.24 -16.04 -14.14
C TYR E 154 10.55 -14.59 -13.77
N GLY E 155 11.83 -14.27 -13.52
CA GLY E 155 12.19 -12.89 -13.26
C GLY E 155 11.80 -11.96 -14.41
N ALA E 156 12.07 -12.37 -15.64
CA ALA E 156 11.70 -11.55 -16.79
C ALA E 156 10.18 -11.44 -16.93
N ILE E 157 9.46 -12.54 -16.73
CA ILE E 157 8.00 -12.48 -16.81
C ILE E 157 7.44 -11.59 -15.72
N MET E 158 8.00 -11.68 -14.51
CA MET E 158 7.54 -10.89 -13.37
C MET E 158 7.73 -9.40 -13.63
N GLU E 159 8.91 -9.00 -14.12
CA GLU E 159 9.09 -7.60 -14.46
C GLU E 159 8.14 -7.16 -15.57
N GLN E 160 7.83 -8.06 -16.52
CA GLN E 160 6.94 -7.64 -17.61
C GLN E 160 5.48 -7.54 -17.18
N LEU E 161 4.97 -8.54 -16.46
CA LEU E 161 3.55 -8.62 -16.14
C LEU E 161 3.22 -8.33 -14.68
N GLY E 162 4.19 -8.40 -13.78
CA GLY E 162 3.99 -8.16 -12.37
C GLY E 162 3.45 -9.34 -11.62
N PHE E 163 3.26 -10.48 -12.29
CA PHE E 163 2.81 -11.73 -11.67
C PHE E 163 3.43 -12.86 -12.42
N VAL E 164 3.39 -14.08 -11.84
CA VAL E 164 3.85 -15.26 -12.56
C VAL E 164 2.89 -16.40 -12.30
N ASP E 165 2.72 -17.29 -13.30
CA ASP E 165 1.92 -18.50 -13.15
C ASP E 165 2.87 -19.62 -12.73
N ILE E 166 2.65 -20.15 -11.52
CA ILE E 166 3.47 -21.23 -11.01
C ILE E 166 2.70 -22.55 -11.04
N GLY E 167 1.75 -22.69 -11.96
CA GLY E 167 0.97 -23.91 -12.04
C GLY E 167 -0.49 -23.80 -11.65
N GLY E 168 -1.20 -22.83 -12.23
CA GLY E 168 -2.58 -22.61 -11.83
C GLY E 168 -2.71 -21.79 -10.57
N HIS E 169 -1.65 -21.08 -10.18
CA HIS E 169 -1.65 -20.15 -9.07
C HIS E 169 -0.99 -18.88 -9.58
N LYS E 170 -1.54 -17.72 -9.22
CA LYS E 170 -0.97 -16.44 -9.63
C LYS E 170 -0.10 -15.89 -8.50
N LEU E 171 1.21 -15.96 -8.67
CA LEU E 171 2.15 -15.44 -7.70
C LEU E 171 2.43 -13.98 -8.02
N SER E 172 1.98 -13.09 -7.14
CA SER E 172 2.11 -11.65 -7.34
C SER E 172 3.55 -11.18 -7.10
N LYS E 173 3.89 -10.05 -7.72
CA LYS E 173 5.17 -9.42 -7.40
C LYS E 173 5.21 -9.00 -5.94
N ASP E 174 4.02 -8.78 -5.32
CA ASP E 174 3.96 -8.34 -3.94
C ASP E 174 4.62 -9.32 -3.01
N PHE E 175 4.39 -10.65 -3.20
CA PHE E 175 5.08 -11.66 -2.43
C PHE E 175 6.56 -11.57 -2.58
N VAL E 176 7.07 -11.43 -3.83
CA VAL E 176 8.50 -11.39 -4.03
C VAL E 176 9.08 -10.24 -3.29
N GLU E 177 8.45 -9.05 -3.40
CA GLU E 177 8.92 -7.89 -2.68
C GLU E 177 8.88 -8.14 -1.18
N ASP E 178 7.77 -8.71 -0.70
CA ASP E 178 7.55 -8.98 0.72
C ASP E 178 8.60 -9.93 1.28
N ILE E 179 8.78 -11.08 0.63
CA ILE E 179 9.68 -12.10 1.14
C ILE E 179 11.15 -11.68 0.97
N SER E 180 11.47 -10.84 -0.03
CA SER E 180 12.85 -10.42 -0.23
C SER E 180 13.41 -9.68 0.97
N LYS E 181 12.55 -9.16 1.84
CA LYS E 181 12.95 -8.38 3.00
C LYS E 181 13.13 -9.22 4.26
N LEU E 182 12.89 -10.53 4.19
CA LEU E 182 12.82 -11.37 5.39
C LEU E 182 13.94 -12.40 5.39
N ASN E 183 14.50 -12.64 6.59
CA ASN E 183 15.48 -13.68 6.83
C ASN E 183 14.92 -14.61 7.90
N ILE E 184 14.47 -15.79 7.46
CA ILE E 184 13.81 -16.75 8.36
C ILE E 184 14.78 -17.24 9.42
N PHE E 185 16.05 -17.42 9.06
CA PHE E 185 17.05 -17.90 10.01
C PHE E 185 17.15 -16.97 11.20
N GLU E 186 17.21 -15.66 10.95
CA GLU E 186 17.29 -14.67 12.02
C GLU E 186 15.96 -14.54 12.75
N LEU E 187 14.85 -14.52 12.01
CA LEU E 187 13.54 -14.33 12.64
C LEU E 187 13.12 -15.54 13.47
N SER E 188 13.70 -16.71 13.24
CA SER E 188 13.42 -17.89 14.05
C SER E 188 14.39 -18.04 15.20
N LYS E 189 15.55 -17.40 15.11
CA LYS E 189 16.58 -17.51 16.13
C LYS E 189 16.10 -16.91 17.44
N GLY E 190 16.35 -17.63 18.54
CA GLY E 190 15.96 -17.20 19.87
C GLY E 190 14.90 -18.02 20.56
N TYR E 191 14.47 -19.14 19.98
CA TYR E 191 13.49 -20.01 20.61
C TYR E 191 14.25 -21.05 21.43
N ASP E 192 13.94 -21.13 22.71
CA ASP E 192 14.74 -21.87 23.68
C ASP E 192 14.19 -23.27 24.00
N LYS E 193 12.91 -23.51 23.75
CA LYS E 193 12.30 -24.79 24.10
C LYS E 193 12.67 -25.84 23.05
N LYS E 194 12.21 -27.07 23.27
CA LYS E 194 12.64 -28.18 22.41
C LYS E 194 12.11 -28.04 20.98
N VAL E 195 12.93 -28.46 20.03
CA VAL E 195 12.61 -28.39 18.60
C VAL E 195 13.02 -29.70 17.94
N LEU E 196 12.17 -30.18 17.04
CA LEU E 196 12.43 -31.36 16.22
C LEU E 196 12.39 -30.99 14.74
N ILE E 197 13.46 -31.33 14.02
CA ILE E 197 13.53 -31.16 12.58
C ILE E 197 13.60 -32.52 11.94
N VAL E 198 12.69 -32.79 11.01
CA VAL E 198 12.68 -34.03 10.24
C VAL E 198 12.94 -33.67 8.79
N HIS E 199 13.94 -34.31 8.18
CA HIS E 199 14.32 -33.91 6.84
C HIS E 199 14.70 -35.15 6.04
N GLY E 200 14.35 -35.17 4.75
CA GLY E 200 14.73 -36.27 3.87
C GLY E 200 16.03 -35.99 3.14
N THR E 201 16.81 -37.07 2.93
CA THR E 201 18.12 -36.91 2.29
C THR E 201 18.05 -36.59 0.81
N ASN E 202 17.03 -37.08 0.09
CA ASN E 202 16.89 -36.80 -1.34
C ASN E 202 15.94 -35.64 -1.61
N ASP E 203 15.85 -34.69 -0.69
CA ASP E 203 14.95 -33.55 -0.87
C ASP E 203 15.50 -32.64 -1.97
N GLU E 204 14.78 -32.56 -3.09
CA GLU E 204 15.18 -31.72 -4.22
C GLU E 204 14.45 -30.39 -4.25
N ALA E 205 13.53 -30.15 -3.32
CA ALA E 205 12.90 -28.84 -3.19
C ALA E 205 13.58 -27.97 -2.14
N VAL E 206 13.78 -28.51 -0.94
CA VAL E 206 14.55 -27.87 0.12
C VAL E 206 15.73 -28.80 0.39
N GLU E 207 16.91 -28.45 -0.09
CA GLU E 207 18.07 -29.33 0.05
C GLU E 207 18.34 -29.65 1.52
N TYR E 208 18.84 -30.87 1.76
CA TYR E 208 19.12 -31.31 3.12
C TYR E 208 20.07 -30.35 3.83
N LYS E 209 21.00 -29.72 3.10
CA LYS E 209 21.94 -28.78 3.71
C LYS E 209 21.24 -27.71 4.53
N VAL E 210 20.06 -27.28 4.10
CA VAL E 210 19.36 -26.23 4.83
C VAL E 210 19.13 -26.63 6.28
N SER E 211 18.77 -27.90 6.52
CA SER E 211 18.58 -28.34 7.91
C SER E 211 19.88 -28.22 8.68
N ASP E 212 21.00 -28.52 8.03
CA ASP E 212 22.31 -28.27 8.62
C ASP E 212 22.42 -26.81 9.04
N ARG E 213 22.08 -25.88 8.13
CA ARG E 213 22.12 -24.47 8.50
C ARG E 213 21.28 -24.21 9.74
N ILE E 214 20.09 -24.80 9.81
CA ILE E 214 19.20 -24.51 10.92
C ILE E 214 19.82 -25.00 12.23
N LEU E 215 20.49 -26.16 12.19
CA LEU E 215 21.14 -26.64 13.41
C LEU E 215 22.32 -25.76 13.78
N LYS E 216 23.02 -25.23 12.77
CA LYS E 216 24.25 -24.49 13.04
C LYS E 216 23.97 -23.05 13.47
N GLU E 217 23.02 -22.39 12.79
CA GLU E 217 22.85 -20.96 12.91
C GLU E 217 21.63 -20.53 13.70
N VAL E 218 20.61 -21.38 13.82
CA VAL E 218 19.30 -21.00 14.35
C VAL E 218 19.06 -21.55 15.75
N TYR E 219 19.38 -22.81 15.97
CA TYR E 219 19.09 -23.43 17.27
C TYR E 219 20.37 -23.95 17.89
N GLY E 220 20.28 -24.26 19.18
CA GLY E 220 21.34 -24.88 19.94
C GLY E 220 21.07 -26.35 20.18
N ASP E 221 21.41 -26.80 21.38
CA ASP E 221 21.21 -28.19 21.76
C ASP E 221 19.75 -28.55 21.97
N ASN E 222 18.85 -27.56 22.10
CA ASN E 222 17.43 -27.85 22.22
C ASN E 222 16.84 -28.44 20.94
N ALA E 223 17.54 -28.36 19.81
CA ALA E 223 17.02 -28.87 18.54
C ALA E 223 17.67 -30.20 18.23
N THR E 224 16.88 -31.13 17.69
CA THR E 224 17.39 -32.43 17.30
C THR E 224 16.82 -32.78 15.93
N ARG E 225 17.52 -33.65 15.19
CA ARG E 225 17.16 -33.94 13.80
C ARG E 225 16.94 -35.43 13.54
N VAL E 226 15.80 -35.74 12.94
CA VAL E 226 15.51 -37.06 12.38
C VAL E 226 15.75 -36.98 10.88
N THR E 227 16.72 -37.76 10.40
CA THR E 227 17.05 -37.87 9.00
C THR E 227 16.31 -39.07 8.42
N ILE E 228 15.58 -38.87 7.32
CA ILE E 228 14.93 -39.98 6.66
C ILE E 228 15.73 -40.28 5.40
N GLU E 229 16.48 -41.37 5.45
CA GLU E 229 17.32 -41.80 4.34
C GLU E 229 16.46 -42.11 3.12
N ASN E 230 16.86 -41.54 1.97
CA ASN E 230 16.28 -41.69 0.64
C ASN E 230 14.98 -40.89 0.44
N ALA E 231 14.44 -40.25 1.48
CA ALA E 231 13.12 -39.63 1.37
C ALA E 231 13.14 -38.39 0.47
N ASP E 232 12.01 -38.13 -0.16
CA ASP E 232 11.83 -36.90 -0.93
C ASP E 232 11.27 -35.82 -0.02
N HIS E 233 10.85 -34.70 -0.61
CA HIS E 233 10.54 -33.48 0.15
C HIS E 233 9.43 -33.70 1.18
N THR E 234 8.31 -34.28 0.77
CA THR E 234 7.19 -34.48 1.68
C THR E 234 7.12 -35.92 2.19
N PHE E 235 8.23 -36.66 2.11
CA PHE E 235 8.30 -38.02 2.61
C PHE E 235 7.25 -38.87 1.93
N LYS E 236 7.25 -38.83 0.60
CA LYS E 236 6.15 -39.39 -0.18
C LYS E 236 6.33 -40.90 -0.39
N SER E 237 6.29 -41.62 0.73
CA SER E 237 6.12 -43.08 0.74
C SER E 237 5.52 -43.48 2.09
N LEU E 238 4.98 -44.69 2.15
CA LEU E 238 4.36 -45.15 3.39
C LEU E 238 5.37 -45.17 4.54
N GLU E 239 6.57 -45.72 4.29
CA GLU E 239 7.57 -45.81 5.34
C GLU E 239 8.11 -44.42 5.71
N TRP E 240 8.34 -43.57 4.71
CA TRP E 240 8.88 -42.24 4.98
C TRP E 240 7.91 -41.42 5.82
N GLU E 241 6.61 -41.44 5.47
CA GLU E 241 5.62 -40.67 6.24
C GLU E 241 5.36 -41.32 7.59
N LYS E 242 5.39 -42.65 7.67
CA LYS E 242 5.25 -43.31 8.96
C LYS E 242 6.36 -42.88 9.89
N LYS E 243 7.58 -42.80 9.39
CA LYS E 243 8.69 -42.35 10.23
C LYS E 243 8.49 -40.93 10.69
N ALA E 244 8.12 -40.03 9.76
CA ALA E 244 7.93 -38.63 10.15
C ALA E 244 6.83 -38.48 11.20
N ILE E 245 5.69 -39.13 10.96
CA ILE E 245 4.54 -39.02 11.85
C ILE E 245 4.86 -39.58 13.22
N GLU E 246 5.48 -40.76 13.27
CA GLU E 246 5.76 -41.40 14.55
C GLU E 246 6.81 -40.62 15.35
N GLU E 247 7.90 -40.17 14.71
CA GLU E 247 8.88 -39.39 15.46
C GLU E 247 8.24 -38.11 16.00
N SER E 248 7.38 -37.47 15.20
CA SER E 248 6.80 -36.20 15.62
C SER E 248 5.76 -36.39 16.72
N VAL E 249 4.95 -37.45 16.62
CA VAL E 249 3.96 -37.74 17.65
C VAL E 249 4.66 -38.04 18.98
N GLU E 250 5.72 -38.86 18.95
CA GLU E 250 6.41 -39.17 20.21
C GLU E 250 7.15 -37.96 20.77
N PHE E 251 7.69 -37.10 19.90
CA PHE E 251 8.31 -35.87 20.37
C PHE E 251 7.30 -35.00 21.10
N PHE E 252 6.12 -34.77 20.48
CA PHE E 252 5.12 -33.96 21.16
C PHE E 252 4.59 -34.64 22.41
N LYS E 253 4.52 -35.97 22.41
CA LYS E 253 4.07 -36.70 23.59
C LYS E 253 5.04 -36.50 24.75
N LYS E 254 6.34 -36.52 24.47
CA LYS E 254 7.33 -36.27 25.52
C LYS E 254 7.31 -34.82 25.96
N GLU E 255 7.27 -33.87 25.01
CA GLU E 255 7.48 -32.46 25.33
C GLU E 255 6.22 -31.70 25.71
N LEU E 256 5.06 -32.07 25.18
CA LEU E 256 3.83 -31.39 25.59
C LEU E 256 3.26 -32.01 26.84
N LEU E 257 4.01 -32.92 27.45
CA LEU E 257 3.70 -33.63 28.68
C LEU E 257 4.93 -33.59 29.59
N LYS E 258 5.49 -32.40 29.71
CA LYS E 258 6.65 -32.14 30.58
C LYS E 258 6.39 -30.84 31.33
N GLY E 259 6.36 -30.94 32.67
CA GLY E 259 6.13 -29.82 33.57
C GLY E 259 6.44 -28.42 33.12
N MET F 1 -22.31 -17.99 0.03
CA MET F 1 -22.11 -18.66 1.31
C MET F 1 -21.50 -20.07 1.13
N GLN F 2 -20.55 -20.40 2.01
CA GLN F 2 -19.82 -21.66 2.01
C GLN F 2 -19.77 -22.24 3.43
N LYS F 3 -20.26 -23.47 3.60
CA LYS F 3 -20.28 -24.10 4.91
C LYS F 3 -19.85 -25.57 4.83
N ALA F 4 -19.17 -26.01 5.88
CA ALA F 4 -18.81 -27.42 6.01
C ALA F 4 -20.03 -28.28 6.31
N VAL F 5 -20.10 -29.46 5.68
CA VAL F 5 -21.20 -30.40 5.86
C VAL F 5 -20.67 -31.82 6.01
N GLU F 6 -21.52 -32.70 6.54
CA GLU F 6 -21.17 -34.10 6.76
C GLU F 6 -22.27 -35.03 6.29
N ILE F 7 -21.89 -36.27 6.04
CA ILE F 7 -22.81 -37.38 5.83
C ILE F 7 -22.31 -38.54 6.67
N THR F 8 -23.22 -39.25 7.34
CA THR F 8 -22.85 -40.47 8.05
C THR F 8 -23.77 -41.58 7.61
N TYR F 9 -23.20 -42.67 7.07
CA TYR F 9 -24.00 -43.82 6.69
C TYR F 9 -23.15 -45.07 6.88
N ASN F 10 -23.79 -46.15 7.36
CA ASN F 10 -23.12 -47.42 7.62
C ASN F 10 -21.87 -47.23 8.48
N GLY F 11 -21.97 -46.35 9.47
CA GLY F 11 -20.83 -46.09 10.33
C GLY F 11 -19.67 -45.37 9.68
N LYS F 12 -19.91 -44.69 8.55
CA LYS F 12 -18.88 -43.98 7.82
C LYS F 12 -19.24 -42.50 7.77
N THR F 13 -18.26 -41.63 8.01
CA THR F 13 -18.49 -40.18 7.93
C THR F 13 -17.72 -39.60 6.75
N LEU F 14 -18.46 -38.93 5.86
CA LEU F 14 -17.93 -38.17 4.74
C LEU F 14 -18.01 -36.69 5.12
N ARG F 15 -16.96 -35.94 4.78
CA ARG F 15 -16.88 -34.52 5.07
C ARG F 15 -16.74 -33.72 3.77
N GLY F 16 -17.51 -32.65 3.65
CA GLY F 16 -17.44 -31.83 2.44
C GLY F 16 -17.80 -30.38 2.65
N MET F 17 -18.01 -29.67 1.54
CA MET F 17 -18.36 -28.25 1.50
C MET F 17 -19.57 -28.00 0.63
N MET F 18 -20.42 -27.07 1.09
CA MET F 18 -21.64 -26.66 0.40
C MET F 18 -21.61 -25.16 0.14
N HIS F 19 -21.89 -24.79 -1.11
CA HIS F 19 -21.91 -23.42 -1.61
C HIS F 19 -23.34 -23.10 -2.04
N LEU F 20 -23.88 -21.98 -1.54
CA LEU F 20 -25.20 -21.47 -1.91
C LEU F 20 -25.13 -20.01 -2.33
N PRO F 21 -25.92 -19.61 -3.33
CA PRO F 21 -25.91 -18.21 -3.80
C PRO F 21 -26.51 -17.25 -2.78
N ASP F 22 -25.83 -16.12 -2.57
CA ASP F 22 -26.29 -15.13 -1.62
C ASP F 22 -27.53 -14.38 -2.08
N ASP F 23 -27.59 -13.98 -3.36
CA ASP F 23 -28.67 -13.06 -3.74
C ASP F 23 -30.01 -13.76 -3.87
N VAL F 24 -30.05 -14.94 -4.46
CA VAL F 24 -31.31 -15.61 -4.74
C VAL F 24 -31.69 -16.50 -3.55
N LYS F 25 -32.94 -16.38 -3.12
CA LYS F 25 -33.52 -17.18 -2.07
C LYS F 25 -34.51 -18.17 -2.67
N GLY F 26 -34.90 -19.15 -1.88
CA GLY F 26 -35.70 -20.24 -2.38
C GLY F 26 -34.81 -21.40 -2.82
N LYS F 27 -35.39 -22.27 -3.64
CA LYS F 27 -34.68 -23.43 -4.14
C LYS F 27 -33.82 -23.07 -5.35
N VAL F 28 -32.60 -23.59 -5.39
CA VAL F 28 -31.64 -23.20 -6.41
C VAL F 28 -31.09 -24.46 -7.08
N PRO F 29 -30.53 -24.32 -8.29
CA PRO F 29 -29.79 -25.45 -8.88
C PRO F 29 -28.59 -25.84 -8.02
N MET F 30 -28.27 -27.13 -8.04
CA MET F 30 -27.17 -27.68 -7.25
C MET F 30 -26.32 -28.58 -8.14
N VAL F 31 -25.00 -28.41 -8.05
CA VAL F 31 -24.04 -29.21 -8.80
C VAL F 31 -23.23 -30.03 -7.80
N ILE F 32 -23.12 -31.33 -8.04
CA ILE F 32 -22.31 -32.22 -7.21
C ILE F 32 -20.99 -32.45 -7.92
N MET F 33 -19.88 -32.26 -7.21
CA MET F 33 -18.54 -32.38 -7.81
C MET F 33 -17.80 -33.56 -7.19
N PHE F 34 -17.26 -34.42 -8.06
CA PHE F 34 -16.58 -35.66 -7.67
C PHE F 34 -15.10 -35.53 -8.00
N HIS F 35 -14.25 -35.64 -6.98
CA HIS F 35 -12.81 -35.52 -7.19
C HIS F 35 -12.24 -36.84 -7.73
N GLY F 36 -11.00 -36.77 -8.21
CA GLY F 36 -10.34 -37.89 -8.84
C GLY F 36 -9.40 -38.67 -7.93
N PHE F 37 -8.72 -39.63 -8.56
CA PHE F 37 -7.95 -40.67 -7.86
C PHE F 37 -6.74 -40.09 -7.14
N THR F 38 -6.74 -40.22 -5.80
CA THR F 38 -5.80 -39.63 -4.84
C THR F 38 -6.00 -38.13 -4.70
N GLY F 39 -7.02 -37.59 -5.34
CA GLY F 39 -7.38 -36.21 -5.12
C GLY F 39 -8.26 -36.06 -3.89
N ASN F 40 -8.82 -34.86 -3.74
CA ASN F 40 -9.72 -34.55 -2.64
C ASN F 40 -10.59 -33.38 -3.11
N LYS F 41 -11.59 -32.99 -2.30
CA LYS F 41 -12.58 -32.01 -2.73
C LYS F 41 -12.03 -30.68 -3.25
N VAL F 42 -10.84 -30.20 -2.78
CA VAL F 42 -10.23 -29.02 -3.34
C VAL F 42 -9.74 -29.25 -4.75
N GLU F 43 -9.15 -30.44 -5.05
CA GLU F 43 -8.60 -30.84 -6.33
C GLU F 43 -7.39 -29.99 -6.74
N SER F 44 -6.79 -30.26 -7.93
CA SER F 44 -5.52 -29.66 -8.31
C SER F 44 -5.59 -28.15 -8.41
N HIS F 45 -4.58 -27.47 -7.81
CA HIS F 45 -4.51 -26.01 -7.74
C HIS F 45 -5.88 -25.39 -7.50
N PHE F 46 -6.64 -26.01 -6.59
CA PHE F 46 -7.88 -25.49 -6.03
C PHE F 46 -9.01 -25.41 -7.05
N ILE F 47 -8.91 -26.16 -8.16
CA ILE F 47 -9.86 -25.94 -9.26
C ILE F 47 -11.32 -26.18 -8.83
N PHE F 48 -11.58 -27.12 -7.93
CA PHE F 48 -12.97 -27.28 -7.48
C PHE F 48 -13.45 -26.08 -6.67
N VAL F 49 -12.62 -25.58 -5.74
CA VAL F 49 -13.04 -24.43 -4.94
C VAL F 49 -13.41 -23.28 -5.87
N LYS F 50 -12.50 -22.94 -6.79
CA LYS F 50 -12.76 -21.89 -7.76
C LYS F 50 -14.06 -22.15 -8.51
N MET F 51 -14.28 -23.41 -8.93
CA MET F 51 -15.50 -23.72 -9.68
C MET F 51 -16.74 -23.40 -8.86
N SER F 52 -16.73 -23.80 -7.58
CA SER F 52 -17.89 -23.52 -6.74
C SER F 52 -18.14 -22.03 -6.67
N ARG F 53 -17.07 -21.25 -6.48
CA ARG F 53 -17.26 -19.81 -6.37
C ARG F 53 -17.78 -19.24 -7.68
N ALA F 54 -17.26 -19.75 -8.81
CA ALA F 54 -17.75 -19.27 -10.09
C ALA F 54 -19.22 -19.61 -10.28
N LEU F 55 -19.67 -20.74 -9.72
CA LEU F 55 -21.09 -21.05 -9.81
C LEU F 55 -21.91 -20.17 -8.88
N GLU F 56 -21.38 -19.84 -7.69
CA GLU F 56 -22.19 -19.09 -6.73
C GLU F 56 -22.64 -17.76 -7.32
N LYS F 57 -21.81 -17.17 -8.16
CA LYS F 57 -22.08 -15.88 -8.76
C LYS F 57 -23.11 -15.94 -9.90
N VAL F 58 -23.38 -17.13 -10.47
CA VAL F 58 -24.45 -17.24 -11.45
C VAL F 58 -25.72 -17.84 -10.84
N GLY F 59 -25.79 -17.92 -9.52
CA GLY F 59 -26.97 -18.43 -8.84
C GLY F 59 -27.09 -19.93 -8.79
N ILE F 60 -26.00 -20.66 -8.92
CA ILE F 60 -26.00 -22.12 -8.87
C ILE F 60 -25.20 -22.55 -7.64
N GLY F 61 -25.80 -23.41 -6.83
CA GLY F 61 -25.12 -23.97 -5.67
C GLY F 61 -24.29 -25.20 -6.02
N SER F 62 -23.54 -25.69 -5.03
CA SER F 62 -22.69 -26.86 -5.28
C SER F 62 -22.37 -27.56 -3.97
N VAL F 63 -22.01 -28.84 -4.10
CA VAL F 63 -21.46 -29.64 -3.02
C VAL F 63 -20.26 -30.41 -3.54
N ARG F 64 -19.27 -30.56 -2.68
CA ARG F 64 -18.12 -31.38 -3.01
C ARG F 64 -17.65 -32.07 -1.73
N PHE F 65 -17.60 -33.41 -1.76
CA PHE F 65 -17.09 -34.17 -0.58
C PHE F 65 -15.81 -34.90 -0.94
N ASP F 66 -15.12 -35.29 0.13
CA ASP F 66 -14.04 -36.27 0.04
C ASP F 66 -14.67 -37.65 0.10
N PHE F 67 -14.31 -38.53 -0.82
CA PHE F 67 -14.76 -39.91 -0.70
C PHE F 67 -14.16 -40.54 0.55
N TYR F 68 -14.84 -41.57 1.05
CA TYR F 68 -14.32 -42.31 2.20
C TYR F 68 -12.92 -42.83 1.90
N GLY F 69 -11.98 -42.57 2.82
CA GLY F 69 -10.59 -42.93 2.62
C GLY F 69 -9.69 -41.85 2.04
N SER F 70 -10.22 -40.67 1.73
CA SER F 70 -9.44 -39.59 1.17
C SER F 70 -9.64 -38.31 1.97
N GLY F 71 -8.63 -37.45 1.95
CA GLY F 71 -8.70 -36.11 2.52
C GLY F 71 -9.22 -36.00 3.95
N GLU F 72 -10.29 -35.21 4.12
CA GLU F 72 -10.87 -34.98 5.44
C GLU F 72 -11.82 -36.09 5.90
N SER F 73 -12.33 -36.90 4.99
CA SER F 73 -13.25 -37.97 5.37
C SER F 73 -12.54 -39.05 6.18
N ASP F 74 -13.33 -39.86 6.87
CA ASP F 74 -12.83 -40.99 7.64
C ASP F 74 -12.21 -42.03 6.71
N GLY F 75 -11.46 -42.95 7.31
CA GLY F 75 -11.06 -44.16 6.63
C GLY F 75 -9.64 -44.10 6.09
N ASP F 76 -9.08 -45.28 5.87
CA ASP F 76 -7.79 -45.47 5.24
C ASP F 76 -7.98 -45.59 3.73
N PHE F 77 -6.98 -45.14 2.99
CA PHE F 77 -7.04 -45.26 1.54
C PHE F 77 -7.13 -46.74 1.14
N SER F 78 -6.51 -47.61 1.93
CA SER F 78 -6.56 -49.05 1.70
C SER F 78 -7.96 -49.61 1.75
N GLU F 79 -8.91 -48.92 2.39
CA GLU F 79 -10.28 -49.41 2.50
C GLU F 79 -11.12 -49.10 1.27
N MET F 80 -10.65 -48.18 0.42
CA MET F 80 -11.46 -47.65 -0.67
C MET F 80 -11.45 -48.57 -1.90
N THR F 81 -12.61 -48.66 -2.56
CA THR F 81 -12.71 -49.20 -3.91
C THR F 81 -13.48 -48.19 -4.75
N PHE F 82 -13.41 -48.39 -6.06
CA PHE F 82 -14.22 -47.58 -6.98
C PHE F 82 -15.70 -47.75 -6.65
N SER F 83 -16.10 -48.97 -6.26
CA SER F 83 -17.50 -49.21 -5.86
C SER F 83 -17.84 -48.54 -4.53
N SER F 84 -16.89 -48.47 -3.59
CA SER F 84 -17.16 -47.73 -2.36
C SER F 84 -17.31 -46.25 -2.64
N GLU F 85 -16.58 -45.72 -3.63
CA GLU F 85 -16.79 -44.34 -4.03
C GLU F 85 -18.12 -44.15 -4.77
N LEU F 86 -18.55 -45.14 -5.57
CA LEU F 86 -19.91 -45.05 -6.13
C LEU F 86 -20.97 -44.96 -5.05
N GLU F 87 -20.86 -45.80 -4.01
CA GLU F 87 -21.84 -45.71 -2.93
C GLU F 87 -21.76 -44.36 -2.23
N ASP F 88 -20.54 -43.85 -2.01
CA ASP F 88 -20.38 -42.50 -1.50
C ASP F 88 -21.15 -41.49 -2.35
N ALA F 89 -21.02 -41.62 -3.67
CA ALA F 89 -21.68 -40.68 -4.58
C ALA F 89 -23.19 -40.75 -4.46
N ARG F 90 -23.74 -41.97 -4.36
CA ARG F 90 -25.19 -42.10 -4.19
C ARG F 90 -25.64 -41.47 -2.87
N GLN F 91 -24.85 -41.63 -1.81
CA GLN F 91 -25.19 -41.01 -0.53
C GLN F 91 -25.08 -39.48 -0.58
N ILE F 92 -24.10 -38.96 -1.34
CA ILE F 92 -23.95 -37.52 -1.51
C ILE F 92 -25.13 -36.94 -2.28
N LEU F 93 -25.59 -37.66 -3.32
CA LEU F 93 -26.80 -37.27 -4.02
C LEU F 93 -28.00 -37.23 -3.08
N LYS F 94 -28.13 -38.24 -2.21
CA LYS F 94 -29.20 -38.22 -1.20
C LYS F 94 -29.09 -36.98 -0.32
N PHE F 95 -27.89 -36.65 0.15
CA PHE F 95 -27.72 -35.47 0.99
C PHE F 95 -28.16 -34.20 0.27
N VAL F 96 -27.78 -34.05 -1.01
CA VAL F 96 -28.18 -32.86 -1.75
C VAL F 96 -29.70 -32.80 -1.89
N LYS F 97 -30.33 -33.94 -2.20
CA LYS F 97 -31.77 -33.98 -2.35
C LYS F 97 -32.50 -33.73 -1.03
N GLU F 98 -31.83 -33.90 0.11
CA GLU F 98 -32.46 -33.61 1.39
C GLU F 98 -32.41 -32.14 1.79
N GLN F 99 -31.57 -31.34 1.15
CA GLN F 99 -31.45 -29.95 1.58
C GLN F 99 -32.67 -29.16 1.12
N PRO F 100 -33.31 -28.39 2.01
CA PRO F 100 -34.53 -27.66 1.63
C PRO F 100 -34.29 -26.55 0.61
N THR F 101 -33.05 -26.15 0.38
CA THR F 101 -32.73 -25.12 -0.60
C THR F 101 -32.43 -25.69 -1.98
N THR F 102 -32.62 -26.99 -2.19
CA THR F 102 -32.34 -27.62 -3.47
C THR F 102 -33.56 -27.64 -4.38
N ASP F 103 -33.41 -27.13 -5.59
CA ASP F 103 -34.41 -27.31 -6.63
C ASP F 103 -34.22 -28.71 -7.19
N PRO F 104 -35.16 -29.62 -6.97
CA PRO F 104 -34.94 -31.02 -7.37
C PRO F 104 -34.73 -31.23 -8.88
N GLU F 105 -35.35 -30.42 -9.74
CA GLU F 105 -35.15 -30.53 -11.19
C GLU F 105 -33.98 -29.74 -11.72
N ARG F 106 -33.10 -29.24 -10.86
CA ARG F 106 -31.92 -28.48 -11.29
C ARG F 106 -30.64 -29.07 -10.70
N ILE F 107 -30.47 -30.38 -10.76
CA ILE F 107 -29.31 -31.03 -10.16
C ILE F 107 -28.39 -31.49 -11.28
N GLY F 108 -27.16 -30.98 -11.29
CA GLY F 108 -26.15 -31.39 -12.24
C GLY F 108 -24.99 -32.11 -11.58
N LEU F 109 -24.27 -32.91 -12.37
CA LEU F 109 -23.10 -33.64 -11.89
C LEU F 109 -21.86 -33.19 -12.66
N LEU F 110 -20.73 -33.13 -11.95
CA LEU F 110 -19.42 -32.85 -12.49
C LEU F 110 -18.41 -33.79 -11.84
N GLY F 111 -17.49 -34.31 -12.63
CA GLY F 111 -16.46 -35.20 -12.11
C GLY F 111 -15.12 -34.95 -12.76
N LEU F 112 -14.05 -35.01 -11.98
CA LEU F 112 -12.68 -34.82 -12.48
C LEU F 112 -11.91 -36.14 -12.43
N SER F 113 -11.31 -36.49 -13.57
CA SER F 113 -10.48 -37.70 -13.75
C SER F 113 -11.32 -38.92 -13.37
N MET F 114 -10.92 -39.73 -12.38
CA MET F 114 -11.74 -40.88 -12.01
C MET F 114 -13.11 -40.44 -11.51
N GLY F 115 -13.20 -39.24 -10.93
CA GLY F 115 -14.48 -38.69 -10.54
C GLY F 115 -15.43 -38.49 -11.71
N GLY F 116 -14.86 -38.28 -12.91
CA GLY F 116 -15.68 -38.24 -14.12
C GLY F 116 -16.29 -39.59 -14.46
N ALA F 117 -15.52 -40.68 -14.22
CA ALA F 117 -16.10 -42.00 -14.36
C ALA F 117 -17.23 -42.20 -13.35
N ILE F 118 -16.99 -41.80 -12.09
CA ILE F 118 -18.03 -41.85 -11.06
C ILE F 118 -19.26 -41.11 -11.54
N ALA F 119 -19.05 -39.84 -11.94
CA ALA F 119 -20.18 -39.00 -12.35
C ALA F 119 -20.88 -39.63 -13.55
N GLY F 120 -20.11 -40.25 -14.47
CA GLY F 120 -20.72 -40.87 -15.63
C GLY F 120 -21.68 -41.99 -15.25
N ILE F 121 -21.29 -42.82 -14.29
CA ILE F 121 -22.12 -43.96 -13.94
C ILE F 121 -23.34 -43.49 -13.16
N VAL F 122 -23.13 -42.63 -12.15
CA VAL F 122 -24.22 -42.13 -11.33
C VAL F 122 -25.24 -41.42 -12.20
N ALA F 123 -24.77 -40.63 -13.17
CA ALA F 123 -25.67 -39.95 -14.08
C ALA F 123 -26.58 -40.94 -14.80
N ARG F 124 -26.04 -42.06 -15.27
CA ARG F 124 -26.91 -43.06 -15.88
C ARG F 124 -27.86 -43.66 -14.86
N GLU F 125 -27.37 -43.98 -13.66
CA GLU F 125 -28.25 -44.62 -12.69
C GLU F 125 -29.44 -43.73 -12.34
N TYR F 126 -29.24 -42.42 -12.37
CA TYR F 126 -30.27 -41.45 -12.01
C TYR F 126 -30.61 -40.57 -13.19
N LYS F 127 -30.72 -41.18 -14.38
CA LYS F 127 -30.80 -40.39 -15.62
C LYS F 127 -32.06 -39.54 -15.65
N ASP F 128 -33.11 -39.94 -14.94
CA ASP F 128 -34.36 -39.21 -14.93
C ASP F 128 -34.39 -38.08 -13.89
N GLU F 129 -33.40 -37.99 -13.00
CA GLU F 129 -33.37 -36.91 -12.01
C GLU F 129 -32.04 -36.17 -11.99
N ILE F 130 -31.14 -36.43 -12.95
CA ILE F 130 -29.89 -35.69 -13.13
C ILE F 130 -30.06 -34.81 -14.36
N LYS F 131 -30.08 -33.49 -14.15
CA LYS F 131 -30.46 -32.55 -15.21
C LYS F 131 -29.34 -32.35 -16.24
N ALA F 132 -28.08 -32.31 -15.81
CA ALA F 132 -26.97 -32.07 -16.73
C ALA F 132 -25.69 -32.69 -16.19
N LEU F 133 -24.76 -32.94 -17.11
CA LEU F 133 -23.51 -33.64 -16.82
C LEU F 133 -22.33 -32.92 -17.46
N VAL F 134 -21.30 -32.65 -16.66
CA VAL F 134 -20.02 -32.14 -17.14
C VAL F 134 -18.93 -33.14 -16.74
N LEU F 135 -18.06 -33.47 -17.69
CA LEU F 135 -16.97 -34.40 -17.45
C LEU F 135 -15.67 -33.67 -17.74
N TRP F 136 -14.79 -33.62 -16.73
CA TRP F 136 -13.45 -33.06 -16.89
C TRP F 136 -12.47 -34.20 -17.03
N ALA F 137 -11.91 -34.36 -18.23
CA ALA F 137 -10.98 -35.43 -18.60
C ALA F 137 -11.38 -36.74 -17.98
N PRO F 138 -12.59 -37.25 -18.19
CA PRO F 138 -13.09 -38.40 -17.43
C PRO F 138 -12.32 -39.66 -17.79
N ALA F 139 -11.90 -40.39 -16.75
CA ALA F 139 -11.07 -41.58 -16.91
C ALA F 139 -11.92 -42.84 -17.04
N PHE F 140 -12.73 -42.90 -18.12
CA PHE F 140 -13.52 -44.09 -18.35
C PHE F 140 -12.64 -45.31 -18.62
N ASN F 141 -11.40 -45.10 -19.05
CA ASN F 141 -10.43 -46.17 -19.27
C ASN F 141 -9.71 -46.54 -17.98
N MET F 142 -10.25 -46.11 -16.85
CA MET F 142 -9.64 -46.40 -15.55
C MET F 142 -9.33 -47.89 -15.33
N PRO F 143 -10.19 -48.85 -15.69
CA PRO F 143 -9.77 -50.26 -15.55
C PRO F 143 -8.51 -50.60 -16.32
N GLU F 144 -8.37 -50.09 -17.54
CA GLU F 144 -7.16 -50.37 -18.29
C GLU F 144 -5.96 -49.74 -17.64
N LEU F 145 -6.08 -48.48 -17.19
CA LEU F 145 -5.00 -47.75 -16.59
C LEU F 145 -4.41 -48.46 -15.37
N ILE F 146 -5.28 -49.08 -14.53
CA ILE F 146 -4.83 -49.79 -13.35
C ILE F 146 -4.02 -51.01 -13.71
N MET F 147 -4.48 -51.76 -14.75
CA MET F 147 -3.89 -53.01 -15.10
C MET F 147 -2.46 -52.77 -15.60
N ASN F 148 -2.26 -51.72 -16.43
CA ASN F 148 -0.95 -51.42 -16.92
C ASN F 148 -0.04 -51.07 -15.76
N GLU F 149 -0.58 -50.24 -14.82
CA GLU F 149 0.17 -49.80 -13.66
C GLU F 149 0.50 -51.00 -12.78
N SER F 150 -0.36 -52.03 -12.79
CA SER F 150 -0.14 -53.18 -11.96
C SER F 150 0.97 -54.06 -12.49
N VAL F 151 1.21 -54.02 -13.81
CA VAL F 151 2.21 -54.85 -14.41
C VAL F 151 3.41 -54.03 -14.83
N LYS F 152 3.27 -52.70 -14.91
CA LYS F 152 4.37 -51.82 -15.20
C LYS F 152 5.02 -51.39 -13.89
N GLN F 153 4.24 -50.79 -12.97
CA GLN F 153 4.82 -50.29 -11.73
C GLN F 153 4.72 -51.30 -10.59
N TYR F 154 3.49 -51.71 -10.26
CA TYR F 154 3.28 -52.62 -9.14
C TYR F 154 3.97 -53.94 -9.49
N GLY F 155 4.33 -54.72 -8.49
CA GLY F 155 4.92 -56.00 -8.84
C GLY F 155 4.23 -57.15 -8.13
N ALA F 156 5.04 -58.14 -7.77
CA ALA F 156 4.56 -59.27 -6.99
C ALA F 156 4.11 -58.84 -5.62
N ILE F 157 4.55 -57.65 -5.17
CA ILE F 157 4.19 -57.14 -3.85
C ILE F 157 2.69 -57.11 -3.69
N MET F 158 1.95 -56.82 -4.78
CA MET F 158 0.50 -56.88 -4.70
C MET F 158 0.03 -58.29 -4.38
N GLU F 159 0.64 -59.30 -4.99
N GLU F 159 0.64 -59.29 -5.00
CA GLU F 159 0.25 -60.67 -4.68
CA GLU F 159 0.28 -60.67 -4.72
C GLU F 159 0.76 -61.10 -3.31
C GLU F 159 0.78 -61.11 -3.34
N GLN F 160 1.98 -60.67 -2.94
CA GLN F 160 2.59 -61.17 -1.71
C GLN F 160 2.05 -60.47 -0.47
N LEU F 161 1.96 -59.16 -0.47
CA LEU F 161 1.56 -58.41 0.68
C LEU F 161 0.16 -57.88 0.52
N GLY F 162 -0.39 -57.97 -0.70
CA GLY F 162 -1.74 -57.56 -0.96
C GLY F 162 -1.92 -56.08 -1.10
N PHE F 163 -0.83 -55.29 -1.28
CA PHE F 163 -0.93 -53.82 -1.30
C PHE F 163 0.18 -53.26 -2.10
N VAL F 164 0.04 -51.97 -2.47
CA VAL F 164 1.09 -51.25 -3.17
C VAL F 164 1.13 -49.82 -2.70
N ASP F 165 2.35 -49.27 -2.57
CA ASP F 165 2.55 -47.86 -2.23
C ASP F 165 2.55 -47.06 -3.53
N ILE F 166 1.56 -46.16 -3.66
CA ILE F 166 1.47 -45.31 -4.83
C ILE F 166 1.85 -43.87 -4.50
N GLY F 167 2.69 -43.67 -3.49
CA GLY F 167 3.15 -42.35 -3.09
C GLY F 167 2.61 -41.82 -1.78
N GLY F 168 2.68 -42.62 -0.72
CA GLY F 168 2.06 -42.27 0.54
C GLY F 168 0.61 -42.66 0.66
N HIS F 169 0.15 -43.61 -0.15
CA HIS F 169 -1.18 -44.17 -0.07
C HIS F 169 -1.05 -45.68 -0.20
N LYS F 170 -1.84 -46.42 0.59
CA LYS F 170 -1.85 -47.88 0.52
C LYS F 170 -3.00 -48.32 -0.39
N LEU F 171 -2.66 -48.76 -1.60
CA LEU F 171 -3.64 -49.22 -2.58
C LEU F 171 -3.84 -50.72 -2.39
N SER F 172 -5.04 -51.09 -1.95
CA SER F 172 -5.36 -52.49 -1.65
C SER F 172 -5.56 -53.31 -2.93
N LYS F 173 -5.37 -54.62 -2.79
CA LYS F 173 -5.65 -55.54 -3.88
C LYS F 173 -7.14 -55.54 -4.25
N ASP F 174 -8.02 -55.23 -3.28
CA ASP F 174 -9.43 -55.27 -3.54
C ASP F 174 -9.81 -54.33 -4.67
N PHE F 175 -9.15 -53.15 -4.72
CA PHE F 175 -9.38 -52.17 -5.77
C PHE F 175 -9.06 -52.68 -7.11
N VAL F 176 -7.89 -53.32 -7.25
CA VAL F 176 -7.46 -53.83 -8.54
C VAL F 176 -8.44 -54.85 -9.04
N GLU F 177 -8.97 -55.68 -8.09
CA GLU F 177 -9.97 -56.67 -8.41
C GLU F 177 -11.27 -56.03 -8.82
N ASP F 178 -11.76 -55.11 -7.96
CA ASP F 178 -13.04 -54.47 -8.18
C ASP F 178 -13.05 -53.75 -9.53
N ILE F 179 -12.02 -52.96 -9.81
CA ILE F 179 -12.07 -52.17 -11.03
C ILE F 179 -11.93 -53.05 -12.27
N SER F 180 -11.24 -54.20 -12.19
CA SER F 180 -11.08 -54.99 -13.41
C SER F 180 -12.41 -55.48 -13.99
N LYS F 181 -13.46 -55.52 -13.19
CA LYS F 181 -14.75 -56.09 -13.58
C LYS F 181 -15.74 -55.07 -14.11
N LEU F 182 -15.36 -53.81 -14.19
CA LEU F 182 -16.30 -52.73 -14.49
C LEU F 182 -15.96 -52.13 -15.85
N ASN F 183 -16.99 -51.79 -16.61
CA ASN F 183 -16.82 -51.10 -17.89
C ASN F 183 -17.56 -49.77 -17.79
N ILE F 184 -16.78 -48.68 -17.63
CA ILE F 184 -17.36 -47.36 -17.42
C ILE F 184 -18.15 -46.93 -18.65
N PHE F 185 -17.64 -47.30 -19.84
CA PHE F 185 -18.29 -46.94 -21.09
C PHE F 185 -19.73 -47.45 -21.12
N GLU F 186 -19.92 -48.71 -20.72
CA GLU F 186 -21.24 -49.32 -20.72
C GLU F 186 -22.11 -48.80 -19.58
N LEU F 187 -21.53 -48.64 -18.38
CA LEU F 187 -22.28 -48.22 -17.20
C LEU F 187 -22.71 -46.75 -17.28
N SER F 188 -22.05 -45.96 -18.13
CA SER F 188 -22.43 -44.57 -18.34
C SER F 188 -23.37 -44.42 -19.53
N LYS F 189 -23.39 -45.41 -20.42
CA LYS F 189 -24.18 -45.39 -21.63
C LYS F 189 -25.67 -45.41 -21.29
N GLY F 190 -26.43 -44.57 -21.98
CA GLY F 190 -27.87 -44.49 -21.80
C GLY F 190 -28.38 -43.22 -21.17
N TYR F 191 -27.51 -42.23 -20.94
CA TYR F 191 -27.93 -40.96 -20.38
C TYR F 191 -28.27 -40.02 -21.52
N ASP F 192 -29.51 -39.49 -21.51
CA ASP F 192 -30.09 -38.82 -22.65
C ASP F 192 -30.03 -37.29 -22.58
N LYS F 193 -29.81 -36.72 -21.40
CA LYS F 193 -29.79 -35.27 -21.22
C LYS F 193 -28.45 -34.70 -21.67
N LYS F 194 -28.33 -33.37 -21.63
CA LYS F 194 -27.16 -32.69 -22.18
C LYS F 194 -25.88 -33.02 -21.42
N VAL F 195 -24.78 -33.15 -22.16
CA VAL F 195 -23.49 -33.52 -21.60
C VAL F 195 -22.40 -32.63 -22.19
N LEU F 196 -21.47 -32.20 -21.33
CA LEU F 196 -20.29 -31.44 -21.71
C LEU F 196 -19.02 -32.17 -21.25
N ILE F 197 -18.09 -32.38 -22.17
CA ILE F 197 -16.78 -32.97 -21.86
C ILE F 197 -15.72 -31.90 -22.12
N VAL F 198 -14.87 -31.65 -21.11
CA VAL F 198 -13.78 -30.69 -21.22
C VAL F 198 -12.47 -31.47 -21.16
N HIS F 199 -11.63 -31.31 -22.17
CA HIS F 199 -10.45 -32.16 -22.20
C HIS F 199 -9.26 -31.40 -22.80
N GLY F 200 -8.05 -31.66 -22.29
CA GLY F 200 -6.85 -31.06 -22.85
C GLY F 200 -6.19 -31.92 -23.92
N THR F 201 -5.61 -31.25 -24.93
CA THR F 201 -4.99 -32.01 -26.03
C THR F 201 -3.72 -32.70 -25.58
N ASN F 202 -2.96 -32.07 -24.69
CA ASN F 202 -1.72 -32.67 -24.19
C ASN F 202 -1.93 -33.36 -22.85
N ASP F 203 -3.12 -33.88 -22.60
CA ASP F 203 -3.41 -34.60 -21.37
C ASP F 203 -2.68 -35.93 -21.39
N GLU F 204 -1.69 -36.08 -20.51
CA GLU F 204 -0.89 -37.28 -20.49
C GLU F 204 -1.34 -38.31 -19.45
N ALA F 205 -2.39 -38.01 -18.68
CA ALA F 205 -2.95 -38.99 -17.75
C ALA F 205 -4.14 -39.75 -18.36
N VAL F 206 -5.12 -39.04 -18.93
CA VAL F 206 -6.22 -39.63 -19.68
C VAL F 206 -6.15 -39.04 -21.08
N GLU F 207 -5.65 -39.80 -22.05
CA GLU F 207 -5.44 -39.26 -23.39
C GLU F 207 -6.74 -38.73 -24.00
N TYR F 208 -6.58 -37.65 -24.78
CA TYR F 208 -7.70 -36.97 -25.42
C TYR F 208 -8.53 -37.92 -26.27
N LYS F 209 -7.89 -38.93 -26.85
CA LYS F 209 -8.58 -39.93 -27.65
C LYS F 209 -9.73 -40.56 -26.88
N VAL F 210 -9.58 -40.71 -25.56
CA VAL F 210 -10.64 -41.29 -24.75
C VAL F 210 -11.93 -40.49 -24.91
N SER F 211 -11.83 -39.16 -24.94
CA SER F 211 -13.03 -38.34 -25.11
C SER F 211 -13.70 -38.66 -26.46
N ASP F 212 -12.88 -38.91 -27.49
CA ASP F 212 -13.43 -39.38 -28.76
C ASP F 212 -14.29 -40.62 -28.56
N ARG F 213 -13.75 -41.64 -27.86
CA ARG F 213 -14.56 -42.82 -27.56
C ARG F 213 -15.84 -42.41 -26.82
N ILE F 214 -15.73 -41.49 -25.86
CA ILE F 214 -16.92 -41.11 -25.11
C ILE F 214 -17.93 -40.46 -26.04
N LEU F 215 -17.45 -39.68 -27.02
CA LEU F 215 -18.37 -39.11 -28.00
C LEU F 215 -18.96 -40.19 -28.90
N LYS F 216 -18.19 -41.21 -29.27
CA LYS F 216 -18.63 -42.23 -30.22
C LYS F 216 -19.48 -43.29 -29.63
N GLU F 217 -19.08 -43.78 -28.45
CA GLU F 217 -19.62 -45.03 -27.93
C GLU F 217 -20.63 -44.84 -26.81
N VAL F 218 -20.63 -43.70 -26.12
CA VAL F 218 -21.39 -43.53 -24.88
C VAL F 218 -22.60 -42.62 -25.09
N TYR F 219 -22.41 -41.48 -25.76
CA TYR F 219 -23.48 -40.51 -25.90
C TYR F 219 -23.79 -40.25 -27.37
N GLY F 220 -24.92 -39.62 -27.61
CA GLY F 220 -25.34 -39.20 -28.95
C GLY F 220 -25.11 -37.74 -29.18
N ASP F 221 -26.07 -37.09 -29.85
CA ASP F 221 -25.94 -35.66 -30.11
C ASP F 221 -26.09 -34.82 -28.85
N ASN F 222 -26.60 -35.39 -27.75
CA ASN F 222 -26.73 -34.66 -26.50
C ASN F 222 -25.39 -34.27 -25.90
N ALA F 223 -24.29 -34.87 -26.36
CA ALA F 223 -22.97 -34.60 -25.80
C ALA F 223 -22.19 -33.66 -26.71
N THR F 224 -21.44 -32.75 -26.09
CA THR F 224 -20.56 -31.81 -26.77
C THR F 224 -19.25 -31.73 -26.01
N ARG F 225 -18.20 -31.30 -26.70
CA ARG F 225 -16.86 -31.28 -26.12
C ARG F 225 -16.21 -29.91 -26.30
N VAL F 226 -15.69 -29.40 -25.19
CA VAL F 226 -14.78 -28.26 -25.16
C VAL F 226 -13.37 -28.80 -25.06
N THR F 227 -12.61 -28.58 -26.12
CA THR F 227 -11.23 -28.97 -26.19
C THR F 227 -10.38 -27.76 -25.82
N ILE F 228 -9.50 -27.91 -24.82
CA ILE F 228 -8.60 -26.84 -24.44
C ILE F 228 -7.23 -27.16 -25.07
N GLU F 229 -6.62 -26.18 -25.77
CA GLU F 229 -5.45 -26.48 -26.60
C GLU F 229 -4.20 -26.50 -25.68
N ASN F 230 -3.33 -27.51 -25.86
CA ASN F 230 -2.05 -27.58 -25.18
C ASN F 230 -2.23 -27.92 -23.69
N ALA F 231 -3.48 -28.03 -23.22
CA ALA F 231 -3.73 -28.25 -21.81
C ALA F 231 -3.30 -29.65 -21.37
N ASP F 232 -2.90 -29.73 -20.10
CA ASP F 232 -2.58 -30.98 -19.44
C ASP F 232 -3.82 -31.54 -18.75
N HIS F 233 -3.62 -32.56 -17.91
CA HIS F 233 -4.75 -33.32 -17.38
C HIS F 233 -5.68 -32.46 -16.53
N THR F 234 -5.13 -31.69 -15.59
CA THR F 234 -5.94 -30.93 -14.65
C THR F 234 -6.02 -29.46 -14.99
N PHE F 235 -5.76 -29.10 -16.25
CA PHE F 235 -5.86 -27.75 -16.75
C PHE F 235 -5.00 -26.80 -15.91
N LYS F 236 -3.75 -27.19 -15.70
CA LYS F 236 -2.86 -26.56 -14.71
C LYS F 236 -2.16 -25.33 -15.30
N SER F 237 -2.96 -24.31 -15.61
CA SER F 237 -2.47 -22.96 -15.85
C SER F 237 -3.64 -22.03 -15.64
N LEU F 238 -3.35 -20.73 -15.49
CA LEU F 238 -4.41 -19.76 -15.26
C LEU F 238 -5.40 -19.74 -16.43
N GLU F 239 -4.87 -19.68 -17.66
CA GLU F 239 -5.74 -19.59 -18.84
C GLU F 239 -6.54 -20.87 -19.04
N TRP F 240 -5.90 -22.02 -18.85
CA TRP F 240 -6.56 -23.30 -19.03
C TRP F 240 -7.69 -23.48 -18.01
N GLU F 241 -7.41 -23.17 -16.73
CA GLU F 241 -8.46 -23.37 -15.74
C GLU F 241 -9.57 -22.34 -15.90
N LYS F 242 -9.22 -21.11 -16.27
CA LYS F 242 -10.26 -20.12 -16.51
C LYS F 242 -11.20 -20.58 -17.60
N LYS F 243 -10.64 -21.09 -18.72
CA LYS F 243 -11.50 -21.57 -19.79
C LYS F 243 -12.36 -22.75 -19.34
N ALA F 244 -11.75 -23.73 -18.64
CA ALA F 244 -12.52 -24.88 -18.18
C ALA F 244 -13.66 -24.46 -17.26
N ILE F 245 -13.37 -23.59 -16.28
CA ILE F 245 -14.40 -23.15 -15.35
C ILE F 245 -15.48 -22.35 -16.05
N GLU F 246 -15.11 -21.40 -16.91
CA GLU F 246 -16.12 -20.57 -17.57
C GLU F 246 -17.00 -21.37 -18.51
N GLU F 247 -16.41 -22.27 -19.31
CA GLU F 247 -17.21 -23.10 -20.18
C GLU F 247 -18.17 -23.97 -19.36
N SER F 248 -17.71 -24.50 -18.21
CA SER F 248 -18.58 -25.35 -17.41
C SER F 248 -19.67 -24.55 -16.72
N VAL F 249 -19.32 -23.37 -16.21
CA VAL F 249 -20.30 -22.51 -15.56
C VAL F 249 -21.39 -22.11 -16.55
N GLU F 250 -21.00 -21.75 -17.78
CA GLU F 250 -22.00 -21.37 -18.77
C GLU F 250 -22.84 -22.57 -19.22
N PHE F 251 -22.24 -23.76 -19.31
CA PHE F 251 -23.02 -24.95 -19.62
C PHE F 251 -24.07 -25.22 -18.55
N PHE F 252 -23.67 -25.20 -17.27
CA PHE F 252 -24.66 -25.41 -16.20
C PHE F 252 -25.65 -24.24 -16.08
N LYS F 253 -25.21 -23.00 -16.32
CA LYS F 253 -26.07 -21.85 -16.25
C LYS F 253 -27.15 -21.91 -17.30
N LYS F 254 -26.87 -22.61 -18.41
CA LYS F 254 -27.79 -22.78 -19.52
C LYS F 254 -28.72 -23.95 -19.36
N GLU F 255 -28.18 -25.10 -18.90
CA GLU F 255 -28.96 -26.30 -18.81
C GLU F 255 -29.67 -26.48 -17.49
N LEU F 256 -29.14 -25.91 -16.40
CA LEU F 256 -29.82 -26.03 -15.12
C LEU F 256 -30.83 -24.92 -14.91
N LEU F 257 -30.58 -23.71 -15.43
CA LEU F 257 -31.50 -22.61 -15.21
C LEU F 257 -32.51 -22.51 -16.34
N LYS F 258 -32.75 -23.63 -17.02
CA LYS F 258 -33.72 -23.73 -18.10
C LYS F 258 -34.42 -25.08 -17.99
N GLY F 259 -35.75 -25.05 -17.84
CA GLY F 259 -36.54 -26.25 -17.74
C GLY F 259 -37.99 -25.91 -17.43
C1 GOL G . -24.03 15.76 -10.62
O1 GOL G . -24.82 15.59 -9.45
C2 GOL G . -23.46 14.42 -11.07
O2 GOL G . -24.46 13.60 -11.58
C3 GOL G . -22.35 14.61 -12.11
O3 GOL G . -22.14 13.39 -12.82
C1 D10 H . -34.46 1.12 -8.39
C2 D10 H . -33.40 2.06 -7.82
C3 D10 H . -33.25 3.37 -8.57
C4 D10 H . -32.44 4.38 -7.77
C5 D10 H . -32.19 5.72 -8.46
C6 D10 H . -31.01 6.45 -7.83
C7 D10 H . -30.66 7.78 -8.50
C8 D10 H . -29.71 8.63 -7.67
C9 D10 H . -28.43 7.90 -7.22
C10 D10 H . -27.53 8.77 -6.32
C1 GOL I . -31.24 24.75 -17.66
O1 GOL I . -32.24 23.77 -17.89
C2 GOL I . -31.14 25.69 -18.85
O2 GOL I . -32.33 26.40 -19.03
C3 GOL I . -30.74 24.95 -20.12
O3 GOL I . -30.85 25.81 -21.25
P PO4 J . -30.46 17.52 -16.52
O1 PO4 J . -31.06 18.90 -16.57
O2 PO4 J . -29.70 17.37 -15.21
O3 PO4 J . -29.51 17.25 -17.67
O4 PO4 J . -31.61 16.54 -16.58
P PO4 K . -14.25 36.08 -40.54
O1 PO4 K . -13.70 36.14 -41.94
O2 PO4 K . -13.32 36.81 -39.60
O3 PO4 K . -15.61 36.73 -40.49
O4 PO4 K . -14.36 34.64 -40.11
C1 GOL L . 31.10 6.24 32.32
O1 GOL L . 30.85 7.17 33.37
C2 GOL L . 31.74 6.95 31.11
O2 GOL L . 31.90 6.03 30.06
C3 GOL L . 30.91 8.15 30.68
O3 GOL L . 31.70 9.00 29.84
P PO4 M . 22.26 18.57 25.13
O1 PO4 M . 22.99 19.36 24.08
O2 PO4 M . 22.98 17.27 25.41
O3 PO4 M . 22.18 19.40 26.40
O4 PO4 M . 20.88 18.26 24.63
C1 GOL N . 4.44 -29.92 -0.93
O1 GOL N . 3.07 -29.94 -0.61
C2 GOL N . 4.98 -28.49 -1.03
O2 GOL N . 6.36 -28.48 -1.34
C3 GOL N . 4.70 -27.69 0.24
O3 GOL N . 3.32 -27.53 0.46
P PO4 O . 0.21 -35.37 -3.55
O1 PO4 O . 1.11 -34.17 -3.79
O2 PO4 O . -0.62 -35.63 -4.79
O3 PO4 O . -0.69 -35.09 -2.38
O4 PO4 O . 1.06 -36.58 -3.26
P PO4 P . 10.14 -13.63 -22.44
O1 PO4 P . 9.29 -12.47 -22.93
O2 PO4 P . 10.86 -13.28 -21.16
O3 PO4 P . 11.16 -13.97 -23.51
O4 PO4 P . 9.23 -14.81 -22.15
C1 GOL Q . -5.66 -36.15 -8.36
O1 GOL Q . -6.06 -34.83 -8.07
C2 GOL Q . -5.50 -36.38 -9.85
O2 GOL Q . -5.21 -37.73 -10.12
C3 GOL Q . -6.74 -35.93 -10.62
O3 GOL Q . -7.08 -34.59 -10.31
K K R . -9.02 -40.79 4.80
#